data_7YVC
#
_entry.id   7YVC
#
_cell.length_a   1.00
_cell.length_b   1.00
_cell.length_c   1.00
_cell.angle_alpha   90.00
_cell.angle_beta   90.00
_cell.angle_gamma   90.00
#
_symmetry.space_group_name_H-M   'P 1'
#
loop_
_entity.id
_entity.type
_entity.pdbx_description
1 polymer 'FMRFamide-gated Na+ channel'
2 branched 2-acetamido-2-deoxy-beta-D-glucopyranose-(1-4)-2-acetamido-2-deoxy-beta-D-glucopyranose
3 non-polymer 2-acetamido-2-deoxy-beta-D-glucopyranose
4 non-polymer 'CALCIUM ION'
#
_entity_poly.entity_id   1
_entity_poly.type   'polypeptide(L)'
_entity_poly.pdbx_seq_one_letter_code
;MLGRGERIKPYHFRDSSADHMKYTSVSAKSGMVPEHRYTMVRSRHHGRHHHHHSYQEYNTQRSAISLIAELGSESNAHGL
AKIVTSRDTKRKVIWALMVIIGFTAATLQLSLLVRKYLQFQVVELSEIKDSMPVEYPSVTICNIEPISLRKIRKAYNKNE
SQNLKDWLNFTQTFHFKDMSFMNSIRAFYENLGSDAKKISHDLRDLLIHCRFNREECTTENFTSSFDGNYFNCFTFNGGQ
LRDQLQMHATGPENGLSLIISIEKDEPLPGTYGVYNFENNILHSAGVRVVVHAPGSMPSPVDHGFDIPPGYSSSVGLKAL
LHTRLSEPYGNCTEDSLEGIQTYRNTFFACLQLCKQRRLIRECKCKSSALPDLSVENITFCGVIPDWKDIRRNVTGEYKM
NQTIPTISLACEARVQKQLNNDRSYETECGCYQPCSETSYLKSVSLSYWPLEFYQLSALERFFSQKNPTDQQHFMKIAQD
FLSRLAHPQQQALARNNSHDKDILTTSYSLSEKEMAKEASDLIRQNLLRLNIYLEDLSVVEYRQLPAYGLADLFADIGGT
LGLWMGISVLTIMELMELIIRLFALIFNAEREVPKAPVHSSNNGGGGGGDGQHNFANGDVEHERDTHFPDLGSSDFDFRR
GGGIGAESPVNVEGGSSGGLVPRGSGGSSGGHHHHHHHH
;
_entity_poly.pdbx_strand_id   A,B,C
#
# COMPACT_ATOMS: atom_id res chain seq x y z
N ARG A 91 -16.71 51.29 -54.30
CA ARG A 91 -15.83 52.44 -54.07
C ARG A 91 -14.69 52.08 -53.13
N LYS A 92 -13.69 52.95 -53.05
CA LYS A 92 -12.52 52.68 -52.21
C LYS A 92 -12.81 52.88 -50.72
N VAL A 93 -13.91 53.54 -50.38
CA VAL A 93 -14.29 53.64 -48.97
C VAL A 93 -14.68 52.27 -48.43
N ILE A 94 -15.34 51.46 -49.26
CA ILE A 94 -15.61 50.07 -48.88
C ILE A 94 -14.29 49.33 -48.67
N TRP A 95 -13.30 49.58 -49.53
CA TRP A 95 -11.99 48.96 -49.39
C TRP A 95 -11.34 49.34 -48.07
N ALA A 96 -11.41 50.63 -47.71
CA ALA A 96 -10.79 51.10 -46.47
C ALA A 96 -11.48 50.51 -45.24
N LEU A 97 -12.82 50.53 -45.23
CA LEU A 97 -13.55 49.94 -44.11
C LEU A 97 -13.27 48.45 -44.02
N MET A 98 -13.17 47.77 -45.17
CA MET A 98 -13.00 46.34 -45.17
C MET A 98 -11.57 45.93 -44.81
N VAL A 99 -10.61 46.82 -45.00
CA VAL A 99 -9.27 46.62 -44.48
C VAL A 99 -9.23 46.87 -42.97
N ILE A 100 -9.92 47.91 -42.51
CA ILE A 100 -9.84 48.24 -41.08
C ILE A 100 -10.55 47.20 -40.23
N ILE A 101 -11.58 46.53 -40.77
CA ILE A 101 -12.20 45.46 -39.99
C ILE A 101 -11.24 44.30 -39.81
N GLY A 102 -10.48 43.97 -40.87
CA GLY A 102 -9.43 42.96 -40.71
C GLY A 102 -8.37 43.39 -39.73
N PHE A 103 -8.07 44.69 -39.70
CA PHE A 103 -7.13 45.19 -38.69
C PHE A 103 -7.67 44.97 -37.29
N THR A 104 -8.96 45.24 -37.08
CA THR A 104 -9.56 45.00 -35.77
C THR A 104 -9.51 43.53 -35.39
N ALA A 105 -9.77 42.65 -36.37
CA ALA A 105 -9.69 41.21 -36.10
C ALA A 105 -8.27 40.79 -35.71
N ALA A 106 -7.27 41.33 -36.42
CA ALA A 106 -5.89 41.02 -36.08
C ALA A 106 -5.54 41.53 -34.69
N THR A 107 -6.03 42.72 -34.33
CA THR A 107 -5.78 43.26 -33.00
C THR A 107 -6.43 42.39 -31.94
N LEU A 108 -7.63 41.88 -32.21
CA LEU A 108 -8.25 40.93 -31.29
C LEU A 108 -7.40 39.69 -31.13
N GLN A 109 -6.84 39.17 -32.23
CA GLN A 109 -5.99 38.01 -32.14
C GLN A 109 -4.75 38.29 -31.28
N LEU A 110 -4.13 39.46 -31.49
CA LEU A 110 -2.95 39.82 -30.70
C LEU A 110 -3.30 39.90 -29.21
N SER A 111 -4.40 40.57 -28.89
CA SER A 111 -4.79 40.71 -27.49
C SER A 111 -5.09 39.36 -26.86
N LEU A 112 -5.78 38.49 -27.60
CA LEU A 112 -6.13 37.18 -27.07
C LEU A 112 -4.88 36.35 -26.80
N LEU A 113 -3.95 36.32 -27.76
CA LEU A 113 -2.73 35.53 -27.56
C LEU A 113 -1.88 36.10 -26.43
N VAL A 114 -1.79 37.43 -26.33
CA VAL A 114 -0.99 38.03 -25.26
C VAL A 114 -1.61 37.72 -23.90
N ARG A 115 -2.94 37.82 -23.79
CA ARG A 115 -3.57 37.51 -22.51
C ARG A 115 -3.45 36.03 -22.18
N LYS A 116 -3.40 35.16 -23.20
CA LYS A 116 -3.17 33.75 -22.91
C LYS A 116 -1.75 33.52 -22.42
N TYR A 117 -0.77 34.23 -22.99
CA TYR A 117 0.61 34.07 -22.55
C TYR A 117 0.83 34.66 -21.16
N LEU A 118 0.06 35.67 -20.80
CA LEU A 118 0.16 36.25 -19.46
C LEU A 118 -0.57 35.44 -18.40
N GLN A 119 -1.36 34.45 -18.80
CA GLN A 119 -1.88 33.44 -17.87
C GLN A 119 -0.89 32.29 -17.90
N PHE A 120 0.05 32.30 -16.96
CA PHE A 120 1.17 31.38 -17.03
C PHE A 120 0.74 29.97 -16.67
N GLN A 121 -0.02 29.32 -17.56
CA GLN A 121 -0.49 27.97 -17.31
C GLN A 121 0.67 26.98 -17.40
N VAL A 122 0.50 25.85 -16.73
CA VAL A 122 1.52 24.80 -16.72
C VAL A 122 0.87 23.48 -17.09
N VAL A 123 1.65 22.61 -17.73
CA VAL A 123 1.22 21.26 -18.05
C VAL A 123 2.23 20.29 -17.45
N GLU A 124 1.72 19.27 -16.77
CA GLU A 124 2.56 18.27 -16.13
C GLU A 124 2.65 17.05 -17.02
N LEU A 125 3.84 16.49 -17.15
CA LEU A 125 4.00 15.21 -17.86
C LEU A 125 4.88 14.29 -17.03
N SER A 126 4.53 13.01 -17.03
CA SER A 126 5.26 12.00 -16.29
C SER A 126 6.07 11.16 -17.25
N GLU A 127 7.36 11.03 -16.96
CA GLU A 127 8.26 10.24 -17.78
C GLU A 127 9.13 9.37 -16.90
N ILE A 128 9.46 8.17 -17.38
CA ILE A 128 10.30 7.25 -16.65
C ILE A 128 11.76 7.53 -16.99
N LYS A 129 12.52 8.02 -16.03
CA LYS A 129 13.94 8.27 -16.18
C LYS A 129 14.71 7.02 -15.77
N ASP A 130 15.49 6.50 -16.71
CA ASP A 130 16.47 5.45 -16.46
C ASP A 130 17.86 6.07 -16.45
N SER A 131 18.81 5.31 -15.90
CA SER A 131 20.20 5.75 -15.76
C SER A 131 20.31 6.99 -14.88
N MET A 132 19.20 7.44 -14.31
CA MET A 132 19.24 8.48 -13.30
C MET A 132 19.66 7.89 -11.96
N PRO A 133 20.68 8.43 -11.30
CA PRO A 133 21.13 7.85 -10.03
C PRO A 133 20.06 8.00 -8.95
N VAL A 134 19.70 6.88 -8.34
CA VAL A 134 18.70 6.87 -7.29
C VAL A 134 19.39 7.06 -5.95
N GLU A 135 18.80 7.88 -5.10
CA GLU A 135 19.32 8.15 -3.77
C GLU A 135 18.55 7.34 -2.73
N TYR A 136 19.27 6.60 -1.92
CA TYR A 136 18.62 5.87 -0.84
C TYR A 136 18.00 6.85 0.15
N PRO A 137 16.77 6.60 0.61
CA PRO A 137 16.10 7.57 1.47
C PRO A 137 16.75 7.67 2.84
N SER A 138 16.25 8.61 3.63
CA SER A 138 16.58 8.68 5.04
C SER A 138 15.60 7.81 5.79
N VAL A 139 16.10 7.02 6.74
CA VAL A 139 15.28 6.05 7.45
C VAL A 139 15.36 6.37 8.94
N THR A 140 14.24 6.77 9.52
CA THR A 140 14.16 7.12 10.93
C THR A 140 13.40 6.03 11.66
N ILE A 141 14.03 5.44 12.67
CA ILE A 141 13.39 4.39 13.47
C ILE A 141 13.23 4.89 14.89
N CYS A 142 12.05 4.65 15.46
CA CYS A 142 11.74 5.04 16.82
C CYS A 142 11.13 3.84 17.53
N ASN A 143 11.36 3.72 18.83
CA ASN A 143 10.76 2.64 19.61
C ASN A 143 9.40 3.09 20.12
N ILE A 144 8.40 2.23 19.96
CA ILE A 144 7.03 2.63 20.30
C ILE A 144 6.86 2.78 21.81
N GLU A 145 7.48 1.90 22.58
CA GLU A 145 7.53 2.11 24.03
C GLU A 145 8.58 3.17 24.33
N PRO A 146 8.20 4.39 24.72
CA PRO A 146 9.22 5.44 24.86
C PRO A 146 10.13 5.25 26.05
N ILE A 147 9.67 4.60 27.10
CA ILE A 147 10.40 4.51 28.36
C ILE A 147 10.58 3.04 28.73
N SER A 148 11.81 2.66 29.07
CA SER A 148 12.09 1.34 29.59
C SER A 148 11.91 1.36 31.10
N LEU A 149 10.94 0.58 31.60
CA LEU A 149 10.65 0.60 33.03
C LEU A 149 11.77 -0.04 33.83
N ARG A 150 12.47 -1.03 33.26
CA ARG A 150 13.56 -1.67 33.97
C ARG A 150 14.70 -0.68 34.21
N LYS A 151 14.94 0.23 33.26
CA LYS A 151 15.96 1.26 33.47
C LYS A 151 15.57 2.15 34.65
N ILE A 152 14.30 2.54 34.73
CA ILE A 152 13.83 3.30 35.88
C ILE A 152 14.04 2.51 37.17
N ARG A 153 13.75 1.21 37.14
CA ARG A 153 13.86 0.41 38.35
C ARG A 153 15.30 0.31 38.83
N LYS A 154 16.25 0.08 37.91
CA LYS A 154 17.60 -0.09 38.40
C LYS A 154 18.31 1.25 38.67
N ALA A 155 17.90 2.33 38.01
CA ALA A 155 18.35 3.65 38.43
C ALA A 155 17.71 4.07 39.74
N TYR A 156 16.55 3.49 40.05
CA TYR A 156 15.90 3.69 41.33
C TYR A 156 16.73 3.09 42.46
N ASN A 157 17.37 1.95 42.19
CA ASN A 157 18.28 1.32 43.15
C ASN A 157 19.66 1.96 43.15
N LYS A 158 20.01 2.71 42.12
CA LYS A 158 21.32 3.34 42.06
C LYS A 158 21.41 4.47 43.07
N ASN A 159 22.60 4.64 43.64
CA ASN A 159 22.87 5.83 44.44
C ASN A 159 22.86 7.08 43.57
N GLU A 160 23.40 6.97 42.36
CA GLU A 160 23.39 8.07 41.40
C GLU A 160 21.98 8.24 40.83
N SER A 161 21.82 9.26 39.98
CA SER A 161 20.53 9.64 39.41
C SER A 161 19.54 10.03 40.51
N GLN A 162 19.91 11.08 41.24
CA GLN A 162 19.06 11.60 42.31
C GLN A 162 17.97 12.52 41.77
N ASN A 163 18.23 13.20 40.65
CA ASN A 163 17.20 14.04 40.05
C ASN A 163 15.96 13.24 39.73
N LEU A 164 16.11 11.97 39.36
CA LEU A 164 14.95 11.14 39.06
C LEU A 164 14.09 10.91 40.29
N LYS A 165 14.72 10.58 41.42
CA LYS A 165 13.97 10.43 42.66
C LYS A 165 13.29 11.73 43.05
N ASP A 166 14.02 12.84 42.95
CA ASP A 166 13.44 14.14 43.28
C ASP A 166 12.21 14.41 42.42
N TRP A 167 12.34 14.24 41.11
CA TRP A 167 11.25 14.56 40.20
C TRP A 167 10.06 13.63 40.41
N LEU A 168 10.30 12.34 40.61
CA LEU A 168 9.18 11.42 40.78
C LEU A 168 8.44 11.69 42.08
N ASN A 169 9.17 11.80 43.19
CA ASN A 169 8.55 12.09 44.48
C ASN A 169 7.85 13.45 44.45
N PHE A 170 8.41 14.41 43.71
CA PHE A 170 7.77 15.72 43.58
C PHE A 170 6.46 15.62 42.81
N THR A 171 6.45 14.90 41.69
CA THR A 171 5.23 14.83 40.90
C THR A 171 4.16 13.97 41.55
N GLN A 172 4.52 13.10 42.49
CA GLN A 172 3.48 12.36 43.20
C GLN A 172 3.04 13.04 44.49
N THR A 173 3.82 13.98 45.02
CA THR A 173 3.44 14.61 46.28
C THR A 173 2.47 15.77 46.12
N PHE A 174 2.41 16.40 44.95
CA PHE A 174 1.57 17.58 44.74
C PHE A 174 0.41 17.25 43.80
N HIS A 175 -0.36 18.29 43.48
CA HIS A 175 -1.47 18.20 42.55
C HIS A 175 -1.25 19.19 41.40
N PHE A 176 -1.45 18.71 40.18
CA PHE A 176 -1.21 19.51 38.98
C PHE A 176 -2.45 19.50 38.10
N LYS A 177 -2.83 20.67 37.61
CA LYS A 177 -3.78 20.73 36.50
C LYS A 177 -3.09 20.21 35.24
N ASP A 178 -3.89 19.57 34.38
CA ASP A 178 -3.37 18.85 33.21
C ASP A 178 -2.37 17.78 33.64
N MET A 179 -2.88 16.82 34.40
CA MET A 179 -2.05 15.73 34.90
C MET A 179 -1.63 14.79 33.79
N SER A 180 -2.34 14.80 32.66
CA SER A 180 -1.95 13.97 31.53
C SER A 180 -0.59 14.35 30.96
N PHE A 181 -0.12 15.58 31.22
CA PHE A 181 1.20 16.02 30.78
C PHE A 181 2.27 15.75 31.83
N MET A 182 1.91 15.82 33.10
CA MET A 182 2.90 15.58 34.16
C MET A 182 3.36 14.12 34.15
N ASN A 183 2.45 13.20 33.84
CA ASN A 183 2.79 11.79 33.70
C ASN A 183 3.39 11.47 32.33
N SER A 184 3.33 12.40 31.39
CA SER A 184 3.86 12.17 30.05
C SER A 184 5.39 12.09 30.10
N ILE A 185 5.98 11.81 28.93
CA ILE A 185 7.42 11.81 28.81
C ILE A 185 7.97 13.21 28.53
N ARG A 186 7.13 14.12 28.05
CA ARG A 186 7.59 15.49 27.80
C ARG A 186 7.95 16.20 29.09
N ALA A 187 7.25 15.91 30.18
CA ALA A 187 7.64 16.47 31.47
C ALA A 187 9.02 15.98 31.89
N PHE A 188 9.27 14.68 31.72
CA PHE A 188 10.59 14.12 31.96
C PHE A 188 11.64 14.87 31.15
N TYR A 189 11.38 15.05 29.86
CA TYR A 189 12.37 15.67 28.99
C TYR A 189 12.62 17.13 29.39
N GLU A 190 11.56 17.88 29.65
CA GLU A 190 11.71 19.32 29.86
C GLU A 190 12.28 19.65 31.22
N ASN A 191 11.91 18.89 32.25
CA ASN A 191 12.31 19.24 33.61
C ASN A 191 13.57 18.53 34.06
N LEU A 192 14.07 17.56 33.29
CA LEU A 192 15.33 16.88 33.55
C LEU A 192 16.10 16.91 32.23
N GLY A 193 16.90 17.95 32.04
CA GLY A 193 17.48 18.20 30.73
C GLY A 193 18.38 17.08 30.25
N SER A 194 19.28 16.61 31.12
CA SER A 194 20.26 15.61 30.75
C SER A 194 20.02 14.25 31.38
N ASP A 195 19.44 14.20 32.58
CA ASP A 195 19.15 12.92 33.21
C ASP A 195 18.13 12.10 32.44
N ALA A 196 17.32 12.74 31.60
CA ALA A 196 16.29 12.02 30.84
C ALA A 196 16.87 11.05 29.83
N LYS A 197 18.16 11.18 29.50
CA LYS A 197 18.80 10.19 28.64
C LYS A 197 19.03 8.87 29.35
N LYS A 198 18.84 8.82 30.66
CA LYS A 198 19.04 7.61 31.45
C LYS A 198 17.78 6.77 31.56
N ILE A 199 16.70 7.16 30.90
CA ILE A 199 15.42 6.46 31.02
C ILE A 199 14.99 5.92 29.67
N SER A 200 15.49 6.53 28.60
CA SER A 200 15.10 6.15 27.26
C SER A 200 15.82 4.89 26.83
N HIS A 201 15.67 4.54 25.56
CA HIS A 201 16.35 3.40 24.96
C HIS A 201 17.58 3.90 24.21
N ASP A 202 18.71 3.26 24.43
CA ASP A 202 19.92 3.59 23.69
C ASP A 202 19.97 2.76 22.43
N LEU A 203 20.55 3.34 21.37
CA LEU A 203 20.59 2.64 20.09
C LEU A 203 21.39 1.35 20.17
N ARG A 204 22.39 1.29 21.06
CA ARG A 204 23.13 0.05 21.23
C ARG A 204 22.26 -1.04 21.81
N ASP A 205 21.32 -0.67 22.70
CA ASP A 205 20.39 -1.65 23.24
C ASP A 205 19.41 -2.12 22.18
N LEU A 206 18.95 -1.21 21.31
CA LEU A 206 17.97 -1.59 20.29
C LEU A 206 18.62 -2.33 19.14
N LEU A 207 19.52 -1.66 18.43
CA LEU A 207 20.05 -2.16 17.17
C LEU A 207 21.10 -3.23 17.44
N ILE A 208 20.75 -4.50 17.21
CA ILE A 208 21.72 -5.57 17.41
C ILE A 208 22.32 -6.05 16.10
N HIS A 209 21.81 -5.61 14.95
CA HIS A 209 22.49 -5.90 13.70
C HIS A 209 22.06 -4.91 12.63
N CYS A 210 23.02 -4.30 11.94
CA CYS A 210 22.72 -3.49 10.77
C CYS A 210 23.59 -3.93 9.61
N ARG A 211 23.11 -3.66 8.40
CA ARG A 211 23.86 -4.04 7.21
C ARG A 211 23.35 -3.22 6.04
N PHE A 212 24.23 -2.50 5.37
CA PHE A 212 23.83 -1.73 4.20
C PHE A 212 24.73 -2.10 3.03
N ASN A 213 24.10 -2.44 1.90
CA ASN A 213 24.81 -2.73 0.66
C ASN A 213 25.86 -3.81 0.89
N ARG A 214 25.50 -4.81 1.69
CA ARG A 214 26.36 -5.93 2.05
C ARG A 214 27.59 -5.50 2.85
N GLU A 215 27.52 -4.35 3.50
CA GLU A 215 28.59 -3.87 4.38
C GLU A 215 28.02 -3.65 5.77
N GLU A 216 28.76 -4.09 6.78
CA GLU A 216 28.27 -4.05 8.15
C GLU A 216 28.16 -2.61 8.66
N CYS A 217 27.08 -2.32 9.38
CA CYS A 217 26.90 -1.05 10.05
C CYS A 217 27.47 -1.10 11.46
N THR A 218 27.33 0.01 12.16
CA THR A 218 27.39 0.08 13.61
C THR A 218 26.36 1.10 14.04
N THR A 219 26.33 1.41 15.33
CA THR A 219 25.53 2.54 15.80
C THR A 219 26.22 3.87 15.49
N GLU A 220 27.35 3.84 14.81
CA GLU A 220 28.16 5.03 14.61
C GLU A 220 27.63 5.93 13.51
N ASN A 221 26.78 5.41 12.63
CA ASN A 221 26.22 6.24 11.57
C ASN A 221 24.70 6.29 11.64
N PHE A 222 24.18 6.38 12.87
CA PHE A 222 22.82 6.80 13.16
C PHE A 222 22.88 8.06 14.00
N THR A 223 22.00 9.02 13.71
CA THR A 223 21.94 10.28 14.46
C THR A 223 20.67 10.30 15.30
N SER A 224 20.79 10.65 16.56
CA SER A 224 19.66 10.63 17.47
C SER A 224 19.01 12.01 17.56
N SER A 225 17.68 12.02 17.59
CA SER A 225 16.92 13.24 17.78
C SER A 225 15.83 12.98 18.82
N PHE A 226 15.50 14.00 19.61
CA PHE A 226 14.40 13.86 20.55
C PHE A 226 13.08 13.91 19.80
N ASP A 227 12.11 13.12 20.25
CA ASP A 227 10.78 13.18 19.68
C ASP A 227 9.74 13.19 20.79
N GLY A 228 8.60 13.81 20.51
CA GLY A 228 7.45 13.69 21.39
C GLY A 228 6.84 12.30 21.26
N ASN A 229 6.39 11.78 22.40
CA ASN A 229 5.64 10.51 22.51
C ASN A 229 6.39 9.29 21.97
N TYR A 230 7.62 9.47 21.51
CA TYR A 230 8.54 8.35 21.27
C TYR A 230 9.89 8.58 21.92
N PHE A 231 10.25 9.83 22.17
CA PHE A 231 11.36 10.39 22.94
C PHE A 231 12.69 10.30 22.21
N ASN A 232 12.85 9.34 21.32
CA ASN A 232 14.10 9.20 20.57
C ASN A 232 13.80 8.64 19.19
N CYS A 233 14.43 9.23 18.19
CA CYS A 233 14.29 8.74 16.83
C CYS A 233 15.66 8.78 16.19
N PHE A 234 16.12 7.63 15.71
CA PHE A 234 17.46 7.47 15.16
C PHE A 234 17.39 7.43 13.65
N THR A 235 18.11 8.32 13.01
CA THR A 235 18.07 8.49 11.57
C THR A 235 19.32 7.90 10.94
N PHE A 236 19.12 7.06 9.94
CA PHE A 236 20.14 6.55 9.06
C PHE A 236 20.06 7.30 7.75
N ASN A 237 21.23 7.69 7.23
CA ASN A 237 21.33 8.45 5.98
C ASN A 237 20.66 9.82 6.12
N GLY A 238 20.90 10.47 7.25
CA GLY A 238 20.30 11.77 7.49
C GLY A 238 20.96 12.93 6.79
N GLY A 239 22.06 12.68 6.09
CA GLY A 239 22.73 13.72 5.34
C GLY A 239 23.63 14.63 6.14
N GLN A 240 24.01 14.25 7.35
CA GLN A 240 24.88 15.06 8.19
C GLN A 240 26.24 14.42 8.44
N LEU A 241 26.25 13.17 8.91
CA LEU A 241 27.52 12.49 9.14
C LEU A 241 28.26 12.26 7.84
N ARG A 242 27.55 11.89 6.80
CA ARG A 242 28.13 11.48 5.53
C ARG A 242 27.38 12.16 4.39
N ASP A 243 27.93 12.05 3.19
CA ASP A 243 27.20 12.47 2.01
C ASP A 243 26.01 11.54 1.79
N GLN A 244 25.15 11.92 0.85
CA GLN A 244 23.96 11.12 0.57
C GLN A 244 24.36 9.79 -0.05
N LEU A 245 23.79 8.71 0.45
CA LEU A 245 24.04 7.39 -0.11
C LEU A 245 23.24 7.20 -1.39
N GLN A 246 23.70 6.27 -2.21
CA GLN A 246 23.07 6.01 -3.50
C GLN A 246 22.89 4.51 -3.67
N MET A 247 21.87 4.14 -4.44
CA MET A 247 21.58 2.74 -4.69
C MET A 247 21.86 2.37 -6.13
N HIS A 248 22.62 1.31 -6.30
CA HIS A 248 22.98 0.81 -7.61
C HIS A 248 22.50 -0.61 -7.82
N ALA A 249 21.61 -1.11 -6.96
CA ALA A 249 21.09 -2.46 -7.07
C ALA A 249 19.72 -2.50 -6.41
N THR A 250 18.99 -3.57 -6.66
CA THR A 250 17.65 -3.76 -6.13
C THR A 250 17.58 -5.03 -5.31
N GLY A 251 16.51 -5.15 -4.53
CA GLY A 251 16.27 -6.36 -3.77
C GLY A 251 16.74 -6.25 -2.35
N PRO A 252 16.27 -7.17 -1.51
CA PRO A 252 16.61 -7.12 -0.08
C PRO A 252 18.08 -7.28 0.22
N GLU A 253 18.86 -7.96 -0.62
CA GLU A 253 20.27 -8.17 -0.30
C GLU A 253 21.04 -6.86 -0.27
N ASN A 254 20.74 -5.96 -1.20
CA ASN A 254 21.53 -4.76 -1.39
C ASN A 254 21.03 -3.55 -0.62
N GLY A 255 19.89 -3.66 0.06
CA GLY A 255 19.35 -2.56 0.83
C GLY A 255 19.77 -2.62 2.27
N LEU A 256 19.08 -1.82 3.08
CA LEU A 256 19.37 -1.76 4.51
C LEU A 256 18.64 -2.90 5.21
N SER A 257 19.34 -3.58 6.12
CA SER A 257 18.76 -4.67 6.89
C SER A 257 19.11 -4.48 8.35
N LEU A 258 18.10 -4.57 9.21
CA LEU A 258 18.25 -4.31 10.64
C LEU A 258 17.63 -5.45 11.41
N ILE A 259 18.35 -5.97 12.40
CA ILE A 259 17.78 -6.83 13.42
C ILE A 259 17.73 -6.00 14.69
N ILE A 260 16.50 -5.78 15.18
CA ILE A 260 16.20 -4.85 16.26
C ILE A 260 15.56 -5.62 17.39
N SER A 261 15.88 -5.25 18.62
CA SER A 261 15.20 -5.77 19.80
C SER A 261 14.45 -4.61 20.46
N ILE A 262 13.13 -4.76 20.62
CA ILE A 262 12.33 -3.68 21.15
C ILE A 262 12.46 -3.53 22.65
N GLU A 263 13.30 -4.33 23.30
CA GLU A 263 13.65 -4.18 24.71
C GLU A 263 12.42 -4.27 25.61
N LYS A 264 11.51 -5.16 25.26
CA LYS A 264 10.34 -5.39 26.10
C LYS A 264 10.78 -5.88 27.47
N ASP A 265 10.09 -5.43 28.51
CA ASP A 265 10.47 -5.73 29.88
C ASP A 265 9.35 -6.47 30.61
N GLU A 266 9.74 -7.38 31.48
CA GLU A 266 8.78 -8.16 32.26
C GLU A 266 8.28 -7.35 33.45
N PRO A 267 6.98 -7.16 33.60
CA PRO A 267 6.47 -6.43 34.76
C PRO A 267 6.67 -7.22 36.06
N LEU A 268 6.75 -6.49 37.15
CA LEU A 268 6.91 -7.09 38.46
C LEU A 268 5.63 -7.81 38.88
N PRO A 269 5.73 -8.81 39.76
CA PRO A 269 4.56 -9.65 40.06
C PRO A 269 3.36 -8.89 40.61
N GLY A 270 3.57 -7.83 41.38
CA GLY A 270 2.47 -7.18 42.04
C GLY A 270 2.02 -5.86 41.45
N THR A 271 2.73 -5.37 40.44
CA THR A 271 2.43 -4.06 39.86
C THR A 271 1.71 -4.21 38.53
N TYR A 272 0.81 -3.27 38.26
CA TYR A 272 0.10 -3.22 36.99
C TYR A 272 0.02 -1.76 36.54
N GLY A 273 -0.15 -1.59 35.24
CA GLY A 273 -0.20 -0.26 34.66
C GLY A 273 -1.61 0.26 34.50
N VAL A 274 -1.71 1.51 34.11
CA VAL A 274 -2.99 2.19 33.92
C VAL A 274 -3.12 2.55 32.46
N TYR A 275 -4.14 2.01 31.80
CA TYR A 275 -4.37 2.30 30.39
C TYR A 275 -4.86 3.73 30.25
N ASN A 276 -4.05 4.58 29.64
CA ASN A 276 -4.43 5.95 29.37
C ASN A 276 -5.44 5.96 28.23
N PHE A 277 -6.72 5.96 28.57
CA PHE A 277 -7.75 5.92 27.54
C PHE A 277 -7.89 7.22 26.82
N GLU A 278 -7.03 8.19 27.07
CA GLU A 278 -7.05 9.46 26.37
C GLU A 278 -5.83 9.63 25.47
N ASN A 279 -5.26 8.53 24.98
CA ASN A 279 -4.21 8.59 23.98
C ASN A 279 -4.39 7.40 23.04
N ASN A 280 -4.22 7.65 21.74
CA ASN A 280 -4.49 6.66 20.70
C ASN A 280 -3.23 5.91 20.26
N ILE A 281 -2.09 6.13 20.91
CA ILE A 281 -0.82 5.62 20.41
C ILE A 281 -0.15 4.75 21.45
N LEU A 282 -0.46 4.99 22.72
CA LEU A 282 0.28 4.36 23.80
C LEU A 282 -0.06 2.88 23.92
N HIS A 283 0.80 2.17 24.65
CA HIS A 283 0.58 0.79 25.07
C HIS A 283 0.68 -0.20 23.92
N SER A 284 1.54 0.08 22.95
CA SER A 284 1.85 -0.85 21.87
C SER A 284 3.31 -1.29 21.97
N ALA A 285 3.67 -2.26 21.15
CA ALA A 285 5.04 -2.71 21.00
C ALA A 285 5.37 -2.81 19.52
N GLY A 286 6.58 -2.49 19.16
CA GLY A 286 6.99 -2.54 17.78
C GLY A 286 7.97 -1.42 17.50
N VAL A 287 8.11 -1.07 16.23
CA VAL A 287 9.02 0.00 15.82
C VAL A 287 8.30 0.90 14.85
N ARG A 288 8.39 2.21 15.06
CA ARG A 288 7.83 3.18 14.14
C ARG A 288 8.89 3.60 13.14
N VAL A 289 8.63 3.36 11.85
CA VAL A 289 9.61 3.59 10.80
C VAL A 289 9.10 4.69 9.90
N VAL A 290 9.99 5.63 9.57
CA VAL A 290 9.69 6.70 8.63
C VAL A 290 10.71 6.62 7.51
N VAL A 291 10.23 6.54 6.28
CA VAL A 291 11.09 6.54 5.10
C VAL A 291 10.84 7.86 4.38
N HIS A 292 11.79 8.78 4.47
CA HIS A 292 11.55 10.12 3.96
C HIS A 292 12.68 10.55 3.04
N ALA A 293 12.45 11.65 2.34
CA ALA A 293 13.38 12.14 1.35
C ALA A 293 14.73 12.45 2.01
N PRO A 294 15.83 12.22 1.30
CA PRO A 294 17.16 12.32 1.92
C PRO A 294 17.43 13.72 2.44
N GLY A 295 17.67 13.81 3.74
CA GLY A 295 18.00 15.06 4.37
C GLY A 295 16.82 15.91 4.79
N SER A 296 15.60 15.38 4.73
CA SER A 296 14.42 16.11 5.11
C SER A 296 14.12 15.89 6.58
N MET A 297 13.07 16.51 7.04
CA MET A 297 12.72 16.42 8.45
C MET A 297 11.76 15.27 8.71
N PRO A 298 12.04 14.38 9.66
CA PRO A 298 11.13 13.28 9.95
C PRO A 298 9.90 13.75 10.70
N SER A 299 8.85 12.93 10.63
CA SER A 299 7.63 13.15 11.41
C SER A 299 7.06 11.79 11.78
N PRO A 300 7.62 11.15 12.81
CA PRO A 300 7.24 9.76 13.10
C PRO A 300 5.78 9.55 13.40
N VAL A 301 5.13 10.51 14.06
CA VAL A 301 3.73 10.30 14.45
C VAL A 301 2.82 10.34 13.23
N ASP A 302 3.08 11.25 12.30
CA ASP A 302 2.22 11.44 11.15
C ASP A 302 2.54 10.49 10.01
N HIS A 303 3.80 10.43 9.59
CA HIS A 303 4.19 9.74 8.37
C HIS A 303 4.82 8.38 8.62
N GLY A 304 4.90 7.92 9.85
CA GLY A 304 5.50 6.63 10.11
C GLY A 304 4.55 5.48 9.87
N PHE A 305 5.09 4.27 9.96
CA PHE A 305 4.29 3.06 9.97
C PHE A 305 4.88 2.09 10.98
N ASP A 306 4.03 1.29 11.59
CA ASP A 306 4.45 0.41 12.67
C ASP A 306 4.94 -0.92 12.14
N ILE A 307 5.85 -1.54 12.89
CA ILE A 307 6.40 -2.84 12.57
C ILE A 307 6.26 -3.71 13.81
N PRO A 308 5.62 -4.87 13.72
CA PRO A 308 5.38 -5.70 14.91
C PRO A 308 6.56 -6.60 15.19
N PRO A 309 6.78 -6.96 16.46
CA PRO A 309 7.86 -7.87 16.79
C PRO A 309 7.53 -9.30 16.39
N GLY A 310 8.58 -10.09 16.16
CA GLY A 310 8.42 -11.47 15.79
C GLY A 310 8.17 -11.72 14.34
N TYR A 311 8.30 -10.70 13.49
CA TYR A 311 8.11 -10.84 12.06
C TYR A 311 9.24 -10.15 11.34
N SER A 312 9.71 -10.76 10.27
CA SER A 312 10.59 -10.08 9.32
C SER A 312 9.72 -9.29 8.38
N SER A 313 9.81 -7.97 8.45
CA SER A 313 8.98 -7.09 7.63
C SER A 313 9.86 -6.44 6.58
N SER A 314 9.44 -6.52 5.33
CA SER A 314 10.18 -5.97 4.21
C SER A 314 9.41 -4.82 3.61
N VAL A 315 10.11 -3.72 3.34
CA VAL A 315 9.54 -2.52 2.76
C VAL A 315 10.22 -2.32 1.42
N GLY A 316 9.46 -2.46 0.34
CA GLY A 316 9.97 -2.24 -1.00
C GLY A 316 9.55 -0.87 -1.49
N LEU A 317 10.53 -0.10 -1.97
CA LEU A 317 10.34 1.30 -2.31
C LEU A 317 10.48 1.53 -3.80
N LYS A 318 9.66 2.43 -4.32
CA LYS A 318 9.79 2.96 -5.68
C LYS A 318 9.89 4.47 -5.61
N ALA A 319 10.92 5.01 -6.26
CA ALA A 319 11.25 6.43 -6.15
C ALA A 319 10.43 7.26 -7.12
N LEU A 320 9.98 8.42 -6.67
CA LEU A 320 9.25 9.38 -7.49
C LEU A 320 9.90 10.74 -7.32
N LEU A 321 9.96 11.51 -8.39
CA LEU A 321 10.52 12.85 -8.34
C LEU A 321 9.53 13.83 -8.93
N HIS A 322 9.24 14.89 -8.18
CA HIS A 322 8.35 15.96 -8.62
C HIS A 322 9.19 17.21 -8.86
N THR A 323 9.11 17.74 -10.06
CA THR A 323 9.83 18.95 -10.44
C THR A 323 8.81 20.03 -10.72
N ARG A 324 8.85 21.10 -9.96
CA ARG A 324 7.91 22.21 -10.10
C ARG A 324 8.63 23.43 -10.66
N LEU A 325 7.82 24.39 -11.13
CA LEU A 325 8.33 25.60 -11.75
C LEU A 325 8.26 26.75 -10.77
N SER A 326 9.27 27.62 -10.82
CA SER A 326 9.33 28.79 -9.96
C SER A 326 8.53 29.92 -10.59
N GLU A 327 8.68 31.14 -10.07
CA GLU A 327 7.96 32.28 -10.62
C GLU A 327 8.39 32.53 -12.06
N PRO A 328 7.48 33.02 -12.91
CA PRO A 328 6.11 33.43 -12.63
C PRO A 328 5.07 32.32 -12.75
N TYR A 329 5.51 31.09 -13.01
CA TYR A 329 4.56 29.99 -13.16
C TYR A 329 4.02 29.48 -11.83
N GLY A 330 4.67 29.81 -10.73
CA GLY A 330 4.21 29.39 -9.42
C GLY A 330 5.11 29.97 -8.36
N ASN A 331 4.67 29.85 -7.12
CA ASN A 331 5.41 30.35 -5.97
C ASN A 331 6.21 29.27 -5.26
N CYS A 332 6.74 28.29 -5.99
CA CYS A 332 7.62 27.29 -5.40
C CYS A 332 9.00 27.89 -5.15
N THR A 333 9.76 27.26 -4.25
CA THR A 333 11.05 27.78 -3.84
C THR A 333 12.11 26.68 -3.81
N GLU A 334 13.36 27.11 -3.91
CA GLU A 334 14.53 26.25 -3.78
C GLU A 334 15.20 26.38 -2.42
N ASP A 335 14.61 27.11 -1.49
CA ASP A 335 15.22 27.33 -0.18
C ASP A 335 15.20 26.04 0.64
N SER A 336 15.76 26.12 1.84
CA SER A 336 15.82 24.99 2.75
C SER A 336 15.43 25.43 4.15
N LEU A 337 14.79 24.54 4.89
CA LEU A 337 14.33 24.88 6.24
C LEU A 337 15.52 25.00 7.18
N GLU A 338 15.37 25.87 8.19
CA GLU A 338 16.42 26.07 9.17
C GLU A 338 16.23 25.22 10.43
N GLY A 339 15.14 25.43 11.15
CA GLY A 339 14.88 24.62 12.33
C GLY A 339 16.05 24.61 13.28
N ILE A 340 16.35 23.44 13.82
CA ILE A 340 17.54 23.27 14.64
C ILE A 340 18.77 22.94 13.80
N GLN A 341 18.56 22.34 12.63
CA GLN A 341 19.64 22.05 11.69
C GLN A 341 19.08 22.18 10.29
N THR A 342 19.94 22.53 9.34
CA THR A 342 19.48 22.75 7.98
C THR A 342 18.83 21.50 7.42
N TYR A 343 17.57 21.62 7.03
CA TYR A 343 16.78 20.53 6.51
C TYR A 343 16.40 20.81 5.07
N ARG A 344 16.35 19.75 4.26
CA ARG A 344 15.78 19.89 2.92
C ARG A 344 14.30 20.23 3.03
N ASN A 345 13.83 21.11 2.15
CA ASN A 345 12.52 21.71 2.32
C ASN A 345 11.40 20.70 2.04
N THR A 346 10.46 20.62 2.97
CA THR A 346 9.18 19.94 2.76
C THR A 346 8.09 20.80 3.36
N PHE A 347 6.91 20.75 2.74
CA PHE A 347 5.83 21.66 3.16
C PHE A 347 5.36 21.35 4.58
N PHE A 348 5.23 20.08 4.92
CA PHE A 348 4.72 19.70 6.24
C PHE A 348 5.66 20.20 7.34
N ALA A 349 6.96 20.07 7.13
CA ALA A 349 7.92 20.54 8.13
C ALA A 349 7.90 22.06 8.24
N CYS A 350 7.68 22.75 7.11
CA CYS A 350 7.52 24.21 7.20
C CYS A 350 6.32 24.58 8.03
N LEU A 351 5.21 23.85 7.88
CA LEU A 351 4.04 24.13 8.69
C LEU A 351 4.31 23.88 10.17
N GLN A 352 5.03 22.82 10.49
CA GLN A 352 5.36 22.55 11.89
C GLN A 352 6.23 23.65 12.47
N LEU A 353 7.23 24.12 11.72
CA LEU A 353 8.06 25.22 12.18
C LEU A 353 7.24 26.50 12.33
N CYS A 354 6.28 26.72 11.44
CA CYS A 354 5.37 27.85 11.57
C CYS A 354 4.57 27.78 12.87
N LYS A 355 4.07 26.60 13.21
CA LYS A 355 3.37 26.42 14.47
C LYS A 355 4.27 26.77 15.65
N GLN A 356 5.51 26.28 15.62
CA GLN A 356 6.43 26.56 16.72
C GLN A 356 6.70 28.06 16.84
N ARG A 357 6.92 28.74 15.72
CA ARG A 357 7.15 30.17 15.75
C ARG A 357 5.94 30.91 16.27
N ARG A 358 4.74 30.46 15.90
CA ARG A 358 3.53 31.11 16.40
C ARG A 358 3.42 30.97 17.91
N LEU A 359 3.72 29.79 18.45
CA LEU A 359 3.70 29.63 19.90
C LEU A 359 4.70 30.56 20.57
N ILE A 360 5.92 30.59 20.04
CA ILE A 360 6.97 31.44 20.61
C ILE A 360 6.54 32.91 20.59
N ARG A 361 5.95 33.35 19.48
CA ARG A 361 5.49 34.72 19.38
C ARG A 361 4.37 35.01 20.38
N GLU A 362 3.40 34.10 20.48
CA GLU A 362 2.21 34.41 21.25
C GLU A 362 2.50 34.44 22.74
N CYS A 363 3.09 33.38 23.29
CA CYS A 363 3.39 33.44 24.73
C CYS A 363 4.71 32.81 25.10
N LYS A 364 5.77 33.19 24.38
CA LYS A 364 7.14 33.22 24.90
C LYS A 364 7.59 31.89 25.48
N CYS A 365 7.14 30.80 24.89
CA CYS A 365 7.72 29.49 25.17
C CYS A 365 7.44 28.60 23.97
N LYS A 366 8.21 27.52 23.87
CA LYS A 366 8.06 26.57 22.79
C LYS A 366 7.55 25.25 23.34
N SER A 367 6.99 24.43 22.45
CA SER A 367 6.37 23.16 22.83
C SER A 367 7.28 22.00 22.47
N SER A 368 7.22 20.94 23.28
CA SER A 368 8.00 19.74 23.01
C SER A 368 7.40 18.92 21.88
N ALA A 369 6.10 18.97 21.70
CA ALA A 369 5.41 18.21 20.67
C ALA A 369 5.58 18.82 19.29
N LEU A 370 6.50 19.74 19.13
CA LEU A 370 6.73 20.45 17.87
C LEU A 370 8.24 20.54 17.65
N PRO A 371 8.66 20.87 16.43
CA PRO A 371 10.11 20.95 16.16
C PRO A 371 10.82 21.95 17.07
N ASP A 372 12.03 21.59 17.47
CA ASP A 372 12.85 22.50 18.26
C ASP A 372 13.36 23.64 17.39
N LEU A 373 13.57 24.80 18.01
CA LEU A 373 13.97 25.98 17.26
C LEU A 373 15.23 26.62 17.82
N SER A 374 15.43 26.53 19.13
CA SER A 374 16.58 27.12 19.82
C SER A 374 16.66 28.62 19.58
N VAL A 375 15.64 29.33 20.07
CA VAL A 375 15.62 30.80 20.07
C VAL A 375 15.97 31.30 21.46
N GLU A 376 16.78 32.36 21.52
CA GLU A 376 17.34 32.83 22.77
C GLU A 376 16.24 33.38 23.68
N ASN A 377 16.43 33.20 25.00
CA ASN A 377 15.47 33.62 26.02
C ASN A 377 14.18 32.82 26.01
N ILE A 378 14.17 31.64 25.38
CA ILE A 378 12.96 30.85 25.23
C ILE A 378 13.22 29.45 25.77
N THR A 379 12.33 28.96 26.62
CA THR A 379 12.41 27.61 27.15
C THR A 379 11.08 26.90 26.89
N PHE A 380 11.05 25.61 27.23
CA PHE A 380 9.92 24.77 26.86
C PHE A 380 8.66 25.15 27.63
N CYS A 381 7.52 25.09 26.93
CA CYS A 381 6.23 25.31 27.56
C CYS A 381 5.89 24.13 28.45
N GLY A 382 6.23 24.20 29.73
CA GLY A 382 5.97 23.08 30.60
C GLY A 382 7.07 22.82 31.60
N VAL A 383 8.13 23.61 31.53
CA VAL A 383 9.16 23.58 32.55
C VAL A 383 8.66 24.29 33.80
N ILE A 384 8.79 23.65 34.94
CA ILE A 384 8.39 24.26 36.21
C ILE A 384 9.66 24.78 36.88
N PRO A 385 9.94 26.08 36.79
CA PRO A 385 11.23 26.58 37.28
C PRO A 385 11.38 26.36 38.78
N ASP A 386 12.58 25.91 39.17
CA ASP A 386 12.91 25.68 40.57
C ASP A 386 11.93 24.71 41.23
N TRP A 387 11.55 23.65 40.50
CA TRP A 387 10.70 22.64 41.09
C TRP A 387 11.41 21.93 42.23
N LYS A 388 12.75 21.89 42.20
CA LYS A 388 13.50 21.36 43.31
C LYS A 388 13.30 22.22 44.56
N ASP A 389 13.28 23.54 44.40
CA ASP A 389 12.97 24.42 45.51
C ASP A 389 11.51 24.32 45.92
N ILE A 390 10.61 24.09 44.95
CA ILE A 390 9.20 23.91 45.29
C ILE A 390 9.02 22.66 46.15
N ARG A 391 9.83 21.62 45.91
CA ARG A 391 9.81 20.48 46.80
C ARG A 391 10.07 20.89 48.23
N ARG A 392 11.17 21.63 48.44
CA ARG A 392 11.75 21.77 49.78
C ARG A 392 11.32 23.09 50.39
N ASN A 393 10.33 23.01 51.29
CA ASN A 393 10.01 24.13 52.16
C ASN A 393 11.07 24.34 53.23
N VAL A 394 12.14 25.04 52.87
CA VAL A 394 13.04 25.58 53.89
C VAL A 394 12.27 26.55 54.77
N THR A 395 11.44 27.40 54.16
CA THR A 395 10.47 28.21 54.85
C THR A 395 9.09 27.59 54.72
N GLY A 396 8.23 27.83 55.72
CA GLY A 396 6.92 27.21 55.75
C GLY A 396 6.08 27.52 54.53
N GLU A 397 5.92 26.51 53.67
CA GLU A 397 5.26 26.70 52.37
C GLU A 397 4.86 25.34 51.84
N TYR A 398 4.07 25.35 50.77
CA TYR A 398 3.79 24.18 49.94
C TYR A 398 3.20 23.04 50.77
N LYS A 399 1.99 23.30 51.26
CA LYS A 399 1.18 22.28 51.88
C LYS A 399 0.97 21.14 50.87
N MET A 400 1.00 19.91 51.36
CA MET A 400 0.79 18.77 50.46
C MET A 400 -0.54 18.86 49.73
N ASN A 401 -0.59 18.17 48.59
CA ASN A 401 -1.70 18.21 47.64
C ASN A 401 -1.98 19.66 47.24
N GLN A 402 -0.93 20.43 47.02
CA GLN A 402 -1.11 21.79 46.55
C GLN A 402 -1.26 21.80 45.04
N THR A 403 -1.77 22.92 44.54
CA THR A 403 -1.87 23.14 43.10
C THR A 403 -0.75 24.08 42.68
N ILE A 404 0.12 23.59 41.80
CA ILE A 404 1.26 24.36 41.31
C ILE A 404 0.82 25.10 40.05
N PRO A 405 0.81 26.43 40.05
CA PRO A 405 0.31 27.16 38.88
C PRO A 405 1.27 27.07 37.72
N THR A 406 0.80 26.55 36.60
CA THR A 406 1.58 26.44 35.37
C THR A 406 0.78 27.15 34.27
N ILE A 407 0.97 28.46 34.16
CA ILE A 407 0.26 29.22 33.14
C ILE A 407 0.78 28.87 31.76
N SER A 408 2.05 28.49 31.65
CA SER A 408 2.62 28.14 30.35
C SER A 408 1.95 26.92 29.75
N LEU A 409 1.64 25.91 30.56
CA LEU A 409 0.92 24.75 30.04
C LEU A 409 -0.46 25.13 29.52
N ALA A 410 -1.18 25.97 30.27
CA ALA A 410 -2.50 26.39 29.80
C ALA A 410 -2.39 27.16 28.49
N CYS A 411 -1.41 28.06 28.39
CA CYS A 411 -1.15 28.77 27.14
C CYS A 411 -0.92 27.82 25.99
N GLU A 412 0.02 26.89 26.17
CA GLU A 412 0.42 26.03 25.07
C GLU A 412 -0.72 25.09 24.68
N ALA A 413 -1.48 24.61 25.66
CA ALA A 413 -2.62 23.75 25.36
C ALA A 413 -3.71 24.51 24.61
N ARG A 414 -4.01 25.74 25.03
CA ARG A 414 -5.04 26.51 24.36
C ARG A 414 -4.66 26.81 22.92
N VAL A 415 -3.39 27.19 22.70
CA VAL A 415 -2.96 27.48 21.33
C VAL A 415 -2.90 26.21 20.49
N GLN A 416 -2.48 25.08 21.08
CA GLN A 416 -2.54 23.81 20.36
C GLN A 416 -3.96 23.52 19.90
N LYS A 417 -4.94 23.66 20.80
CA LYS A 417 -6.31 23.35 20.42
C LYS A 417 -6.81 24.29 19.32
N GLN A 418 -6.49 25.59 19.44
CA GLN A 418 -6.91 26.53 18.41
C GLN A 418 -6.29 26.19 17.06
N LEU A 419 -5.00 25.84 17.04
CA LEU A 419 -4.35 25.50 15.78
C LEU A 419 -4.85 24.18 15.21
N ASN A 420 -5.22 23.23 16.08
CA ASN A 420 -5.71 21.94 15.61
C ASN A 420 -7.13 22.02 15.09
N ASN A 421 -7.93 22.96 15.58
CA ASN A 421 -9.31 23.07 15.13
C ASN A 421 -9.54 24.22 14.16
N ASP A 422 -8.56 25.09 13.97
CA ASP A 422 -8.65 26.18 13.01
C ASP A 422 -7.44 26.13 12.08
N ARG A 423 -7.68 26.36 10.80
CA ARG A 423 -6.66 26.13 9.78
C ARG A 423 -6.41 27.41 8.99
N SER A 424 -6.29 28.54 9.69
CA SER A 424 -6.08 29.82 9.04
C SER A 424 -4.65 30.33 9.14
N TYR A 425 -3.87 29.82 10.10
CA TYR A 425 -2.48 30.23 10.22
C TYR A 425 -1.66 29.87 8.98
N GLU A 426 -2.09 28.83 8.25
CA GLU A 426 -1.30 28.34 7.13
C GLU A 426 -1.09 29.41 6.07
N THR A 427 -2.04 30.33 5.91
CA THR A 427 -1.94 31.36 4.89
C THR A 427 -1.05 32.52 5.31
N GLU A 428 -0.57 32.55 6.56
CA GLU A 428 0.11 33.72 7.09
C GLU A 428 1.61 33.53 7.28
N CYS A 429 2.16 32.36 6.99
CA CYS A 429 3.57 32.11 7.32
C CYS A 429 4.29 31.39 6.19
N GLY A 430 4.09 31.84 4.97
CA GLY A 430 4.86 31.30 3.86
C GLY A 430 4.56 29.83 3.62
N CYS A 431 5.60 29.00 3.71
CA CYS A 431 5.52 27.58 3.36
C CYS A 431 5.07 27.40 1.91
N TYR A 432 5.94 27.84 1.03
CA TYR A 432 5.86 27.48 -0.38
C TYR A 432 6.24 26.01 -0.57
N GLN A 433 5.72 25.41 -1.63
CA GLN A 433 6.10 24.05 -1.97
C GLN A 433 7.55 24.02 -2.44
N PRO A 434 8.25 22.90 -2.23
CA PRO A 434 9.62 22.78 -2.76
C PRO A 434 9.61 22.61 -4.27
N CYS A 435 10.62 23.19 -4.92
CA CYS A 435 10.70 23.09 -6.38
C CYS A 435 10.92 21.66 -6.83
N SER A 436 11.81 20.93 -6.16
CA SER A 436 12.09 19.54 -6.46
C SER A 436 11.89 18.71 -5.20
N GLU A 437 11.15 17.62 -5.31
CA GLU A 437 10.80 16.82 -4.15
C GLU A 437 10.79 15.34 -4.51
N THR A 438 11.52 14.53 -3.76
CA THR A 438 11.52 13.09 -3.98
C THR A 438 10.63 12.43 -2.93
N SER A 439 9.77 11.53 -3.39
CA SER A 439 8.89 10.76 -2.53
C SER A 439 9.02 9.29 -2.89
N TYR A 440 8.38 8.43 -2.11
CA TYR A 440 8.50 7.00 -2.32
C TYR A 440 7.13 6.34 -2.21
N LEU A 441 6.93 5.30 -3.01
CA LEU A 441 5.81 4.38 -2.86
C LEU A 441 6.34 3.14 -2.17
N LYS A 442 5.74 2.77 -1.05
CA LYS A 442 6.24 1.66 -0.24
C LYS A 442 5.22 0.53 -0.19
N SER A 443 5.74 -0.70 -0.22
CA SER A 443 4.94 -1.89 -0.01
C SER A 443 5.55 -2.65 1.15
N VAL A 444 4.77 -2.84 2.21
CA VAL A 444 5.23 -3.49 3.43
C VAL A 444 4.62 -4.87 3.53
N SER A 445 5.42 -5.85 3.93
CA SER A 445 4.95 -7.22 4.03
C SER A 445 5.65 -7.94 5.16
N LEU A 446 4.99 -8.95 5.72
CA LEU A 446 5.48 -9.68 6.88
C LEU A 446 5.73 -11.13 6.55
N SER A 447 6.72 -11.72 7.21
CA SER A 447 6.87 -13.16 7.24
C SER A 447 7.31 -13.57 8.65
N TYR A 448 7.01 -14.81 9.00
CA TYR A 448 7.32 -15.32 10.32
C TYR A 448 8.83 -15.42 10.50
N TRP A 449 9.34 -14.97 11.64
CA TRP A 449 10.78 -14.89 11.84
C TRP A 449 11.09 -14.80 13.32
N PRO A 450 12.15 -15.45 13.80
CA PRO A 450 12.98 -16.40 13.07
C PRO A 450 12.48 -17.82 13.23
N LEU A 451 12.87 -18.71 12.33
CA LEU A 451 12.52 -20.10 12.47
C LEU A 451 13.18 -20.68 13.72
N GLU A 452 12.50 -21.65 14.33
CA GLU A 452 13.00 -22.20 15.59
C GLU A 452 14.37 -22.84 15.42
N PHE A 453 14.56 -23.55 14.31
CA PHE A 453 15.82 -24.26 14.08
C PHE A 453 17.01 -23.32 14.13
N TYR A 454 16.82 -22.05 13.80
CA TYR A 454 17.90 -21.07 13.78
C TYR A 454 17.83 -20.06 14.92
N GLN A 455 16.97 -20.30 15.93
CA GLN A 455 16.83 -19.30 16.98
C GLN A 455 18.08 -19.24 17.86
N LEU A 456 18.51 -20.40 18.37
CA LEU A 456 19.59 -20.42 19.35
C LEU A 456 20.82 -19.68 18.86
N SER A 457 21.30 -20.03 17.67
CA SER A 457 22.50 -19.36 17.16
C SER A 457 22.28 -17.87 17.06
N ALA A 458 21.13 -17.45 16.54
CA ALA A 458 20.83 -16.02 16.48
C ALA A 458 20.94 -15.41 17.87
N LEU A 459 20.32 -16.07 18.86
CA LEU A 459 20.35 -15.53 20.21
C LEU A 459 21.76 -15.53 20.76
N GLU A 460 22.59 -16.50 20.34
CA GLU A 460 23.98 -16.51 20.76
C GLU A 460 24.70 -15.24 20.32
N ARG A 461 24.35 -14.69 19.16
CA ARG A 461 24.92 -13.41 18.78
C ARG A 461 24.41 -12.30 19.68
N PHE A 462 23.11 -12.29 19.96
CA PHE A 462 22.50 -11.15 20.65
C PHE A 462 23.10 -10.97 22.03
N PHE A 463 23.38 -12.06 22.73
CA PHE A 463 23.95 -11.99 24.07
C PHE A 463 25.46 -11.87 24.08
N SER A 464 26.11 -12.01 22.92
CA SER A 464 27.57 -11.95 22.84
C SER A 464 28.05 -10.67 22.19
N GLN A 465 27.17 -9.70 21.98
CA GLN A 465 27.52 -8.40 21.43
C GLN A 465 27.52 -7.31 22.48
N LYS A 466 26.51 -7.28 23.34
CA LYS A 466 26.31 -6.15 24.24
C LYS A 466 27.26 -6.27 25.42
N ASN A 467 26.99 -5.48 26.47
CA ASN A 467 27.86 -5.45 27.64
C ASN A 467 28.00 -6.87 28.21
N PRO A 468 29.19 -7.24 28.67
CA PRO A 468 29.35 -8.56 29.30
C PRO A 468 28.46 -8.78 30.52
N THR A 469 27.71 -7.77 30.95
CA THR A 469 26.78 -7.90 32.08
C THR A 469 25.45 -8.39 31.54
N ASP A 470 25.31 -9.72 31.45
CA ASP A 470 24.06 -10.36 31.08
C ASP A 470 23.17 -10.67 32.27
N GLN A 471 23.37 -9.93 33.38
CA GLN A 471 22.72 -10.19 34.66
C GLN A 471 21.25 -10.60 34.51
N GLN A 472 20.46 -9.74 33.89
CA GLN A 472 19.03 -10.01 33.70
C GLN A 472 18.58 -9.33 32.42
N HIS A 473 18.03 -10.12 31.50
CA HIS A 473 17.35 -9.59 30.32
C HIS A 473 16.11 -10.42 30.05
N PHE A 474 15.18 -9.84 29.28
CA PHE A 474 13.91 -10.48 29.00
C PHE A 474 14.07 -11.84 28.32
N MET A 475 15.20 -12.07 27.66
CA MET A 475 15.41 -13.30 26.90
C MET A 475 16.53 -14.16 27.46
N LYS A 476 16.89 -13.99 28.74
CA LYS A 476 17.86 -14.90 29.33
C LYS A 476 17.28 -16.30 29.47
N ILE A 477 15.99 -16.38 29.82
CA ILE A 477 15.33 -17.67 29.95
C ILE A 477 15.29 -18.38 28.61
N ALA A 478 15.12 -17.62 27.53
CA ALA A 478 15.13 -18.22 26.20
C ALA A 478 16.47 -18.89 25.92
N GLN A 479 17.57 -18.20 26.19
CA GLN A 479 18.88 -18.79 25.93
C GLN A 479 19.13 -19.99 26.82
N ASP A 480 18.71 -19.92 28.09
CA ASP A 480 18.87 -21.07 28.98
C ASP A 480 18.11 -22.28 28.45
N PHE A 481 16.87 -22.08 28.04
CA PHE A 481 16.07 -23.20 27.53
C PHE A 481 16.67 -23.77 26.26
N LEU A 482 17.09 -22.91 25.34
CA LEU A 482 17.63 -23.41 24.08
C LEU A 482 18.95 -24.13 24.30
N SER A 483 19.80 -23.62 25.19
CA SER A 483 21.05 -24.30 25.49
C SER A 483 20.81 -25.65 26.15
N ARG A 484 19.85 -25.72 27.06
CA ARG A 484 19.51 -27.01 27.66
C ARG A 484 18.87 -27.97 26.67
N LEU A 485 18.26 -27.45 25.60
CA LEU A 485 17.78 -28.33 24.55
C LEU A 485 18.94 -28.87 23.69
N ALA A 486 19.88 -28.00 23.33
CA ALA A 486 20.89 -28.37 22.36
C ALA A 486 21.92 -29.33 22.95
N HIS A 487 22.41 -29.04 24.16
CA HIS A 487 23.55 -29.78 24.67
C HIS A 487 23.20 -31.20 25.08
N PRO A 488 22.29 -31.44 26.04
CA PRO A 488 21.97 -32.85 26.27
C PRO A 488 20.91 -33.37 25.30
N SER A 509 9.45 -36.10 23.46
CA SER A 509 10.16 -34.86 23.72
C SER A 509 9.19 -33.75 24.12
N LEU A 510 8.22 -34.09 24.98
CA LEU A 510 7.19 -33.13 25.34
C LEU A 510 7.71 -32.12 26.37
N SER A 511 8.22 -32.61 27.50
CA SER A 511 8.66 -31.73 28.58
C SER A 511 9.66 -30.70 28.08
N GLU A 512 10.42 -31.04 27.04
CA GLU A 512 11.23 -30.06 26.33
C GLU A 512 10.47 -29.36 25.22
N LYS A 513 9.34 -29.90 24.79
CA LYS A 513 8.50 -29.17 23.83
C LYS A 513 7.98 -27.88 24.47
N GLU A 514 7.59 -27.92 25.75
CA GLU A 514 7.17 -26.68 26.40
C GLU A 514 8.31 -25.67 26.48
N MET A 515 9.53 -26.13 26.78
CA MET A 515 10.63 -25.17 26.85
C MET A 515 10.93 -24.56 25.49
N ALA A 516 10.90 -25.38 24.43
CA ALA A 516 11.10 -24.82 23.09
C ALA A 516 10.02 -23.81 22.75
N LYS A 517 8.76 -24.12 23.08
CA LYS A 517 7.67 -23.20 22.80
C LYS A 517 7.83 -21.90 23.57
N GLU A 518 8.22 -21.98 24.84
CA GLU A 518 8.39 -20.77 25.64
C GLU A 518 9.55 -19.91 25.13
N ALA A 519 10.65 -20.56 24.77
CA ALA A 519 11.79 -19.81 24.23
C ALA A 519 11.42 -19.10 22.94
N SER A 520 10.70 -19.79 22.06
CA SER A 520 10.28 -19.15 20.81
C SER A 520 9.31 -18.01 21.08
N ASP A 521 8.41 -18.19 22.06
CA ASP A 521 7.46 -17.13 22.39
C ASP A 521 8.18 -15.88 22.87
N LEU A 522 9.18 -16.04 23.75
CA LEU A 522 9.94 -14.89 24.22
C LEU A 522 10.69 -14.21 23.05
N ILE A 523 11.42 -15.01 22.28
CA ILE A 523 12.26 -14.43 21.23
C ILE A 523 11.41 -13.69 20.21
N ARG A 524 10.26 -14.26 19.85
CA ARG A 524 9.38 -13.60 18.90
C ARG A 524 8.56 -12.49 19.52
N GLN A 525 8.48 -12.42 20.85
CA GLN A 525 7.91 -11.24 21.47
C GLN A 525 8.89 -10.07 21.46
N ASN A 526 10.20 -10.36 21.40
CA ASN A 526 11.18 -9.28 21.56
C ASN A 526 11.86 -8.86 20.25
N LEU A 527 12.28 -9.79 19.41
CA LEU A 527 13.06 -9.44 18.23
C LEU A 527 12.19 -9.09 17.04
N LEU A 528 12.79 -8.39 16.08
CA LEU A 528 12.19 -8.21 14.76
C LEU A 528 13.28 -7.90 13.76
N ARG A 529 12.96 -8.08 12.49
CA ARG A 529 13.87 -7.77 11.39
C ARG A 529 13.18 -6.84 10.42
N LEU A 530 13.96 -5.96 9.80
CA LEU A 530 13.43 -4.94 8.91
C LEU A 530 14.36 -4.77 7.73
N ASN A 531 13.87 -5.04 6.54
CA ASN A 531 14.61 -4.84 5.30
C ASN A 531 13.95 -3.72 4.51
N ILE A 532 14.71 -2.69 4.20
CA ILE A 532 14.24 -1.57 3.39
C ILE A 532 15.11 -1.52 2.15
N TYR A 533 14.48 -1.63 0.99
CA TYR A 533 15.23 -1.78 -0.25
C TYR A 533 14.46 -1.11 -1.38
N LEU A 534 15.15 -0.94 -2.50
CA LEU A 534 14.56 -0.33 -3.70
C LEU A 534 14.05 -1.44 -4.61
N GLU A 535 12.78 -1.38 -4.99
CA GLU A 535 12.22 -2.41 -5.85
C GLU A 535 12.71 -2.26 -7.28
N ASP A 536 12.78 -1.02 -7.77
CA ASP A 536 13.24 -0.74 -9.12
C ASP A 536 14.08 0.51 -9.09
N LEU A 537 15.03 0.60 -10.02
CA LEU A 537 15.89 1.76 -10.11
C LEU A 537 15.40 2.80 -11.11
N SER A 538 14.28 2.56 -11.77
CA SER A 538 13.68 3.56 -12.63
C SER A 538 12.96 4.60 -11.78
N VAL A 539 13.13 5.87 -12.12
CA VAL A 539 12.53 6.96 -11.36
C VAL A 539 11.44 7.60 -12.21
N VAL A 540 10.22 7.62 -11.71
CA VAL A 540 9.12 8.25 -12.43
C VAL A 540 9.09 9.72 -12.05
N GLU A 541 9.34 10.60 -13.02
CA GLU A 541 9.47 12.02 -12.77
C GLU A 541 8.28 12.75 -13.36
N TYR A 542 7.65 13.60 -12.55
CA TYR A 542 6.55 14.46 -12.98
C TYR A 542 7.10 15.87 -13.17
N ARG A 543 7.23 16.29 -14.42
CA ARG A 543 7.86 17.56 -14.75
C ARG A 543 6.80 18.56 -15.18
N GLN A 544 6.86 19.76 -14.62
CA GLN A 544 6.06 20.88 -15.07
C GLN A 544 6.68 21.51 -16.30
N LEU A 545 5.84 21.97 -17.21
CA LEU A 545 6.27 22.67 -18.40
C LEU A 545 5.39 23.89 -18.59
N PRO A 546 5.92 24.97 -19.17
CA PRO A 546 5.06 26.11 -19.53
C PRO A 546 4.08 25.67 -20.60
N ALA A 547 2.79 25.85 -20.31
CA ALA A 547 1.76 25.40 -21.25
C ALA A 547 1.85 26.17 -22.56
N TYR A 548 2.16 27.46 -22.48
CA TYR A 548 2.25 28.32 -23.66
C TYR A 548 3.51 29.18 -23.46
N GLY A 549 4.63 28.69 -23.99
CA GLY A 549 5.91 29.32 -23.76
C GLY A 549 6.09 30.59 -24.56
N LEU A 550 7.25 31.23 -24.35
CA LEU A 550 7.55 32.46 -25.08
C LEU A 550 7.78 32.19 -26.56
N ALA A 551 8.43 31.08 -26.89
CA ALA A 551 8.67 30.74 -28.28
C ALA A 551 7.37 30.51 -29.02
N ASP A 552 6.41 29.86 -28.37
CA ASP A 552 5.12 29.59 -29.01
C ASP A 552 4.38 30.89 -29.31
N LEU A 553 4.40 31.83 -28.37
CA LEU A 553 3.78 33.13 -28.60
C LEU A 553 4.48 33.88 -29.72
N PHE A 554 5.82 33.85 -29.71
CA PHE A 554 6.60 34.51 -30.74
C PHE A 554 6.23 33.98 -32.12
N ALA A 555 6.10 32.66 -32.23
CA ALA A 555 5.72 32.04 -33.50
C ALA A 555 4.31 32.44 -33.91
N ASP A 556 3.37 32.39 -32.97
CA ASP A 556 1.99 32.72 -33.32
C ASP A 556 1.82 34.18 -33.72
N ILE A 557 2.62 35.07 -33.14
CA ILE A 557 2.46 36.50 -33.41
C ILE A 557 3.25 36.96 -34.64
N GLY A 558 4.43 36.37 -34.88
CA GLY A 558 5.26 36.82 -35.99
C GLY A 558 4.61 36.74 -37.34
N GLY A 559 3.62 35.85 -37.51
CA GLY A 559 2.91 35.79 -38.77
C GLY A 559 2.14 37.06 -39.07
N THR A 560 1.44 37.59 -38.06
CA THR A 560 0.60 38.76 -38.26
C THR A 560 1.33 40.07 -38.00
N LEU A 561 2.45 40.05 -37.28
CA LEU A 561 3.12 41.28 -36.90
C LEU A 561 3.42 42.16 -38.11
N GLY A 562 4.30 41.66 -38.99
CA GLY A 562 4.78 42.50 -40.07
C GLY A 562 3.66 42.95 -40.99
N LEU A 563 2.81 42.01 -41.40
CA LEU A 563 1.74 42.34 -42.34
C LEU A 563 0.81 43.40 -41.77
N TRP A 564 0.37 43.23 -40.52
CA TRP A 564 -0.66 44.14 -40.06
C TRP A 564 -0.12 45.46 -39.56
N MET A 565 1.09 45.52 -38.99
CA MET A 565 1.57 46.84 -38.66
C MET A 565 2.09 47.54 -39.92
N GLY A 566 2.39 46.79 -40.98
CA GLY A 566 2.59 47.42 -42.28
C GLY A 566 1.32 48.05 -42.83
N ILE A 567 0.21 47.32 -42.75
CA ILE A 567 -1.08 47.88 -43.16
C ILE A 567 -1.38 49.13 -42.34
N SER A 568 -1.11 49.07 -41.03
CA SER A 568 -1.36 50.23 -40.17
C SER A 568 -0.49 51.41 -40.58
N VAL A 569 0.78 51.18 -40.89
CA VAL A 569 1.67 52.26 -41.31
C VAL A 569 1.17 52.89 -42.60
N LEU A 570 0.79 52.05 -43.57
CA LEU A 570 0.32 52.58 -44.84
C LEU A 570 -0.95 53.41 -44.66
N THR A 571 -1.91 52.90 -43.88
CA THR A 571 -3.14 53.64 -43.66
C THR A 571 -2.88 54.95 -42.94
N ILE A 572 -2.00 54.94 -41.93
CA ILE A 572 -1.72 56.14 -41.17
C ILE A 572 -1.05 57.19 -42.04
N MET A 573 -0.09 56.78 -42.86
CA MET A 573 0.61 57.75 -43.71
C MET A 573 -0.29 58.26 -44.82
N GLU A 574 -1.27 57.46 -45.26
CA GLU A 574 -2.20 57.94 -46.28
C GLU A 574 -3.23 58.90 -45.69
N LEU A 575 -3.68 58.66 -44.46
CA LEU A 575 -4.72 59.49 -43.87
C LEU A 575 -4.22 60.85 -43.44
N MET A 576 -2.91 60.99 -43.19
CA MET A 576 -2.40 62.22 -42.60
C MET A 576 -2.57 63.43 -43.53
N GLU A 577 -2.60 63.19 -44.83
CA GLU A 577 -2.73 64.28 -45.79
C GLU A 577 -4.19 64.67 -45.98
N ARG B 91 7.26 56.88 -50.71
CA ARG B 91 7.67 56.26 -51.97
C ARG B 91 7.44 54.75 -51.94
N LYS B 92 7.54 54.11 -53.10
CA LYS B 92 7.30 52.68 -53.19
C LYS B 92 8.47 51.85 -52.67
N VAL B 93 9.64 52.45 -52.48
CA VAL B 93 10.75 51.74 -51.84
C VAL B 93 10.41 51.44 -50.39
N ILE B 94 9.74 52.38 -49.71
CA ILE B 94 9.24 52.11 -48.37
C ILE B 94 8.24 50.95 -48.40
N TRP B 95 7.38 50.91 -49.43
CA TRP B 95 6.43 49.81 -49.57
C TRP B 95 7.16 48.48 -49.72
N ALA B 96 8.20 48.44 -50.56
CA ALA B 96 8.93 47.20 -50.79
C ALA B 96 9.66 46.74 -49.53
N LEU B 97 10.34 47.65 -48.85
CA LEU B 97 11.02 47.30 -47.60
C LEU B 97 10.00 46.83 -46.55
N MET B 98 8.85 47.49 -46.50
CA MET B 98 7.86 47.18 -45.48
C MET B 98 7.13 45.88 -45.78
N VAL B 99 7.08 45.46 -47.04
CA VAL B 99 6.61 44.13 -47.40
C VAL B 99 7.65 43.08 -47.06
N ILE B 100 8.92 43.36 -47.34
CA ILE B 100 9.95 42.36 -47.12
C ILE B 100 10.17 42.11 -45.62
N ILE B 101 9.95 43.10 -44.77
CA ILE B 101 10.07 42.84 -43.33
C ILE B 101 8.97 41.89 -42.87
N GLY B 102 7.75 42.06 -43.40
CA GLY B 102 6.70 41.11 -43.11
C GLY B 102 7.03 39.72 -43.64
N PHE B 103 7.70 39.66 -44.78
CA PHE B 103 8.16 38.37 -45.30
C PHE B 103 9.14 37.72 -44.33
N THR B 104 10.08 38.50 -43.79
CA THR B 104 11.02 37.96 -42.83
C THR B 104 10.31 37.47 -41.57
N ALA B 105 9.30 38.21 -41.12
CA ALA B 105 8.54 37.77 -39.95
C ALA B 105 7.81 36.46 -40.23
N ALA B 106 7.20 36.34 -41.41
CA ALA B 106 6.53 35.10 -41.77
C ALA B 106 7.52 33.94 -41.84
N THR B 107 8.72 34.19 -42.37
CA THR B 107 9.73 33.14 -42.43
C THR B 107 10.16 32.72 -41.03
N LEU B 108 10.28 33.68 -40.11
CA LEU B 108 10.56 33.34 -38.72
C LEU B 108 9.46 32.46 -38.15
N GLN B 109 8.20 32.79 -38.44
CA GLN B 109 7.10 31.97 -37.95
C GLN B 109 7.17 30.55 -38.50
N LEU B 110 7.46 30.42 -39.80
CA LEU B 110 7.59 29.10 -40.40
C LEU B 110 8.70 28.30 -39.74
N SER B 111 9.88 28.92 -39.57
CA SER B 111 11.00 28.22 -38.98
C SER B 111 10.69 27.81 -37.55
N LEU B 112 10.05 28.69 -36.77
CA LEU B 112 9.74 28.38 -35.39
C LEU B 112 8.75 27.21 -35.30
N LEU B 113 7.69 27.24 -36.12
CA LEU B 113 6.72 26.15 -36.06
C LEU B 113 7.33 24.84 -36.54
N VAL B 114 8.17 24.88 -37.57
CA VAL B 114 8.79 23.65 -38.06
C VAL B 114 9.73 23.07 -37.01
N ARG B 115 10.53 23.93 -36.36
CA ARG B 115 11.42 23.42 -35.32
C ARG B 115 10.64 22.90 -34.13
N LYS B 116 9.46 23.48 -33.84
CA LYS B 116 8.65 22.92 -32.78
C LYS B 116 8.09 21.56 -33.15
N TYR B 117 7.71 21.38 -34.42
CA TYR B 117 7.18 20.09 -34.85
C TYR B 117 8.28 19.04 -34.91
N LEU B 118 9.52 19.45 -35.16
CA LEU B 118 10.63 18.50 -35.17
C LEU B 118 11.13 18.16 -33.78
N GLN B 119 10.66 18.85 -32.75
CA GLN B 119 10.86 18.43 -31.36
C GLN B 119 9.64 17.60 -31.00
N PHE B 120 9.75 16.29 -31.16
CA PHE B 120 8.58 15.44 -31.05
C PHE B 120 8.13 15.29 -29.60
N GLN B 121 7.57 16.36 -29.04
CA GLN B 121 7.11 16.32 -27.66
C GLN B 121 5.88 15.46 -27.53
N VAL B 122 5.65 14.94 -26.33
CA VAL B 122 4.51 14.09 -26.03
C VAL B 122 3.78 14.63 -24.81
N VAL B 123 2.47 14.42 -24.78
CA VAL B 123 1.64 14.77 -23.64
C VAL B 123 0.91 13.52 -23.19
N GLU B 124 0.94 13.25 -21.89
CA GLU B 124 0.29 12.08 -21.33
C GLU B 124 -1.05 12.49 -20.74
N LEU B 125 -2.07 11.67 -20.99
CA LEU B 125 -3.36 11.88 -20.34
C LEU B 125 -3.88 10.57 -19.78
N SER B 126 -4.49 10.65 -18.61
CA SER B 126 -5.04 9.48 -17.93
C SER B 126 -6.54 9.48 -18.06
N GLU B 127 -7.10 8.36 -18.52
CA GLU B 127 -8.53 8.21 -18.69
C GLU B 127 -8.97 6.87 -18.14
N ILE B 128 -10.17 6.82 -17.57
CA ILE B 128 -10.71 5.59 -17.02
C ILE B 128 -11.48 4.88 -18.13
N LYS B 129 -10.97 3.72 -18.55
CA LYS B 129 -11.61 2.88 -19.53
C LYS B 129 -12.52 1.89 -18.82
N ASP B 130 -13.80 1.93 -19.16
CA ASP B 130 -14.78 0.94 -18.78
C ASP B 130 -15.09 0.05 -19.97
N SER B 131 -15.70 -1.10 -19.68
CA SER B 131 -16.03 -2.10 -20.69
C SER B 131 -14.78 -2.64 -21.38
N MET B 132 -13.61 -2.21 -20.94
CA MET B 132 -12.37 -2.82 -21.40
C MET B 132 -12.14 -4.13 -20.67
N PRO B 133 -11.91 -5.23 -21.38
CA PRO B 133 -11.73 -6.51 -20.70
C PRO B 133 -10.45 -6.52 -19.88
N VAL B 134 -10.59 -6.85 -18.61
CA VAL B 134 -9.46 -6.91 -17.69
C VAL B 134 -8.88 -8.30 -17.71
N GLU B 135 -7.56 -8.38 -17.72
CA GLU B 135 -6.85 -9.66 -17.72
C GLU B 135 -6.33 -9.96 -16.32
N TYR B 136 -6.65 -11.14 -15.82
CA TYR B 136 -6.14 -11.54 -14.52
C TYR B 136 -4.62 -11.68 -14.60
N PRO B 137 -3.89 -11.19 -13.61
CA PRO B 137 -2.42 -11.20 -13.69
C PRO B 137 -1.86 -12.61 -13.60
N SER B 138 -0.55 -12.69 -13.78
CA SER B 138 0.18 -13.91 -13.49
C SER B 138 0.59 -13.88 -12.04
N VAL B 139 0.42 -15.00 -11.34
CA VAL B 139 0.66 -15.07 -9.91
C VAL B 139 1.72 -16.12 -9.67
N THR B 140 2.88 -15.70 -9.17
CA THR B 140 3.99 -16.61 -8.89
C THR B 140 4.14 -16.74 -7.38
N ILE B 141 4.07 -17.97 -6.88
CA ILE B 141 4.22 -18.23 -5.45
C ILE B 141 5.47 -19.06 -5.24
N CYS B 142 6.25 -18.68 -4.23
CA CYS B 142 7.47 -19.37 -3.86
C CYS B 142 7.46 -19.61 -2.37
N ASN B 143 8.05 -20.71 -1.93
CA ASN B 143 8.15 -20.99 -0.50
C ASN B 143 9.42 -20.35 0.05
N ILE B 144 9.30 -19.65 1.18
CA ILE B 144 10.43 -18.89 1.70
C ILE B 144 11.51 -19.81 2.22
N GLU B 145 11.14 -20.91 2.87
CA GLU B 145 12.12 -21.94 3.20
C GLU B 145 12.43 -22.75 1.95
N PRO B 146 13.61 -22.59 1.35
CA PRO B 146 13.85 -23.25 0.06
C PRO B 146 13.99 -24.76 0.16
N ILE B 147 14.46 -25.27 1.29
CA ILE B 147 14.80 -26.68 1.44
C ILE B 147 14.02 -27.26 2.61
N SER B 148 13.39 -28.40 2.39
CA SER B 148 12.73 -29.15 3.45
C SER B 148 13.76 -30.08 4.08
N LEU B 149 14.06 -29.86 5.36
CA LEU B 149 15.08 -30.67 6.03
C LEU B 149 14.61 -32.10 6.22
N ARG B 150 13.30 -32.31 6.41
CA ARG B 150 12.80 -33.66 6.60
C ARG B 150 12.98 -34.50 5.33
N LYS B 151 12.85 -33.87 4.17
CA LYS B 151 13.12 -34.58 2.92
C LYS B 151 14.57 -35.03 2.86
N ILE B 152 15.50 -34.15 3.25
CA ILE B 152 16.90 -34.54 3.32
C ILE B 152 17.09 -35.70 4.30
N ARG B 153 16.40 -35.65 5.44
CA ARG B 153 16.58 -36.69 6.44
C ARG B 153 16.09 -38.04 5.94
N LYS B 154 14.92 -38.08 5.30
CA LYS B 154 14.44 -39.40 4.89
C LYS B 154 15.09 -39.89 3.60
N ALA B 155 15.56 -39.00 2.73
CA ALA B 155 16.41 -39.44 1.63
C ALA B 155 17.79 -39.85 2.12
N TYR B 156 18.18 -39.34 3.28
CA TYR B 156 19.41 -39.78 3.93
C TYR B 156 19.31 -41.23 4.37
N ASN B 157 18.12 -41.64 4.82
CA ASN B 157 17.87 -43.03 5.18
C ASN B 157 17.57 -43.91 3.97
N LYS B 158 17.22 -43.32 2.84
CA LYS B 158 16.93 -44.10 1.65
C LYS B 158 18.21 -44.73 1.10
N ASN B 159 18.06 -45.94 0.54
CA ASN B 159 19.16 -46.53 -0.22
C ASN B 159 19.40 -45.74 -1.49
N GLU B 160 18.34 -45.27 -2.12
CA GLU B 160 18.45 -44.44 -3.32
C GLU B 160 18.90 -43.04 -2.93
N SER B 161 19.11 -42.19 -3.94
CA SER B 161 19.63 -40.83 -3.77
C SER B 161 21.04 -40.88 -3.16
N GLN B 162 21.95 -41.51 -3.90
CA GLN B 162 23.34 -41.60 -3.47
C GLN B 162 24.13 -40.35 -3.81
N ASN B 163 23.74 -39.64 -4.88
CA ASN B 163 24.41 -38.39 -5.22
C ASN B 163 24.34 -37.41 -4.06
N LEU B 164 23.25 -37.43 -3.30
CA LEU B 164 23.12 -36.52 -2.16
C LEU B 164 24.16 -36.83 -1.09
N LYS B 165 24.33 -38.10 -0.75
CA LYS B 165 25.36 -38.48 0.21
C LYS B 165 26.74 -38.11 -0.30
N ASP B 166 27.01 -38.40 -1.57
CA ASP B 166 28.30 -38.06 -2.15
C ASP B 166 28.57 -36.56 -2.04
N TRP B 167 27.60 -35.74 -2.45
CA TRP B 167 27.79 -34.30 -2.46
C TRP B 167 27.94 -33.74 -1.05
N LEU B 168 27.13 -34.22 -0.10
CA LEU B 168 27.22 -33.69 1.26
C LEU B 168 28.55 -34.05 1.90
N ASN B 169 28.92 -35.33 1.85
CA ASN B 169 30.19 -35.78 2.40
C ASN B 169 31.37 -35.09 1.71
N PHE B 170 31.24 -34.82 0.41
CA PHE B 170 32.29 -34.11 -0.31
C PHE B 170 32.42 -32.67 0.16
N THR B 171 31.29 -31.97 0.32
CA THR B 171 31.37 -30.57 0.71
C THR B 171 31.77 -30.41 2.17
N GLN B 172 31.62 -31.45 3.00
CA GLN B 172 32.11 -31.32 4.36
C GLN B 172 33.53 -31.83 4.54
N THR B 173 34.04 -32.62 3.60
CA THR B 173 35.39 -33.18 3.77
C THR B 173 36.50 -32.24 3.32
N PHE B 174 36.21 -31.28 2.45
CA PHE B 174 37.22 -30.39 1.89
C PHE B 174 37.04 -28.96 2.41
N HIS B 175 37.87 -28.06 1.89
CA HIS B 175 37.80 -26.64 2.19
C HIS B 175 37.61 -25.86 0.91
N PHE B 176 36.67 -24.92 0.93
CA PHE B 176 36.33 -24.12 -0.25
C PHE B 176 36.40 -22.64 0.09
N LYS B 177 37.03 -21.87 -0.80
CA LYS B 177 36.85 -20.43 -0.76
C LYS B 177 35.43 -20.07 -1.16
N ASP B 178 34.90 -19.00 -0.57
CA ASP B 178 33.49 -18.63 -0.73
C ASP B 178 32.59 -19.78 -0.25
N MET B 179 32.72 -20.09 1.03
CA MET B 179 31.93 -21.16 1.62
C MET B 179 30.45 -20.79 1.73
N SER B 180 30.12 -19.50 1.66
CA SER B 180 28.74 -19.08 1.70
C SER B 180 27.95 -19.57 0.50
N PHE B 181 28.64 -19.92 -0.60
CA PHE B 181 27.99 -20.47 -1.79
C PHE B 181 27.92 -21.98 -1.75
N MET B 182 28.91 -22.63 -1.16
CA MET B 182 28.92 -24.09 -1.10
C MET B 182 27.78 -24.61 -0.22
N ASN B 183 27.47 -23.87 0.85
CA ASN B 183 26.33 -24.20 1.70
C ASN B 183 25.02 -23.69 1.15
N SER B 184 25.05 -22.86 0.12
CA SER B 184 23.84 -22.31 -0.47
C SER B 184 23.06 -23.41 -1.18
N ILE B 185 21.88 -23.04 -1.70
CA ILE B 185 21.08 -23.96 -2.50
C ILE B 185 21.51 -23.94 -3.97
N ARG B 186 22.22 -22.90 -4.40
CA ARG B 186 22.67 -22.86 -5.78
C ARG B 186 23.72 -23.93 -6.05
N ALA B 187 24.55 -24.25 -5.07
CA ALA B 187 25.49 -25.36 -5.23
C ALA B 187 24.76 -26.68 -5.42
N PHE B 188 23.72 -26.91 -4.61
CA PHE B 188 22.86 -28.08 -4.78
C PHE B 188 22.30 -28.13 -6.19
N TYR B 189 21.77 -27.01 -6.67
CA TYR B 189 21.13 -27.00 -7.99
C TYR B 189 22.15 -27.26 -9.10
N GLU B 190 23.31 -26.61 -9.03
CA GLU B 190 24.24 -26.65 -10.14
C GLU B 190 25.00 -27.97 -10.19
N ASN B 191 25.34 -28.55 -9.04
CA ASN B 191 26.17 -29.73 -9.03
C ASN B 191 25.38 -31.03 -8.97
N LEU B 192 24.06 -30.96 -8.76
CA LEU B 192 23.17 -32.12 -8.80
C LEU B 192 22.01 -31.71 -9.70
N GLY B 193 22.14 -32.00 -10.99
CA GLY B 193 21.21 -31.43 -11.96
C GLY B 193 19.78 -31.87 -11.74
N SER B 194 19.57 -33.17 -11.52
CA SER B 194 18.23 -33.72 -11.40
C SER B 194 17.89 -34.19 -9.99
N ASP B 195 18.86 -34.64 -9.22
CA ASP B 195 18.60 -35.06 -7.85
C ASP B 195 18.14 -33.91 -6.97
N ALA B 196 18.42 -32.67 -7.34
CA ALA B 196 18.04 -31.52 -6.53
C ALA B 196 16.53 -31.34 -6.45
N LYS B 197 15.76 -31.98 -7.34
CA LYS B 197 14.32 -31.95 -7.23
C LYS B 197 13.82 -32.79 -6.06
N LYS B 198 14.68 -33.59 -5.45
CA LYS B 198 14.29 -34.43 -4.34
C LYS B 198 14.47 -33.76 -2.98
N ILE B 199 14.84 -32.49 -2.96
CA ILE B 199 15.12 -31.78 -1.71
C ILE B 199 14.18 -30.60 -1.56
N SER B 200 13.67 -30.11 -2.68
CA SER B 200 12.82 -28.94 -2.68
C SER B 200 11.41 -29.30 -2.24
N HIS B 201 10.50 -28.34 -2.34
CA HIS B 201 9.09 -28.56 -2.05
C HIS B 201 8.34 -28.79 -3.35
N ASP B 202 7.52 -29.83 -3.36
CA ASP B 202 6.66 -30.11 -4.51
C ASP B 202 5.36 -29.35 -4.36
N LEU B 203 4.79 -28.93 -5.49
CA LEU B 203 3.56 -28.15 -5.43
C LEU B 203 2.41 -28.94 -4.82
N ARG B 204 2.42 -30.27 -4.97
CA ARG B 204 1.37 -31.06 -4.35
C ARG B 204 1.48 -31.02 -2.83
N ASP B 205 2.72 -30.95 -2.31
CA ASP B 205 2.90 -30.81 -0.86
C ASP B 205 2.46 -29.44 -0.38
N LEU B 206 2.72 -28.39 -1.16
CA LEU B 206 2.37 -27.04 -0.73
C LEU B 206 0.88 -26.77 -0.92
N LEU B 207 0.42 -26.81 -2.17
CA LEU B 207 -0.93 -26.35 -2.51
C LEU B 207 -1.95 -27.41 -2.12
N ILE B 208 -2.70 -27.18 -1.05
CA ILE B 208 -3.73 -28.13 -0.67
C ILE B 208 -5.12 -27.69 -1.07
N HIS B 209 -5.28 -26.46 -1.57
CA HIS B 209 -6.56 -26.08 -2.16
C HIS B 209 -6.37 -24.90 -3.09
N CYS B 210 -6.90 -24.99 -4.30
CA CYS B 210 -6.95 -23.85 -5.20
C CYS B 210 -8.36 -23.70 -5.73
N ARG B 211 -8.69 -22.47 -6.13
CA ARG B 211 -10.02 -22.20 -6.66
C ARG B 211 -9.97 -20.91 -7.45
N PHE B 212 -10.36 -20.94 -8.71
CA PHE B 212 -10.39 -19.74 -9.53
C PHE B 212 -11.78 -19.59 -10.13
N ASN B 213 -12.35 -18.39 -9.98
CA ASN B 213 -13.65 -18.06 -10.56
C ASN B 213 -14.71 -19.09 -10.18
N ARG B 214 -14.65 -19.54 -8.93
CA ARG B 214 -15.57 -20.54 -8.39
C ARG B 214 -15.42 -21.90 -9.06
N GLU B 215 -14.28 -22.16 -9.68
CA GLU B 215 -13.98 -23.45 -10.28
C GLU B 215 -12.72 -24.02 -9.65
N GLU B 216 -12.75 -25.31 -9.33
CA GLU B 216 -11.64 -25.93 -8.61
C GLU B 216 -10.40 -26.01 -9.48
N CYS B 217 -9.25 -25.74 -8.87
CA CYS B 217 -7.96 -25.92 -9.52
C CYS B 217 -7.42 -27.31 -9.26
N THR B 218 -6.23 -27.57 -9.80
CA THR B 218 -5.34 -28.62 -9.34
C THR B 218 -3.93 -28.07 -9.45
N THR B 219 -2.95 -28.93 -9.20
CA THR B 219 -1.57 -28.56 -9.49
C THR B 219 -1.26 -28.63 -10.98
N GLU B 220 -2.27 -28.95 -11.80
CA GLU B 220 -2.04 -29.21 -13.22
C GLU B 220 -1.90 -27.94 -14.03
N ASN B 221 -2.33 -26.79 -13.51
CA ASN B 221 -2.17 -25.55 -14.25
C ASN B 221 -1.34 -24.54 -13.47
N PHE B 222 -0.28 -25.03 -12.82
CA PHE B 222 0.83 -24.24 -12.33
C PHE B 222 2.10 -24.71 -13.03
N THR B 223 2.94 -23.76 -13.43
CA THR B 223 4.21 -24.08 -14.09
C THR B 223 5.37 -23.78 -13.15
N SER B 224 6.29 -24.72 -13.01
CA SER B 224 7.40 -24.58 -12.08
C SER B 224 8.62 -24.01 -12.77
N SER B 225 9.31 -23.10 -12.09
CA SER B 225 10.57 -22.55 -12.55
C SER B 225 11.57 -22.57 -11.41
N PHE B 226 12.85 -22.76 -11.74
CA PHE B 226 13.87 -22.67 -10.71
C PHE B 226 14.11 -21.21 -10.34
N ASP B 227 14.37 -20.98 -9.06
CA ASP B 227 14.73 -19.64 -8.62
C ASP B 227 15.93 -19.69 -7.68
N GLY B 228 16.71 -18.62 -7.68
CA GLY B 228 17.74 -18.47 -6.66
C GLY B 228 17.10 -18.15 -5.32
N ASN B 229 17.69 -18.71 -4.26
CA ASN B 229 17.36 -18.43 -2.86
C ASN B 229 15.90 -18.73 -2.50
N TYR B 230 15.11 -19.24 -3.44
CA TYR B 230 13.82 -19.86 -3.15
C TYR B 230 13.67 -21.22 -3.79
N PHE B 231 14.43 -21.48 -4.86
CA PHE B 231 14.69 -22.72 -5.58
C PHE B 231 13.54 -23.14 -6.47
N ASN B 232 12.31 -22.75 -6.14
CA ASN B 232 11.16 -23.10 -6.95
C ASN B 232 10.12 -22.00 -6.86
N CYS B 233 9.56 -21.64 -8.01
CA CYS B 233 8.50 -20.65 -8.06
C CYS B 233 7.46 -21.14 -9.04
N PHE B 234 6.23 -21.28 -8.56
CA PHE B 234 5.13 -21.84 -9.33
C PHE B 234 4.22 -20.73 -9.81
N THR B 235 4.03 -20.67 -11.11
CA THR B 235 3.28 -19.58 -11.74
C THR B 235 1.91 -20.09 -12.16
N PHE B 236 0.88 -19.36 -11.77
CA PHE B 236 -0.48 -19.52 -12.24
C PHE B 236 -0.77 -18.44 -13.26
N ASN B 237 -1.42 -18.82 -14.36
CA ASN B 237 -1.75 -17.91 -15.45
C ASN B 237 -0.49 -17.35 -16.10
N GLY B 238 0.49 -18.23 -16.32
CA GLY B 238 1.74 -17.81 -16.92
C GLY B 238 1.71 -17.62 -18.42
N GLY B 239 0.57 -17.92 -19.06
CA GLY B 239 0.43 -17.72 -20.48
C GLY B 239 1.03 -18.79 -21.36
N GLN B 240 1.35 -19.95 -20.82
CA GLN B 240 1.92 -21.04 -21.60
C GLN B 240 1.00 -22.25 -21.71
N LEU B 241 0.51 -22.76 -20.59
CA LEU B 241 -0.41 -23.90 -20.63
C LEU B 241 -1.71 -23.53 -21.32
N ARG B 242 -2.22 -22.33 -21.03
CA ARG B 242 -3.54 -21.91 -21.48
C ARG B 242 -3.42 -20.49 -22.04
N ASP B 243 -4.49 -20.03 -22.68
CA ASP B 243 -4.58 -18.62 -23.05
C ASP B 243 -4.71 -17.78 -21.79
N GLN B 244 -4.60 -16.46 -21.97
CA GLN B 244 -4.68 -15.55 -20.84
C GLN B 244 -6.08 -15.55 -20.25
N LEU B 245 -6.17 -15.67 -18.94
CA LEU B 245 -7.44 -15.62 -18.25
C LEU B 245 -7.95 -14.19 -18.16
N GLN B 246 -9.25 -14.04 -17.97
CA GLN B 246 -9.88 -12.73 -17.91
C GLN B 246 -10.82 -12.68 -16.73
N MET B 247 -11.00 -11.49 -16.20
CA MET B 247 -11.88 -11.30 -15.06
C MET B 247 -13.12 -10.52 -15.43
N HIS B 248 -14.26 -11.08 -15.08
CA HIS B 248 -15.55 -10.45 -15.35
C HIS B 248 -16.33 -10.15 -14.08
N ALA B 249 -15.67 -10.22 -12.92
CA ALA B 249 -16.31 -9.97 -11.64
C ALA B 249 -15.25 -9.49 -10.66
N THR B 250 -15.71 -8.95 -9.55
CA THR B 250 -14.84 -8.42 -8.52
C THR B 250 -15.09 -9.12 -7.19
N GLY B 251 -14.16 -8.95 -6.26
CA GLY B 251 -14.33 -9.48 -4.93
C GLY B 251 -13.63 -10.79 -4.73
N PRO B 252 -13.47 -11.18 -3.47
CA PRO B 252 -12.74 -12.42 -3.17
C PRO B 252 -13.38 -13.68 -3.70
N GLU B 253 -14.71 -13.71 -3.89
CA GLU B 253 -15.35 -14.95 -4.34
C GLU B 253 -14.90 -15.33 -5.75
N ASN B 254 -14.75 -14.34 -6.62
CA ASN B 254 -14.52 -14.60 -8.03
C ASN B 254 -13.05 -14.63 -8.42
N GLY B 255 -12.13 -14.33 -7.50
CA GLY B 255 -10.72 -14.35 -7.79
C GLY B 255 -10.09 -15.68 -7.43
N LEU B 256 -8.76 -15.68 -7.41
CA LEU B 256 -8.00 -16.87 -7.07
C LEU B 256 -7.92 -17.01 -5.56
N SER B 257 -8.14 -18.23 -5.06
CA SER B 257 -8.06 -18.52 -3.64
C SER B 257 -7.23 -19.76 -3.43
N LEU B 258 -6.26 -19.69 -2.53
CA LEU B 258 -5.32 -20.77 -2.29
C LEU B 258 -5.25 -21.04 -0.80
N ILE B 259 -5.33 -22.30 -0.42
CA ILE B 259 -4.96 -22.75 0.91
C ILE B 259 -3.65 -23.49 0.76
N ILE B 260 -2.61 -22.96 1.40
CA ILE B 260 -1.22 -23.40 1.24
C ILE B 260 -0.70 -23.85 2.58
N SER B 261 0.11 -24.89 2.58
CA SER B 261 0.85 -25.32 3.77
C SER B 261 2.33 -25.12 3.49
N ILE B 262 2.99 -24.34 4.36
CA ILE B 262 4.39 -24.01 4.13
C ILE B 262 5.33 -25.14 4.50
N GLU B 263 4.79 -26.29 4.91
CA GLU B 263 5.58 -27.51 5.12
C GLU B 263 6.68 -27.31 6.16
N LYS B 264 6.38 -26.55 7.20
CA LYS B 264 7.32 -26.36 8.29
C LYS B 264 7.62 -27.71 8.94
N ASP B 265 8.88 -27.89 9.33
CA ASP B 265 9.33 -29.18 9.86
C ASP B 265 9.87 -29.01 11.28
N GLU B 266 9.64 -30.01 12.10
CA GLU B 266 10.10 -30.00 13.49
C GLU B 266 11.57 -30.40 13.55
N PRO B 267 12.43 -29.57 14.14
CA PRO B 267 13.84 -29.94 14.26
C PRO B 267 14.03 -31.09 15.23
N LEU B 268 15.13 -31.84 15.03
CA LEU B 268 15.45 -32.95 15.89
C LEU B 268 15.90 -32.45 17.26
N PRO B 269 15.75 -33.28 18.31
CA PRO B 269 16.00 -32.79 19.68
C PRO B 269 17.40 -32.25 19.91
N GLY B 270 18.42 -32.80 19.26
CA GLY B 270 19.78 -32.41 19.58
C GLY B 270 20.47 -31.50 18.57
N THR B 271 19.81 -31.22 17.46
CA THR B 271 20.42 -30.43 16.39
C THR B 271 19.87 -29.01 16.40
N TYR B 272 20.74 -28.07 16.04
CA TYR B 272 20.35 -26.67 15.90
C TYR B 272 21.02 -26.10 14.66
N GLY B 273 20.43 -25.03 14.14
CA GLY B 273 20.93 -24.42 12.92
C GLY B 273 21.86 -23.25 13.21
N VAL B 274 22.45 -22.74 12.14
CA VAL B 274 23.40 -21.63 12.21
C VAL B 274 22.80 -20.45 11.47
N TYR B 275 22.57 -19.35 12.19
CA TYR B 275 22.01 -18.15 11.57
C TYR B 275 23.06 -17.53 10.67
N ASN B 276 22.81 -17.54 9.37
CA ASN B 276 23.69 -16.90 8.40
C ASN B 276 23.50 -15.40 8.51
N PHE B 277 24.35 -14.76 9.29
CA PHE B 277 24.20 -13.31 9.48
C PHE B 277 24.65 -12.53 8.30
N GLU B 278 24.98 -13.18 7.19
CA GLU B 278 25.35 -12.50 5.96
C GLU B 278 24.30 -12.68 4.87
N ASN B 279 23.04 -12.88 5.24
CA ASN B 279 21.94 -12.89 4.29
C ASN B 279 20.72 -12.26 4.95
N ASN B 280 20.02 -11.43 4.20
CA ASN B 280 18.90 -10.64 4.73
C ASN B 280 17.55 -11.30 4.50
N ILE B 281 17.52 -12.52 3.97
CA ILE B 281 16.27 -13.11 3.52
C ILE B 281 16.02 -14.44 4.22
N LEU B 282 17.09 -15.08 4.67
CA LEU B 282 16.98 -16.45 5.15
C LEU B 282 16.30 -16.49 6.51
N HIS B 283 15.87 -17.71 6.88
CA HIS B 283 15.39 -18.03 8.22
C HIS B 283 14.02 -17.42 8.51
N SER B 284 13.18 -17.30 7.50
CA SER B 284 11.79 -16.87 7.65
C SER B 284 10.86 -18.02 7.27
N ALA B 285 9.59 -17.81 7.54
CA ALA B 285 8.53 -18.72 7.12
C ALA B 285 7.41 -17.91 6.49
N GLY B 286 6.78 -18.46 5.47
CA GLY B 286 5.72 -17.78 4.79
C GLY B 286 5.75 -18.10 3.33
N VAL B 287 5.13 -17.25 2.52
CA VAL B 287 5.09 -17.45 1.07
C VAL B 287 5.42 -16.13 0.39
N ARG B 288 6.32 -16.18 -0.59
CA ARG B 288 6.65 -15.01 -1.38
C ARG B 288 5.76 -14.99 -2.62
N VAL B 289 4.96 -13.93 -2.77
CA VAL B 289 3.97 -13.83 -3.83
C VAL B 289 4.38 -12.69 -4.75
N VAL B 290 4.32 -12.94 -6.07
CA VAL B 290 4.56 -11.93 -7.08
C VAL B 290 3.33 -11.87 -7.96
N VAL B 291 2.77 -10.67 -8.09
CA VAL B 291 1.63 -10.43 -8.96
C VAL B 291 2.14 -9.57 -10.11
N HIS B 292 2.30 -10.17 -11.29
CA HIS B 292 2.93 -9.47 -12.39
C HIS B 292 2.07 -9.54 -13.63
N ALA B 293 2.46 -8.74 -14.63
CA ALA B 293 1.70 -8.62 -15.86
C ALA B 293 1.60 -9.98 -16.55
N PRO B 294 0.49 -10.27 -17.20
CA PRO B 294 0.27 -11.62 -17.74
C PRO B 294 1.32 -11.99 -18.78
N GLY B 295 2.04 -13.06 -18.49
CA GLY B 295 3.04 -13.56 -19.41
C GLY B 295 4.40 -12.93 -19.29
N SER B 296 4.64 -12.11 -18.28
CA SER B 296 5.92 -11.46 -18.08
C SER B 296 6.83 -12.33 -17.23
N MET B 297 8.00 -11.84 -16.98
CA MET B 297 8.98 -12.61 -16.22
C MET B 297 8.89 -12.28 -14.74
N PRO B 298 8.78 -13.26 -13.86
CA PRO B 298 8.72 -12.98 -12.43
C PRO B 298 10.09 -12.59 -11.88
N SER B 299 10.06 -11.93 -10.73
CA SER B 299 11.27 -11.60 -9.97
C SER B 299 10.94 -11.66 -8.50
N PRO B 300 10.89 -12.86 -7.91
CA PRO B 300 10.39 -12.99 -6.54
C PRO B 300 11.17 -12.21 -5.50
N VAL B 301 12.49 -12.10 -5.66
CA VAL B 301 13.29 -11.43 -4.64
C VAL B 301 13.02 -9.93 -4.63
N ASP B 302 12.89 -9.34 -5.82
CA ASP B 302 12.75 -7.90 -5.93
C ASP B 302 11.31 -7.44 -5.78
N HIS B 303 10.39 -8.02 -6.54
CA HIS B 303 9.03 -7.53 -6.66
C HIS B 303 8.02 -8.32 -5.84
N GLY B 304 8.45 -9.30 -5.08
CA GLY B 304 7.50 -10.08 -4.30
C GLY B 304 7.11 -9.41 -3.01
N PHE B 305 6.15 -10.01 -2.32
CA PHE B 305 5.80 -9.62 -0.96
C PHE B 305 5.52 -10.88 -0.16
N ASP B 306 5.81 -10.82 1.13
CA ASP B 306 5.71 -12.00 1.98
C ASP B 306 4.32 -12.14 2.57
N ILE B 307 3.94 -13.38 2.85
CA ILE B 307 2.66 -13.71 3.44
C ILE B 307 2.95 -14.61 4.64
N PRO B 308 2.48 -14.26 5.83
CA PRO B 308 2.81 -15.04 7.02
C PRO B 308 1.83 -16.18 7.22
N PRO B 309 2.27 -17.27 7.83
CA PRO B 309 1.37 -18.39 8.11
C PRO B 309 0.40 -18.06 9.24
N GLY B 310 -0.73 -18.74 9.21
CA GLY B 310 -1.75 -18.55 10.23
C GLY B 310 -2.66 -17.38 10.02
N TYR B 311 -2.60 -16.73 8.87
CA TYR B 311 -3.46 -15.61 8.55
C TYR B 311 -4.03 -15.80 7.16
N SER B 312 -5.30 -15.44 7.00
CA SER B 312 -5.89 -15.29 5.68
C SER B 312 -5.53 -13.91 5.17
N SER B 313 -4.72 -13.85 4.13
CA SER B 313 -4.26 -12.58 3.59
C SER B 313 -4.92 -12.36 2.24
N SER B 314 -5.52 -11.19 2.07
CA SER B 314 -6.24 -10.84 0.85
C SER B 314 -5.49 -9.72 0.14
N VAL B 315 -5.32 -9.88 -1.16
CA VAL B 315 -4.65 -8.91 -2.02
C VAL B 315 -5.68 -8.41 -3.01
N GLY B 316 -6.04 -7.13 -2.90
CA GLY B 316 -6.96 -6.51 -3.82
C GLY B 316 -6.20 -5.69 -4.84
N LEU B 317 -6.51 -5.93 -6.12
CA LEU B 317 -5.74 -5.37 -7.22
C LEU B 317 -6.57 -4.38 -8.02
N LYS B 318 -5.92 -3.33 -8.49
CA LYS B 318 -6.48 -2.38 -9.44
C LYS B 318 -5.56 -2.30 -10.65
N ALA B 319 -6.11 -2.48 -11.83
CA ALA B 319 -5.34 -2.60 -13.06
C ALA B 319 -5.00 -1.23 -13.62
N LEU B 320 -3.79 -1.09 -14.13
CA LEU B 320 -3.32 0.13 -14.78
C LEU B 320 -2.70 -0.26 -16.11
N LEU B 321 -2.90 0.56 -17.13
CA LEU B 321 -2.31 0.31 -18.43
C LEU B 321 -1.56 1.56 -18.89
N HIS B 322 -0.32 1.37 -19.30
CA HIS B 322 0.52 2.44 -19.81
C HIS B 322 0.73 2.20 -21.29
N THR B 323 0.38 3.18 -22.11
CA THR B 323 0.54 3.10 -23.55
C THR B 323 1.55 4.16 -23.96
N ARG B 324 2.67 3.73 -24.53
CA ARG B 324 3.73 4.63 -24.94
C ARG B 324 3.79 4.70 -26.47
N LEU B 325 4.50 5.70 -26.96
CA LEU B 325 4.62 5.96 -28.38
C LEU B 325 5.97 5.46 -28.89
N SER B 326 5.98 4.92 -30.10
CA SER B 326 7.19 4.42 -30.72
C SER B 326 7.91 5.59 -31.41
N GLU B 327 8.90 5.27 -32.24
CA GLU B 327 9.64 6.30 -32.95
C GLU B 327 8.70 7.06 -33.89
N PRO B 328 8.94 8.36 -34.10
CA PRO B 328 10.06 9.17 -33.60
C PRO B 328 9.81 9.83 -32.24
N TYR B 329 8.68 9.54 -31.62
CA TYR B 329 8.37 10.16 -30.33
C TYR B 329 9.12 9.52 -29.17
N GLY B 330 9.67 8.34 -29.36
CA GLY B 330 10.43 7.68 -28.33
C GLY B 330 10.98 6.37 -28.86
N ASN B 331 11.89 5.79 -28.08
CA ASN B 331 12.52 4.53 -28.43
C ASN B 331 11.88 3.33 -27.75
N CYS B 332 10.56 3.35 -27.54
CA CYS B 332 9.87 2.19 -27.02
C CYS B 332 9.71 1.12 -28.11
N THR B 333 9.48 -0.11 -27.68
CA THR B 333 9.42 -1.24 -28.60
C THR B 333 8.22 -2.13 -28.31
N GLU B 334 7.80 -2.88 -29.32
CA GLU B 334 6.77 -3.90 -29.21
C GLU B 334 7.34 -5.31 -29.16
N ASP B 335 8.66 -5.45 -29.08
CA ASP B 335 9.26 -6.77 -29.10
C ASP B 335 8.99 -7.52 -27.79
N SER B 336 9.48 -8.75 -27.71
CA SER B 336 9.30 -9.58 -26.53
C SER B 336 10.62 -10.24 -26.17
N LEU B 337 10.84 -10.44 -24.87
CA LEU B 337 12.08 -11.03 -24.41
C LEU B 337 12.15 -12.51 -24.76
N GLU B 338 13.36 -12.99 -24.99
CA GLU B 338 13.57 -14.39 -25.34
C GLU B 338 13.89 -15.25 -24.14
N GLY B 339 15.00 -14.98 -23.46
CA GLY B 339 15.34 -15.75 -22.27
C GLY B 339 15.34 -17.24 -22.53
N ILE B 340 14.78 -17.99 -21.58
CA ILE B 340 14.59 -19.42 -21.77
C ILE B 340 13.26 -19.71 -22.47
N GLN B 341 12.27 -18.83 -22.31
CA GLN B 341 11.00 -18.95 -22.99
C GLN B 341 10.51 -17.55 -23.31
N THR B 342 9.72 -17.42 -24.37
CA THR B 342 9.26 -16.13 -24.81
C THR B 342 8.46 -15.44 -23.71
N TYR B 343 8.93 -14.27 -23.29
CA TYR B 343 8.33 -13.50 -22.21
C TYR B 343 7.82 -12.18 -22.76
N ARG B 344 6.70 -11.71 -22.22
CA ARG B 344 6.26 -10.36 -22.51
C ARG B 344 7.28 -9.37 -21.97
N ASN B 345 7.51 -8.29 -22.72
CA ASN B 345 8.65 -7.42 -22.44
C ASN B 345 8.41 -6.59 -21.18
N THR B 346 9.39 -6.60 -20.28
CA THR B 346 9.47 -5.66 -19.18
C THR B 346 10.91 -5.21 -19.06
N PHE B 347 11.11 -3.96 -18.63
CA PHE B 347 12.45 -3.38 -18.61
C PHE B 347 13.35 -4.10 -17.62
N PHE B 348 12.84 -4.42 -16.43
CA PHE B 348 13.66 -5.05 -15.41
C PHE B 348 14.17 -6.41 -15.88
N ALA B 349 13.31 -7.20 -16.53
CA ALA B 349 13.73 -8.49 -17.03
C ALA B 349 14.75 -8.35 -18.15
N CYS B 350 14.61 -7.32 -18.98
CA CYS B 350 15.64 -7.07 -19.99
C CYS B 350 16.98 -6.78 -19.35
N LEU B 351 16.98 -6.00 -18.26
CA LEU B 351 18.24 -5.72 -17.58
C LEU B 351 18.84 -6.98 -16.98
N GLN B 352 18.00 -7.86 -16.42
CA GLN B 352 18.52 -9.11 -15.87
C GLN B 352 19.14 -9.98 -16.97
N LEU B 353 18.47 -10.07 -18.12
CA LEU B 353 19.02 -10.83 -19.23
C LEU B 353 20.31 -10.20 -19.75
N CYS B 354 20.39 -8.87 -19.74
CA CYS B 354 21.62 -8.19 -20.10
C CYS B 354 22.76 -8.56 -19.16
N LYS B 355 22.47 -8.61 -17.86
CA LYS B 355 23.50 -9.03 -16.90
C LYS B 355 23.98 -10.45 -17.21
N GLN B 356 23.03 -11.35 -17.48
CA GLN B 356 23.41 -12.74 -17.77
C GLN B 356 24.29 -12.81 -19.03
N ARG B 357 23.90 -12.07 -20.07
CA ARG B 357 24.70 -12.06 -21.29
C ARG B 357 26.09 -11.49 -21.05
N ARG B 358 26.18 -10.45 -20.21
CA ARG B 358 27.48 -9.89 -19.90
C ARG B 358 28.37 -10.90 -19.18
N LEU B 359 27.81 -11.64 -18.23
CA LEU B 359 28.60 -12.68 -17.56
C LEU B 359 29.09 -13.72 -18.56
N ILE B 360 28.18 -14.20 -19.42
CA ILE B 360 28.53 -15.21 -20.40
C ILE B 360 29.65 -14.70 -21.32
N ARG B 361 29.53 -13.45 -21.77
CA ARG B 361 30.56 -12.88 -22.63
C ARG B 361 31.89 -12.76 -21.91
N GLU B 362 31.87 -12.28 -20.65
CA GLU B 362 33.13 -11.96 -19.99
C GLU B 362 33.91 -13.21 -19.62
N CYS B 363 33.29 -14.16 -18.91
CA CYS B 363 34.04 -15.36 -18.59
C CYS B 363 33.22 -16.64 -18.66
N LYS B 364 32.48 -16.81 -19.76
CA LYS B 364 32.15 -18.12 -20.32
C LYS B 364 31.46 -19.02 -19.31
N CYS B 365 30.64 -18.44 -18.45
CA CYS B 365 29.72 -19.21 -17.63
C CYS B 365 28.57 -18.29 -17.23
N LYS B 366 27.46 -18.89 -16.84
CA LYS B 366 26.29 -18.15 -16.41
C LYS B 366 26.05 -18.37 -14.93
N SER B 367 25.29 -17.47 -14.33
CA SER B 367 25.03 -17.47 -12.89
C SER B 367 23.64 -18.00 -12.59
N SER B 368 23.50 -18.68 -11.46
CA SER B 368 22.20 -19.19 -11.04
C SER B 368 21.31 -18.09 -10.50
N ALA B 369 21.88 -17.04 -9.92
CA ALA B 369 21.12 -15.93 -9.36
C ALA B 369 20.58 -14.99 -10.41
N LEU B 370 20.60 -15.39 -11.67
CA LEU B 370 20.17 -14.58 -12.79
C LEU B 370 19.34 -15.44 -13.73
N PRO B 371 18.60 -14.84 -14.65
CA PRO B 371 17.76 -15.64 -15.55
C PRO B 371 18.57 -16.64 -16.36
N ASP B 372 18.00 -17.82 -16.57
CA ASP B 372 18.63 -18.82 -17.41
C ASP B 372 18.56 -18.41 -18.88
N LEU B 373 19.54 -18.84 -19.66
CA LEU B 373 19.62 -18.43 -21.05
C LEU B 373 19.72 -19.61 -22.00
N SER B 374 20.37 -20.69 -21.55
CA SER B 374 20.58 -21.90 -22.35
C SER B 374 21.33 -21.58 -23.66
N VAL B 375 22.58 -21.13 -23.50
CA VAL B 375 23.50 -20.91 -24.61
C VAL B 375 24.47 -22.08 -24.68
N GLU B 376 24.75 -22.54 -25.89
CA GLU B 376 25.54 -23.75 -26.09
C GLU B 376 26.97 -23.56 -25.61
N ASN B 377 27.57 -24.64 -25.09
CA ASN B 377 28.93 -24.64 -24.54
C ASN B 377 29.07 -23.84 -23.25
N ILE B 378 27.96 -23.55 -22.57
CA ILE B 378 27.98 -22.72 -21.38
C ILE B 378 27.30 -23.47 -20.25
N THR B 379 27.96 -23.52 -19.09
CA THR B 379 27.40 -24.12 -17.89
C THR B 379 27.47 -23.12 -16.75
N PHE B 380 26.89 -23.50 -15.61
CA PHE B 380 26.70 -22.57 -14.51
C PHE B 380 28.03 -22.18 -13.88
N CYS B 381 28.14 -20.91 -13.48
CA CYS B 381 29.31 -20.43 -12.76
C CYS B 381 29.28 -20.98 -11.34
N GLY B 382 29.93 -22.12 -11.11
CA GLY B 382 29.89 -22.70 -9.79
C GLY B 382 29.78 -24.20 -9.80
N VAL B 383 29.71 -24.79 -10.99
CA VAL B 383 29.79 -26.23 -11.12
C VAL B 383 31.24 -26.66 -10.97
N ILE B 384 31.47 -27.65 -10.12
CA ILE B 384 32.82 -28.20 -9.92
C ILE B 384 32.91 -29.47 -10.74
N PRO B 385 33.53 -29.43 -11.92
CA PRO B 385 33.49 -30.61 -12.80
C PRO B 385 34.19 -31.80 -12.17
N ASP B 386 33.55 -32.96 -12.30
CA ASP B 386 34.08 -34.22 -11.78
C ASP B 386 34.38 -34.13 -10.29
N TRP B 387 33.47 -33.49 -9.54
CA TRP B 387 33.62 -33.46 -8.08
C TRP B 387 33.51 -34.86 -7.50
N LYS B 388 32.80 -35.76 -8.18
CA LYS B 388 32.78 -37.16 -7.76
C LYS B 388 34.17 -37.78 -7.85
N ASP B 389 34.89 -37.47 -8.93
CA ASP B 389 36.27 -37.93 -9.04
C ASP B 389 37.18 -37.22 -8.05
N ILE B 390 36.91 -35.94 -7.76
CA ILE B 390 37.69 -35.22 -6.76
C ILE B 390 37.53 -35.87 -5.40
N ARG B 391 36.34 -36.40 -5.10
CA ARG B 391 36.18 -37.17 -3.88
C ARG B 391 37.17 -38.32 -3.82
N ARG B 392 37.21 -39.12 -4.87
CA ARG B 392 37.81 -40.45 -4.80
C ARG B 392 39.23 -40.41 -5.37
N ASN B 393 40.20 -40.38 -4.48
CA ASN B 393 41.59 -40.61 -4.85
C ASN B 393 41.85 -42.07 -5.18
N VAL B 394 41.52 -42.48 -6.41
CA VAL B 394 42.02 -43.74 -6.92
C VAL B 394 43.55 -43.70 -6.95
N THR B 395 44.11 -42.58 -7.39
CA THR B 395 45.53 -42.29 -7.26
C THR B 395 45.75 -41.32 -6.11
N GLY B 396 46.92 -41.41 -5.50
CA GLY B 396 47.21 -40.61 -4.32
C GLY B 396 47.08 -39.11 -4.57
N GLU B 397 46.02 -38.52 -4.02
CA GLU B 397 45.67 -37.13 -4.29
C GLU B 397 44.70 -36.65 -3.22
N TYR B 398 44.46 -35.34 -3.22
CA TYR B 398 43.37 -34.72 -2.47
C TYR B 398 43.46 -35.06 -0.98
N LYS B 399 44.51 -34.52 -0.37
CA LYS B 399 44.66 -34.53 1.07
C LYS B 399 43.46 -33.83 1.69
N MET B 400 42.96 -34.36 2.80
CA MET B 400 41.82 -33.74 3.46
C MET B 400 42.10 -32.28 3.83
N ASN B 401 41.01 -31.53 3.97
CA ASN B 401 41.01 -30.08 4.16
C ASN B 401 41.81 -29.40 3.05
N GLN B 402 41.62 -29.89 1.83
CA GLN B 402 42.27 -29.24 0.70
C GLN B 402 41.44 -28.07 0.22
N THR B 403 42.08 -27.21 -0.57
CA THR B 403 41.41 -26.09 -1.21
C THR B 403 41.16 -26.45 -2.66
N ILE B 404 39.90 -26.50 -3.06
CA ILE B 404 39.52 -26.84 -4.43
C ILE B 404 39.43 -25.54 -5.23
N PRO B 405 40.26 -25.36 -6.26
CA PRO B 405 40.26 -24.08 -6.98
C PRO B 405 39.02 -23.94 -7.85
N THR B 406 38.25 -22.88 -7.59
CA THR B 406 37.05 -22.57 -8.36
C THR B 406 37.22 -21.15 -8.89
N ILE B 407 37.87 -21.03 -10.05
CA ILE B 407 38.08 -19.72 -10.64
C ILE B 407 36.76 -19.13 -11.15
N SER B 408 35.83 -20.00 -11.55
CA SER B 408 34.56 -19.51 -12.06
C SER B 408 33.75 -18.79 -10.98
N LEU B 409 33.77 -19.29 -9.75
CA LEU B 409 33.10 -18.58 -8.66
C LEU B 409 33.71 -17.21 -8.43
N ALA B 410 35.04 -17.11 -8.43
CA ALA B 410 35.67 -15.82 -8.24
C ALA B 410 35.30 -14.86 -9.37
N CYS B 411 35.31 -15.35 -10.60
CA CYS B 411 34.88 -14.55 -11.74
C CYS B 411 33.46 -14.02 -11.55
N GLU B 412 32.53 -14.93 -11.25
CA GLU B 412 31.13 -14.54 -11.19
C GLU B 412 30.89 -13.61 -10.03
N ALA B 413 31.55 -13.83 -8.89
CA ALA B 413 31.41 -12.94 -7.75
C ALA B 413 31.96 -11.55 -8.05
N ARG B 414 33.13 -11.49 -8.69
CA ARG B 414 33.72 -10.19 -8.99
C ARG B 414 32.84 -9.40 -9.95
N VAL B 415 32.31 -10.07 -10.97
CA VAL B 415 31.45 -9.36 -11.92
C VAL B 415 30.12 -8.97 -11.27
N GLN B 416 29.57 -9.84 -10.41
CA GLN B 416 28.37 -9.45 -9.66
C GLN B 416 28.63 -8.19 -8.86
N LYS B 417 29.74 -8.12 -8.14
CA LYS B 417 30.00 -6.94 -7.32
C LYS B 417 30.18 -5.69 -8.19
N GLN B 418 30.88 -5.82 -9.31
CA GLN B 418 31.06 -4.68 -10.20
C GLN B 418 29.72 -4.20 -10.75
N LEU B 419 28.85 -5.12 -11.15
CA LEU B 419 27.55 -4.73 -11.69
C LEU B 419 26.64 -4.15 -10.61
N ASN B 420 26.75 -4.64 -9.37
CA ASN B 420 25.91 -4.15 -8.30
C ASN B 420 26.35 -2.78 -7.80
N ASN B 421 27.63 -2.45 -7.94
CA ASN B 421 28.12 -1.15 -7.48
C ASN B 421 28.36 -0.15 -8.59
N ASP B 422 28.29 -0.58 -9.84
CA ASP B 422 28.44 0.30 -10.99
C ASP B 422 27.24 0.11 -11.91
N ARG B 423 26.71 1.21 -12.44
CA ARG B 423 25.46 1.20 -13.16
C ARG B 423 25.65 1.75 -14.57
N SER B 424 26.72 1.32 -15.25
CA SER B 424 27.00 1.82 -16.60
C SER B 424 26.68 0.82 -17.68
N TYR B 425 26.55 -0.47 -17.35
CA TYR B 425 26.19 -1.46 -18.35
C TYR B 425 24.81 -1.20 -18.93
N GLU B 426 23.93 -0.53 -18.18
CA GLU B 426 22.55 -0.35 -18.62
C GLU B 426 22.48 0.40 -19.94
N THR B 427 23.42 1.29 -20.21
CA THR B 427 23.39 2.08 -21.44
C THR B 427 23.93 1.32 -22.65
N GLU B 428 24.46 0.12 -22.46
CA GLU B 428 25.17 -0.57 -23.52
C GLU B 428 24.42 -1.77 -24.10
N CYS B 429 23.24 -2.11 -23.58
CA CYS B 429 22.59 -3.35 -23.99
C CYS B 429 21.09 -3.16 -24.22
N GLY B 430 20.74 -2.09 -24.92
CA GLY B 430 19.34 -1.92 -25.30
C GLY B 430 18.43 -1.73 -24.10
N CYS B 431 17.46 -2.63 -23.97
CA CYS B 431 16.40 -2.52 -22.97
C CYS B 431 15.64 -1.20 -23.11
N TYR B 432 14.94 -1.12 -24.23
CA TYR B 432 13.91 -0.12 -24.41
C TYR B 432 12.69 -0.45 -23.55
N GLN B 433 11.93 0.59 -23.21
CA GLN B 433 10.69 0.38 -22.47
C GLN B 433 9.67 -0.31 -23.38
N PRO B 434 8.76 -1.09 -22.80
CA PRO B 434 7.68 -1.67 -23.61
C PRO B 434 6.67 -0.62 -24.03
N CYS B 435 6.12 -0.78 -25.22
CA CYS B 435 5.14 0.18 -25.72
C CYS B 435 3.86 0.15 -24.90
N SER B 436 3.38 -1.04 -24.56
CA SER B 436 2.19 -1.20 -23.73
C SER B 436 2.55 -2.07 -22.54
N GLU B 437 2.17 -1.63 -21.35
CA GLU B 437 2.55 -2.31 -20.12
C GLU B 437 1.42 -2.24 -19.11
N THR B 438 1.00 -3.39 -18.59
CA THR B 438 -0.02 -3.43 -17.55
C THR B 438 0.64 -3.63 -16.20
N SER B 439 0.24 -2.83 -15.23
CA SER B 439 0.72 -2.94 -13.86
C SER B 439 -0.48 -2.98 -12.92
N TYR B 440 -0.22 -3.20 -11.65
CA TYR B 440 -1.29 -3.32 -10.67
C TYR B 440 -0.96 -2.54 -9.41
N LEU B 441 -1.99 -1.97 -8.81
CA LEU B 441 -1.91 -1.43 -7.45
C LEU B 441 -2.53 -2.44 -6.51
N LYS B 442 -1.79 -2.86 -5.50
CA LYS B 442 -2.22 -3.93 -4.62
C LYS B 442 -2.39 -3.43 -3.20
N SER B 443 -3.43 -3.92 -2.53
CA SER B 443 -3.64 -3.68 -1.11
C SER B 443 -3.72 -5.02 -0.41
N VAL B 444 -2.80 -5.26 0.52
CA VAL B 444 -2.69 -6.53 1.22
C VAL B 444 -3.18 -6.35 2.65
N SER B 445 -3.95 -7.32 3.13
CA SER B 445 -4.51 -7.24 4.48
C SER B 445 -4.62 -8.63 5.07
N LEU B 446 -4.57 -8.71 6.40
CA LEU B 446 -4.56 -9.97 7.13
C LEU B 446 -5.80 -10.10 8.00
N SER B 447 -6.25 -11.33 8.18
CA SER B 447 -7.20 -11.65 9.23
C SER B 447 -6.83 -13.00 9.83
N TYR B 448 -7.23 -13.21 11.07
CA TYR B 448 -6.91 -14.43 11.79
C TYR B 448 -7.61 -15.62 11.14
N TRP B 449 -6.89 -16.72 10.95
CA TRP B 449 -7.44 -17.85 10.20
C TRP B 449 -6.64 -19.11 10.51
N PRO B 450 -7.27 -20.27 10.64
CA PRO B 450 -8.72 -20.45 10.68
C PRO B 450 -9.26 -20.40 12.09
N LEU B 451 -10.55 -20.15 12.25
CA LEU B 451 -11.16 -20.19 13.56
C LEU B 451 -11.09 -21.62 14.12
N GLU B 452 -10.99 -21.71 15.44
CA GLU B 452 -10.80 -23.01 16.07
C GLU B 452 -11.99 -23.93 15.79
N PHE B 453 -13.21 -23.38 15.83
CA PHE B 453 -14.40 -24.19 15.64
C PHE B 453 -14.39 -24.92 14.31
N TYR B 454 -13.69 -24.39 13.31
CA TYR B 454 -13.64 -24.99 11.99
C TYR B 454 -12.29 -25.61 11.66
N GLN B 455 -11.41 -25.76 12.65
CA GLN B 455 -10.07 -26.28 12.34
C GLN B 455 -10.12 -27.75 11.97
N LEU B 456 -10.75 -28.57 12.82
CA LEU B 456 -10.70 -30.02 12.63
C LEU B 456 -11.16 -30.42 11.24
N SER B 457 -12.34 -29.97 10.82
CA SER B 457 -12.83 -30.35 9.51
C SER B 457 -11.86 -29.92 8.43
N ALA B 458 -11.34 -28.70 8.51
CA ALA B 458 -10.33 -28.26 7.55
C ALA B 458 -9.17 -29.24 7.52
N LEU B 459 -8.67 -29.59 8.71
CA LEU B 459 -7.53 -30.49 8.77
C LEU B 459 -7.90 -31.86 8.24
N GLU B 460 -9.17 -32.27 8.40
CA GLU B 460 -9.62 -33.53 7.83
C GLU B 460 -9.44 -33.56 6.33
N ARG B 461 -9.63 -32.42 5.67
CA ARG B 461 -9.35 -32.38 4.24
C ARG B 461 -7.86 -32.51 3.97
N PHE B 462 -7.04 -31.80 4.75
CA PHE B 462 -5.62 -31.72 4.43
C PHE B 462 -4.96 -33.08 4.48
N PHE B 463 -5.35 -33.92 5.43
CA PHE B 463 -4.78 -35.25 5.57
C PHE B 463 -5.46 -36.29 4.70
N SER B 464 -6.57 -35.94 4.05
CA SER B 464 -7.30 -36.88 3.21
C SER B 464 -7.14 -36.60 1.73
N GLN B 465 -6.24 -35.69 1.36
CA GLN B 465 -5.93 -35.38 -0.02
C GLN B 465 -4.61 -35.99 -0.48
N LYS B 466 -3.58 -35.88 0.33
CA LYS B 466 -2.23 -36.23 -0.10
C LYS B 466 -2.06 -37.75 -0.08
N ASN B 467 -0.81 -38.18 -0.17
CA ASN B 467 -0.51 -39.61 -0.21
C ASN B 467 -1.11 -40.30 1.01
N PRO B 468 -1.66 -41.51 0.86
CA PRO B 468 -2.18 -42.24 2.02
C PRO B 468 -1.13 -42.52 3.09
N THR B 469 0.13 -42.17 2.85
CA THR B 469 1.19 -42.34 3.85
C THR B 469 1.23 -41.09 4.73
N ASP B 470 0.42 -41.12 5.79
CA ASP B 470 0.41 -40.06 6.80
C ASP B 470 1.40 -40.34 7.94
N GLN B 471 2.42 -41.15 7.68
CA GLN B 471 3.37 -41.65 8.68
C GLN B 471 3.74 -40.58 9.70
N GLN B 472 4.30 -39.46 9.22
CA GLN B 472 4.73 -38.38 10.11
C GLN B 472 4.59 -37.08 9.35
N HIS B 473 3.82 -36.14 9.91
CA HIS B 473 3.78 -34.78 9.42
C HIS B 473 3.71 -33.83 10.62
N PHE B 474 4.07 -32.56 10.37
CA PHE B 474 4.14 -31.57 11.43
C PHE B 474 2.81 -31.39 12.14
N MET B 475 1.69 -31.73 11.49
CA MET B 475 0.37 -31.50 12.06
C MET B 475 -0.38 -32.79 12.34
N LYS B 476 0.32 -33.93 12.48
CA LYS B 476 -0.37 -35.14 12.90
C LYS B 476 -0.87 -35.00 14.33
N ILE B 477 -0.06 -34.39 15.19
CA ILE B 477 -0.44 -34.19 16.59
C ILE B 477 -1.68 -33.31 16.67
N ALA B 478 -1.79 -32.33 15.77
CA ALA B 478 -2.97 -31.48 15.75
C ALA B 478 -4.23 -32.28 15.46
N GLN B 479 -4.18 -33.16 14.45
CA GLN B 479 -5.35 -33.96 14.13
C GLN B 479 -5.67 -34.92 15.26
N ASP B 480 -4.66 -35.51 15.89
CA ASP B 480 -4.92 -36.41 17.02
C ASP B 480 -5.62 -35.68 18.16
N PHE B 481 -5.12 -34.49 18.50
CA PHE B 481 -5.72 -33.73 19.59
C PHE B 481 -7.15 -33.32 19.26
N LEU B 482 -7.38 -32.85 18.04
CA LEU B 482 -8.72 -32.41 17.68
C LEU B 482 -9.70 -33.57 17.63
N SER B 483 -9.26 -34.72 17.12
CA SER B 483 -10.12 -35.89 17.10
C SER B 483 -10.45 -36.37 18.51
N ARG B 484 -9.45 -36.35 19.40
CA ARG B 484 -9.72 -36.72 20.78
C ARG B 484 -10.60 -35.71 21.50
N LEU B 485 -10.63 -34.46 21.03
CA LEU B 485 -11.58 -33.50 21.58
C LEU B 485 -12.99 -33.77 21.08
N ALA B 486 -13.14 -34.04 19.79
CA ALA B 486 -14.47 -34.11 19.20
C ALA B 486 -15.21 -35.37 19.62
N HIS B 487 -14.54 -36.52 19.59
CA HIS B 487 -15.27 -37.78 19.74
C HIS B 487 -15.72 -38.01 21.18
N PRO B 488 -14.83 -38.09 22.18
CA PRO B 488 -15.42 -38.22 23.52
C PRO B 488 -15.79 -36.88 24.11
N SER B 509 -12.90 -27.98 31.52
CA SER B 509 -12.33 -28.48 30.29
C SER B 509 -10.92 -27.95 30.08
N LEU B 510 -10.12 -27.94 31.16
CA LEU B 510 -8.79 -27.36 31.08
C LEU B 510 -7.80 -28.31 30.40
N SER B 511 -7.67 -29.53 30.93
CA SER B 511 -6.70 -30.47 30.41
C SER B 511 -6.86 -30.68 28.91
N GLU B 512 -8.07 -30.51 28.40
CA GLU B 512 -8.29 -30.45 26.97
C GLU B 512 -8.17 -29.04 26.42
N LYS B 513 -8.19 -28.01 27.27
CA LYS B 513 -7.89 -26.66 26.79
C LYS B 513 -6.46 -26.57 26.30
N GLU B 514 -5.51 -27.22 27.00
CA GLU B 514 -4.14 -27.22 26.50
C GLU B 514 -4.03 -27.93 25.16
N MET B 515 -4.74 -29.06 24.98
CA MET B 515 -4.65 -29.75 23.69
C MET B 515 -5.25 -28.90 22.57
N ALA B 516 -6.38 -28.23 22.83
CA ALA B 516 -6.95 -27.35 21.82
C ALA B 516 -5.99 -26.23 21.46
N LYS B 517 -5.36 -25.64 22.48
CA LYS B 517 -4.40 -24.56 22.24
C LYS B 517 -3.21 -25.04 21.43
N GLU B 518 -2.68 -26.22 21.75
CA GLU B 518 -1.53 -26.74 21.02
C GLU B 518 -1.89 -27.07 19.57
N ALA B 519 -3.06 -27.67 19.35
CA ALA B 519 -3.48 -27.98 17.99
C ALA B 519 -3.65 -26.71 17.18
N SER B 520 -4.26 -25.67 17.75
CA SER B 520 -4.40 -24.41 17.03
C SER B 520 -3.04 -23.78 16.75
N ASP B 521 -2.11 -23.87 17.71
CA ASP B 521 -0.78 -23.31 17.50
C ASP B 521 -0.08 -23.99 16.34
N LEU B 522 -0.14 -25.32 16.27
CA LEU B 522 0.48 -26.02 15.14
C LEU B 522 -0.18 -25.62 13.82
N ILE B 523 -1.51 -25.70 13.77
CA ILE B 523 -2.20 -25.46 12.51
C ILE B 523 -1.94 -24.04 12.01
N ARG B 524 -1.93 -23.07 12.91
CA ARG B 524 -1.66 -21.70 12.51
C ARG B 524 -0.18 -21.42 12.31
N GLN B 525 0.70 -22.29 12.78
CA GLN B 525 2.09 -22.18 12.37
C GLN B 525 2.32 -22.70 10.97
N ASN B 526 1.46 -23.60 10.49
CA ASN B 526 1.74 -24.25 9.21
C ASN B 526 0.86 -23.74 8.06
N LEU B 527 -0.44 -23.55 8.25
CA LEU B 527 -1.32 -23.23 7.14
C LEU B 527 -1.39 -21.73 6.89
N LEU B 528 -1.83 -21.37 5.69
CA LEU B 528 -2.22 -20.00 5.38
C LEU B 528 -3.18 -20.01 4.20
N ARG B 529 -3.91 -18.91 4.05
CA ARG B 529 -4.83 -18.73 2.94
C ARG B 529 -4.50 -17.43 2.22
N LEU B 530 -4.71 -17.42 0.91
CA LEU B 530 -4.35 -16.29 0.07
C LEU B 530 -5.43 -16.08 -0.97
N ASN B 531 -6.08 -14.92 -0.93
CA ASN B 531 -7.07 -14.53 -1.93
C ASN B 531 -6.52 -13.37 -2.74
N ILE B 532 -6.45 -13.54 -4.05
CA ILE B 532 -6.01 -12.49 -4.96
C ILE B 532 -7.15 -12.21 -5.90
N TYR B 533 -7.63 -10.97 -5.92
CA TYR B 533 -8.84 -10.62 -6.63
C TYR B 533 -8.72 -9.21 -7.16
N LEU B 534 -9.65 -8.87 -8.07
CA LEU B 534 -9.70 -7.54 -8.67
C LEU B 534 -10.69 -6.69 -7.87
N GLU B 535 -10.24 -5.53 -7.40
CA GLU B 535 -11.12 -4.66 -6.63
C GLU B 535 -12.14 -3.97 -7.52
N ASP B 536 -11.70 -3.51 -8.68
CA ASP B 536 -12.57 -2.84 -9.63
C ASP B 536 -12.19 -3.28 -11.03
N LEU B 537 -13.17 -3.25 -11.94
CA LEU B 537 -12.95 -3.64 -13.31
C LEU B 537 -12.65 -2.46 -14.22
N SER B 538 -12.65 -1.25 -13.70
CA SER B 538 -12.25 -0.08 -14.47
C SER B 538 -10.74 -0.05 -14.58
N VAL B 539 -10.23 0.25 -15.77
CA VAL B 539 -8.80 0.27 -16.03
C VAL B 539 -8.38 1.72 -16.27
N VAL B 540 -7.46 2.21 -15.47
CA VAL B 540 -6.95 3.57 -15.64
C VAL B 540 -5.80 3.51 -16.63
N GLU B 541 -5.96 4.14 -17.79
CA GLU B 541 -4.99 4.07 -18.86
C GLU B 541 -4.30 5.41 -19.03
N TYR B 542 -2.97 5.39 -19.06
CA TYR B 542 -2.15 6.56 -19.31
C TYR B 542 -1.67 6.51 -20.75
N ARG B 543 -2.22 7.35 -21.60
CA ARG B 543 -1.95 7.33 -23.03
C ARG B 543 -1.07 8.50 -23.40
N GLN B 544 -0.01 8.22 -24.16
CA GLN B 544 0.81 9.25 -24.77
C GLN B 544 0.14 9.78 -26.02
N LEU B 545 0.30 11.07 -26.28
CA LEU B 545 -0.20 11.70 -27.48
C LEU B 545 0.89 12.61 -28.04
N PRO B 546 0.94 12.79 -29.36
CA PRO B 546 1.85 13.79 -29.92
C PRO B 546 1.43 15.18 -29.46
N ALA B 547 2.35 15.89 -28.81
CA ALA B 547 2.02 17.21 -28.29
C ALA B 547 1.66 18.17 -29.39
N TYR B 548 2.35 18.07 -30.53
CA TYR B 548 2.12 18.96 -31.67
C TYR B 548 2.14 18.07 -32.91
N GLY B 549 0.97 17.59 -33.31
CA GLY B 549 0.86 16.63 -34.38
C GLY B 549 1.07 17.24 -35.75
N LEU B 550 1.02 16.37 -36.77
CA LEU B 550 1.20 16.85 -38.13
C LEU B 550 0.01 17.70 -38.59
N ALA B 551 -1.19 17.33 -38.19
CA ALA B 551 -2.38 18.10 -38.56
C ALA B 551 -2.31 19.51 -37.98
N ASP B 552 -1.86 19.62 -36.73
CA ASP B 552 -1.76 20.93 -36.09
C ASP B 552 -0.77 21.82 -36.82
N LEU B 553 0.38 21.28 -37.21
CA LEU B 553 1.35 22.04 -37.98
C LEU B 553 0.79 22.44 -39.33
N PHE B 554 0.11 21.50 -40.00
CA PHE B 554 -0.49 21.80 -41.30
C PHE B 554 -1.46 22.95 -41.18
N ALA B 555 -2.29 22.93 -40.14
CA ALA B 555 -3.25 24.01 -39.93
C ALA B 555 -2.56 25.34 -39.65
N ASP B 556 -1.54 25.32 -38.78
CA ASP B 556 -0.87 26.58 -38.44
C ASP B 556 -0.12 27.17 -39.63
N ILE B 557 0.38 26.32 -40.53
CA ILE B 557 1.18 26.81 -41.64
C ILE B 557 0.33 27.19 -42.86
N GLY B 558 -0.76 26.47 -43.10
CA GLY B 558 -1.57 26.73 -44.29
C GLY B 558 -2.12 28.14 -44.37
N GLY B 559 -2.27 28.81 -43.24
CA GLY B 559 -2.73 30.20 -43.28
C GLY B 559 -1.73 31.11 -43.97
N THR B 560 -0.45 30.96 -43.65
CA THR B 560 0.58 31.83 -44.20
C THR B 560 1.19 31.33 -45.50
N LEU B 561 1.06 30.03 -45.79
CA LEU B 561 1.72 29.46 -46.95
C LEU B 561 1.38 30.22 -48.23
N GLY B 562 0.11 30.17 -48.62
CA GLY B 562 -0.28 30.72 -49.92
C GLY B 562 0.00 32.20 -50.01
N LEU B 563 -0.41 32.96 -48.99
CA LEU B 563 -0.24 34.40 -49.04
C LEU B 563 1.23 34.79 -49.16
N TRP B 564 2.10 34.20 -48.34
CA TRP B 564 3.46 34.71 -48.34
C TRP B 564 4.31 34.15 -49.47
N MET B 565 4.08 32.93 -49.92
CA MET B 565 4.86 32.53 -51.09
C MET B 565 4.29 33.14 -52.36
N GLY B 566 3.03 33.60 -52.32
CA GLY B 566 2.53 34.46 -53.38
C GLY B 566 3.21 35.81 -53.40
N ILE B 567 3.36 36.43 -52.23
CA ILE B 567 4.11 37.69 -52.15
C ILE B 567 5.53 37.49 -52.65
N SER B 568 6.16 36.37 -52.27
CA SER B 568 7.51 36.08 -52.73
C SER B 568 7.58 35.94 -54.25
N VAL B 569 6.60 35.23 -54.83
CA VAL B 569 6.59 35.06 -56.28
C VAL B 569 6.44 36.41 -56.98
N LEU B 570 5.51 37.24 -56.50
CA LEU B 570 5.31 38.55 -57.11
C LEU B 570 6.56 39.40 -57.03
N THR B 571 7.20 39.45 -55.85
CA THR B 571 8.41 40.25 -55.71
C THR B 571 9.53 39.73 -56.59
N ILE B 572 9.68 38.40 -56.67
CA ILE B 572 10.77 37.82 -57.47
C ILE B 572 10.56 38.12 -58.95
N MET B 573 9.32 37.98 -59.43
CA MET B 573 9.06 38.23 -60.85
C MET B 573 9.15 39.71 -61.18
N GLU B 574 8.88 40.59 -60.21
CA GLU B 574 9.03 42.02 -60.47
C GLU B 574 10.49 42.44 -60.47
N LEU B 575 11.31 41.86 -59.59
CA LEU B 575 12.70 42.27 -59.47
C LEU B 575 13.56 41.80 -60.64
N MET B 576 13.15 40.74 -61.34
CA MET B 576 14.01 40.13 -62.34
C MET B 576 14.28 41.06 -63.51
N GLU B 577 13.35 41.97 -63.80
CA GLU B 577 13.52 42.90 -64.92
C GLU B 577 14.37 44.09 -64.53
N ARG C 91 0.96 38.44 -66.18
CA ARG C 91 -0.38 38.96 -66.38
C ARG C 91 -1.19 38.91 -65.08
N LYS C 92 -2.33 39.57 -65.06
CA LYS C 92 -3.16 39.61 -63.87
C LYS C 92 -3.93 38.32 -63.64
N VAL C 93 -4.03 37.45 -64.65
CA VAL C 93 -4.63 36.14 -64.44
C VAL C 93 -3.77 35.30 -63.51
N ILE C 94 -2.45 35.42 -63.63
CA ILE C 94 -1.55 34.78 -62.67
C ILE C 94 -1.81 35.33 -61.28
N TRP C 95 -2.02 36.65 -61.18
CA TRP C 95 -2.32 37.27 -59.88
C TRP C 95 -3.60 36.69 -59.28
N ALA C 96 -4.65 36.55 -60.10
CA ALA C 96 -5.92 36.04 -59.60
C ALA C 96 -5.80 34.59 -59.17
N LEU C 97 -5.16 33.75 -59.99
CA LEU C 97 -4.96 32.36 -59.61
C LEU C 97 -4.11 32.25 -58.35
N MET C 98 -3.11 33.11 -58.23
CA MET C 98 -2.18 33.03 -57.10
C MET C 98 -2.81 33.58 -55.82
N VAL C 99 -3.80 34.45 -55.94
CA VAL C 99 -4.60 34.85 -54.79
C VAL C 99 -5.58 33.75 -54.40
N ILE C 100 -6.20 33.10 -55.38
CA ILE C 100 -7.21 32.09 -55.06
C ILE C 100 -6.57 30.84 -54.43
N ILE C 101 -5.31 30.53 -54.78
CA ILE C 101 -4.68 29.40 -54.12
C ILE C 101 -4.44 29.71 -52.64
N GLY C 102 -4.04 30.95 -52.33
CA GLY C 102 -3.94 31.35 -50.94
C GLY C 102 -5.28 31.30 -50.23
N PHE C 103 -6.35 31.65 -50.95
CA PHE C 103 -7.69 31.52 -50.39
C PHE C 103 -7.99 30.06 -50.04
N THR C 104 -7.65 29.14 -50.93
CA THR C 104 -7.87 27.72 -50.65
C THR C 104 -7.07 27.27 -49.45
N ALA C 105 -5.82 27.74 -49.33
CA ALA C 105 -5.00 27.38 -48.17
C ALA C 105 -5.61 27.92 -46.88
N ALA C 106 -6.12 29.15 -46.91
CA ALA C 106 -6.78 29.71 -45.72
C ALA C 106 -8.02 28.92 -45.37
N THR C 107 -8.78 28.50 -46.38
CA THR C 107 -9.98 27.69 -46.12
C THR C 107 -9.60 26.35 -45.51
N LEU C 108 -8.51 25.74 -45.98
CA LEU C 108 -8.02 24.52 -45.35
C LEU C 108 -7.67 24.77 -43.89
N GLN C 109 -7.02 25.89 -43.60
CA GLN C 109 -6.68 26.20 -42.21
C GLN C 109 -7.94 26.35 -41.35
N LEU C 110 -8.95 27.04 -41.88
CA LEU C 110 -10.20 27.20 -41.14
C LEU C 110 -10.85 25.85 -40.87
N SER C 111 -10.93 25.01 -41.89
CA SER C 111 -11.57 23.72 -41.71
C SER C 111 -10.80 22.86 -40.72
N LEU C 112 -9.48 22.88 -40.78
CA LEU C 112 -8.67 22.08 -39.87
C LEU C 112 -8.86 22.54 -38.43
N LEU C 113 -8.80 23.85 -38.20
CA LEU C 113 -8.96 24.35 -36.84
C LEU C 113 -10.37 24.09 -36.30
N VAL C 114 -11.39 24.24 -37.15
CA VAL C 114 -12.75 23.99 -36.70
C VAL C 114 -12.94 22.51 -36.36
N ARG C 115 -12.41 21.62 -37.20
CA ARG C 115 -12.54 20.20 -36.89
C ARG C 115 -11.75 19.82 -35.66
N LYS C 116 -10.64 20.51 -35.39
CA LYS C 116 -9.92 20.25 -34.14
C LYS C 116 -10.74 20.72 -32.94
N TYR C 117 -11.42 21.86 -33.06
CA TYR C 117 -12.21 22.35 -31.95
C TYR C 117 -13.46 21.50 -31.72
N LEU C 118 -13.97 20.87 -32.78
CA LEU C 118 -15.12 19.98 -32.63
C LEU C 118 -14.74 18.60 -32.11
N GLN C 119 -13.45 18.29 -32.04
CA GLN C 119 -12.97 17.11 -31.30
C GLN C 119 -12.66 17.60 -29.90
N PHE C 120 -13.62 17.45 -29.00
CA PHE C 120 -13.50 18.08 -27.70
C PHE C 120 -12.49 17.34 -26.82
N GLN C 121 -11.21 17.47 -27.16
CA GLN C 121 -10.16 16.81 -26.39
C GLN C 121 -10.01 17.46 -25.02
N VAL C 122 -9.49 16.70 -24.07
CA VAL C 122 -9.27 17.17 -22.71
C VAL C 122 -7.84 16.88 -22.31
N VAL C 123 -7.29 17.74 -21.45
CA VAL C 123 -5.97 17.55 -20.88
C VAL C 123 -6.11 17.58 -19.36
N GLU C 124 -5.51 16.60 -18.70
CA GLU C 124 -5.57 16.50 -17.25
C GLU C 124 -4.29 17.07 -16.66
N LEU C 125 -4.43 17.85 -15.58
CA LEU C 125 -3.27 18.31 -14.84
C LEU C 125 -3.49 18.09 -13.36
N SER C 126 -2.43 17.71 -12.66
CA SER C 126 -2.47 17.45 -11.24
C SER C 126 -1.80 18.59 -10.50
N GLU C 127 -2.50 19.15 -9.51
CA GLU C 127 -1.97 20.24 -8.71
C GLU C 127 -2.26 19.98 -7.24
N ILE C 128 -1.34 20.39 -6.39
CA ILE C 128 -1.51 20.23 -4.95
C ILE C 128 -2.24 21.45 -4.40
N LYS C 129 -3.46 21.23 -3.93
CA LYS C 129 -4.26 22.26 -3.30
C LYS C 129 -3.99 22.26 -1.80
N ASP C 130 -3.54 23.39 -1.30
CA ASP C 130 -3.42 23.67 0.13
C ASP C 130 -4.55 24.61 0.54
N SER C 131 -4.79 24.67 1.85
CA SER C 131 -5.85 25.48 2.43
C SER C 131 -7.23 25.04 1.94
N MET C 132 -7.28 23.96 1.16
CA MET C 132 -8.55 23.35 0.82
C MET C 132 -9.04 22.50 1.98
N PRO C 133 -10.27 22.69 2.44
CA PRO C 133 -10.75 21.91 3.59
C PRO C 133 -10.88 20.44 3.23
N VAL C 134 -10.25 19.60 4.02
CA VAL C 134 -10.29 18.15 3.81
C VAL C 134 -11.46 17.58 4.58
N GLU C 135 -12.17 16.66 3.96
CA GLU C 135 -13.32 15.99 4.57
C GLU C 135 -12.92 14.61 5.05
N TYR C 136 -13.19 14.32 6.30
CA TYR C 136 -12.90 12.99 6.82
C TYR C 136 -13.79 11.98 6.12
N PRO C 137 -13.26 10.83 5.71
CA PRO C 137 -14.04 9.87 4.93
C PRO C 137 -15.14 9.23 5.75
N SER C 138 -15.96 8.44 5.08
CA SER C 138 -16.90 7.56 5.74
C SER C 138 -16.20 6.25 6.03
N VAL C 139 -16.39 5.73 7.24
CA VAL C 139 -15.69 4.53 7.69
C VAL C 139 -16.72 3.48 8.04
N THR C 140 -16.73 2.39 7.30
CA THR C 140 -17.67 1.30 7.52
C THR C 140 -16.92 0.12 8.10
N ILE C 141 -17.34 -0.35 9.26
CA ILE C 141 -16.72 -1.51 9.90
C ILE C 141 -17.73 -2.64 9.97
N CYS C 142 -17.26 -3.85 9.64
CA CYS C 142 -18.09 -5.04 9.67
C CYS C 142 -17.32 -6.13 10.41
N ASN C 143 -18.02 -7.00 11.11
CA ASN C 143 -17.38 -8.11 11.79
C ASN C 143 -17.29 -9.29 10.84
N ILE C 144 -16.11 -9.92 10.78
CA ILE C 144 -15.89 -10.96 9.79
C ILE C 144 -16.68 -12.21 10.13
N GLU C 145 -16.79 -12.55 11.41
CA GLU C 145 -17.71 -13.61 11.82
C GLU C 145 -19.13 -13.05 11.81
N PRO C 146 -19.99 -13.42 10.86
CA PRO C 146 -21.29 -12.76 10.78
C PRO C 146 -22.23 -13.13 11.91
N ILE C 147 -22.10 -14.33 12.47
CA ILE C 147 -23.06 -14.86 13.43
C ILE C 147 -22.32 -15.22 14.72
N SER C 148 -22.84 -14.77 15.86
CA SER C 148 -22.34 -15.19 17.15
C SER C 148 -23.05 -16.46 17.57
N LEU C 149 -22.28 -17.54 17.71
CA LEU C 149 -22.89 -18.83 18.05
C LEU C 149 -23.44 -18.83 19.47
N ARG C 150 -22.79 -18.09 20.38
CA ARG C 150 -23.27 -18.05 21.75
C ARG C 150 -24.64 -17.39 21.85
N LYS C 151 -24.90 -16.40 21.00
CA LYS C 151 -26.22 -15.80 20.96
C LYS C 151 -27.26 -16.82 20.53
N ILE C 152 -26.94 -17.62 19.51
CA ILE C 152 -27.84 -18.70 19.10
C ILE C 152 -28.06 -19.67 20.26
N ARG C 153 -27.00 -20.00 21.00
CA ARG C 153 -27.13 -20.97 22.07
C ARG C 153 -28.03 -20.45 23.19
N LYS C 154 -27.86 -19.20 23.59
CA LYS C 154 -28.68 -18.76 24.71
C LYS C 154 -30.09 -18.35 24.29
N ALA C 155 -30.29 -17.95 23.03
CA ALA C 155 -31.66 -17.82 22.53
C ALA C 155 -32.31 -19.17 22.31
N TYR C 156 -31.49 -20.20 22.14
CA TYR C 156 -31.98 -21.57 22.07
C TYR C 156 -32.55 -22.01 23.41
N ASN C 157 -31.95 -21.55 24.51
CA ASN C 157 -32.46 -21.81 25.84
C ASN C 157 -33.60 -20.87 26.24
N LYS C 158 -33.75 -19.76 25.54
CA LYS C 158 -34.81 -18.82 25.86
C LYS C 158 -36.17 -19.39 25.49
N ASN C 159 -37.17 -19.07 26.29
CA ASN C 159 -38.54 -19.37 25.90
C ASN C 159 -38.96 -18.53 24.70
N GLU C 160 -38.51 -17.28 24.66
CA GLU C 160 -38.78 -16.39 23.53
C GLU C 160 -37.90 -16.80 22.35
N SER C 161 -38.08 -16.11 21.22
CA SER C 161 -37.40 -16.42 19.96
C SER C 161 -37.76 -17.83 19.48
N GLN C 162 -39.05 -18.02 19.24
CA GLN C 162 -39.54 -19.31 18.74
C GLN C 162 -39.37 -19.45 17.23
N ASN C 163 -39.38 -18.32 16.51
CA ASN C 163 -39.14 -18.38 15.07
C ASN C 163 -37.79 -19.03 14.76
N LEU C 164 -36.81 -18.81 15.62
CA LEU C 164 -35.49 -19.41 15.40
C LEU C 164 -35.55 -20.92 15.49
N LYS C 165 -36.21 -21.45 16.51
CA LYS C 165 -36.38 -22.90 16.62
C LYS C 165 -37.15 -23.44 15.42
N ASP C 166 -38.23 -22.77 15.04
CA ASP C 166 -39.01 -23.21 13.90
C ASP C 166 -38.15 -23.27 12.65
N TRP C 167 -37.40 -22.20 12.37
CA TRP C 167 -36.61 -22.13 11.15
C TRP C 167 -35.49 -23.16 11.16
N LEU C 168 -34.81 -23.34 12.29
CA LEU C 168 -33.70 -24.29 12.33
C LEU C 168 -34.20 -25.71 12.16
N ASN C 169 -35.21 -26.10 12.94
CA ASN C 169 -35.79 -27.44 12.82
C ASN C 169 -36.35 -27.67 11.42
N PHE C 170 -36.92 -26.63 10.80
CA PHE C 170 -37.44 -26.74 9.45
C PHE C 170 -36.32 -26.98 8.44
N THR C 171 -35.23 -26.22 8.54
CA THR C 171 -34.17 -26.36 7.56
C THR C 171 -33.38 -27.65 7.76
N GLN C 172 -33.44 -28.27 8.95
CA GLN C 172 -32.77 -29.56 9.09
C GLN C 172 -33.70 -30.73 8.81
N THR C 173 -35.02 -30.53 8.81
CA THR C 173 -35.92 -31.67 8.60
C THR C 173 -36.16 -31.99 7.13
N PHE C 174 -35.95 -31.04 6.23
CA PHE C 174 -36.25 -31.23 4.81
C PHE C 174 -34.96 -31.28 4.00
N HIS C 175 -35.13 -31.37 2.67
CA HIS C 175 -34.02 -31.35 1.72
C HIS C 175 -34.22 -30.19 0.75
N PHE C 176 -33.16 -29.43 0.52
CA PHE C 176 -33.21 -28.26 -0.35
C PHE C 176 -32.13 -28.35 -1.41
N LYS C 177 -32.49 -28.05 -2.65
CA LYS C 177 -31.49 -27.77 -3.66
C LYS C 177 -30.81 -26.45 -3.34
N ASP C 178 -29.52 -26.36 -3.68
CA ASP C 178 -28.67 -25.23 -3.29
C ASP C 178 -28.65 -25.09 -1.76
N MET C 179 -28.13 -26.12 -1.12
CA MET C 179 -28.05 -26.14 0.34
C MET C 179 -27.02 -25.14 0.85
N SER C 180 -26.09 -24.69 0.00
CA SER C 180 -25.11 -23.70 0.41
C SER C 180 -25.77 -22.36 0.77
N PHE C 181 -26.98 -22.12 0.27
CA PHE C 181 -27.72 -20.90 0.60
C PHE C 181 -28.61 -21.08 1.83
N MET C 182 -29.15 -22.27 2.02
CA MET C 182 -30.01 -22.51 3.17
C MET C 182 -29.24 -22.42 4.48
N ASN C 183 -27.98 -22.85 4.46
CA ASN C 183 -27.10 -22.72 5.61
C ASN C 183 -26.46 -21.34 5.71
N SER C 184 -26.58 -20.53 4.67
CA SER C 184 -26.00 -19.20 4.66
C SER C 184 -26.72 -18.29 5.67
N ILE C 185 -26.22 -17.07 5.80
CA ILE C 185 -26.88 -16.08 6.63
C ILE C 185 -27.97 -15.33 5.86
N ARG C 186 -27.94 -15.36 4.54
CA ARG C 186 -28.98 -14.70 3.76
C ARG C 186 -30.33 -15.38 3.95
N ALA C 187 -30.34 -16.70 4.12
CA ALA C 187 -31.60 -17.38 4.43
C ALA C 187 -32.17 -16.91 5.77
N PHE C 188 -31.30 -16.80 6.77
CA PHE C 188 -31.70 -16.23 8.06
C PHE C 188 -32.31 -14.85 7.88
N TYR C 189 -31.64 -13.99 7.12
CA TYR C 189 -32.11 -12.63 6.95
C TYR C 189 -33.46 -12.58 6.23
N GLU C 190 -33.58 -13.34 5.15
CA GLU C 190 -34.76 -13.22 4.29
C GLU C 190 -35.98 -13.88 4.90
N ASN C 191 -35.81 -15.01 5.59
CA ASN C 191 -36.96 -15.75 6.07
C ASN C 191 -37.33 -15.42 7.51
N LEU C 192 -36.51 -14.64 8.21
CA LEU C 192 -36.80 -14.15 9.56
C LEU C 192 -36.51 -12.66 9.52
N GLY C 193 -37.55 -11.87 9.21
CA GLY C 193 -37.32 -10.46 8.90
C GLY C 193 -36.73 -9.68 10.06
N SER C 194 -37.32 -9.86 11.25
CA SER C 194 -36.91 -9.10 12.42
C SER C 194 -36.18 -9.91 13.47
N ASP C 195 -36.47 -11.20 13.60
CA ASP C 195 -35.77 -12.04 14.55
C ASP C 195 -34.30 -12.20 14.23
N ALA C 196 -33.89 -11.97 12.98
CA ALA C 196 -32.50 -12.11 12.59
C ALA C 196 -31.58 -11.10 13.27
N LYS C 197 -32.14 -10.03 13.83
CA LYS C 197 -31.33 -9.10 14.60
C LYS C 197 -30.90 -9.68 15.94
N LYS C 198 -31.45 -10.83 16.33
CA LYS C 198 -31.12 -11.46 17.59
C LYS C 198 -29.96 -12.45 17.48
N ILE C 199 -29.35 -12.55 16.31
CA ILE C 199 -28.30 -13.54 16.07
C ILE C 199 -27.00 -12.83 15.70
N SER C 200 -27.13 -11.61 15.18
CA SER C 200 -25.97 -10.88 14.71
C SER C 200 -25.22 -10.26 15.89
N HIS C 201 -24.24 -9.41 15.59
CA HIS C 201 -23.49 -8.68 16.58
C HIS C 201 -24.06 -7.27 16.69
N ASP C 202 -24.29 -6.82 17.92
CA ASP C 202 -24.74 -5.46 18.15
C ASP C 202 -23.53 -4.55 18.31
N LEU C 203 -23.66 -3.31 17.86
CA LEU C 203 -22.53 -2.40 17.92
C LEU C 203 -22.09 -2.13 19.34
N ARG C 204 -23.00 -2.20 20.32
CA ARG C 204 -22.59 -2.03 21.70
C ARG C 204 -21.71 -3.18 22.16
N ASP C 205 -21.96 -4.39 21.66
CA ASP C 205 -21.09 -5.52 21.98
C ASP C 205 -19.73 -5.38 21.33
N LEU C 206 -19.68 -4.87 20.10
CA LEU C 206 -18.41 -4.74 19.39
C LEU C 206 -17.61 -3.53 19.89
N LEU C 207 -18.16 -2.34 19.71
CA LEU C 207 -17.41 -1.11 19.93
C LEU C 207 -17.33 -0.81 21.41
N ILE C 208 -16.17 -1.02 22.02
CA ILE C 208 -16.01 -0.71 23.43
C ILE C 208 -15.28 0.61 23.66
N HIS C 209 -14.74 1.24 22.62
CA HIS C 209 -14.23 2.60 22.78
C HIS C 209 -14.16 3.28 21.43
N CYS C 210 -14.69 4.49 21.33
CA CYS C 210 -14.49 5.31 20.14
C CYS C 210 -14.02 6.69 20.57
N ARG C 211 -13.33 7.36 19.65
CA ARG C 211 -12.83 8.70 19.94
C ARG C 211 -12.53 9.39 18.62
N PHE C 212 -13.12 10.55 18.39
CA PHE C 212 -12.86 11.31 17.19
C PHE C 212 -12.43 12.72 17.57
N ASN C 213 -11.30 13.17 17.00
CA ASN C 213 -10.80 14.53 17.20
C ASN C 213 -10.69 14.85 18.69
N ARG C 214 -10.25 13.88 19.47
CA ARG C 214 -10.07 13.99 20.91
C ARG C 214 -11.40 14.18 21.64
N GLU C 215 -12.51 13.80 21.03
CA GLU C 215 -13.83 13.84 21.65
C GLU C 215 -14.42 12.44 21.66
N GLU C 216 -15.01 12.06 22.78
CA GLU C 216 -15.51 10.70 22.95
C GLU C 216 -16.72 10.45 22.05
N CYS C 217 -16.75 9.25 21.46
CA CYS C 217 -17.89 8.79 20.69
C CYS C 217 -18.87 8.04 21.59
N THR C 218 -19.94 7.57 20.97
CA THR C 218 -20.77 6.49 21.49
C THR C 218 -21.19 5.65 20.29
N THR C 219 -22.06 4.68 20.53
CA THR C 219 -22.69 3.98 19.42
C THR C 219 -23.79 4.82 18.78
N GLU C 220 -23.98 6.05 19.25
CA GLU C 220 -25.12 6.86 18.82
C GLU C 220 -24.89 7.51 17.46
N ASN C 221 -23.65 7.59 16.99
CA ASN C 221 -23.41 8.17 15.68
C ASN C 221 -22.72 7.17 14.75
N PHE C 222 -23.17 5.92 14.82
CA PHE C 222 -22.93 4.90 13.80
C PHE C 222 -24.28 4.45 13.25
N THR C 223 -24.36 4.28 11.93
CA THR C 223 -25.58 3.83 11.29
C THR C 223 -25.39 2.39 10.79
N SER C 224 -26.36 1.53 11.09
CA SER C 224 -26.26 0.13 10.75
C SER C 224 -26.94 -0.17 9.41
N SER C 225 -26.29 -1.00 8.60
CA SER C 225 -26.86 -1.48 7.35
C SER C 225 -26.68 -2.98 7.26
N PHE C 226 -27.64 -3.65 6.63
CA PHE C 226 -27.47 -5.08 6.40
C PHE C 226 -26.46 -5.32 5.28
N ASP C 227 -25.67 -6.37 5.43
CA ASP C 227 -24.75 -6.75 4.38
C ASP C 227 -24.81 -8.26 4.13
N GLY C 228 -24.53 -8.66 2.89
CA GLY C 228 -24.33 -10.07 2.62
C GLY C 228 -23.01 -10.54 3.18
N ASN C 229 -23.00 -11.77 3.70
CA ASN C 229 -21.81 -12.49 4.17
C ASN C 229 -21.06 -11.77 5.30
N TYR C 230 -21.54 -10.62 5.75
CA TYR C 230 -21.12 -10.02 7.01
C TYR C 230 -22.28 -9.65 7.90
N PHE C 231 -23.45 -9.45 7.32
CA PHE C 231 -24.80 -9.29 7.89
C PHE C 231 -25.02 -7.91 8.48
N ASN C 232 -23.97 -7.24 8.94
CA ASN C 232 -24.10 -5.91 9.52
C ASN C 232 -22.85 -5.11 9.23
N CYS C 233 -23.04 -3.87 8.83
CA CYS C 233 -21.94 -2.96 8.60
C CYS C 233 -22.32 -1.60 9.16
N PHE C 234 -21.49 -1.11 10.08
CA PHE C 234 -21.77 0.12 10.81
C PHE C 234 -20.91 1.23 10.25
N THR C 235 -21.56 2.31 9.83
CA THR C 235 -20.91 3.42 9.15
C THR C 235 -20.79 4.59 10.10
N PHE C 236 -19.58 5.13 10.21
CA PHE C 236 -19.28 6.38 10.87
C PHE C 236 -19.09 7.45 9.81
N ASN C 237 -19.67 8.63 10.05
CA ASN C 237 -19.60 9.75 9.12
C ASN C 237 -20.28 9.41 7.80
N GLY C 238 -21.44 8.77 7.89
CA GLY C 238 -22.17 8.38 6.70
C GLY C 238 -22.94 9.49 6.02
N GLY C 239 -22.95 10.68 6.61
CA GLY C 239 -23.62 11.82 6.01
C GLY C 239 -25.11 11.88 6.20
N GLN C 240 -25.67 11.13 7.14
CA GLN C 240 -27.11 11.14 7.39
C GLN C 240 -27.46 11.69 8.76
N LEU C 241 -26.85 11.16 9.82
CA LEU C 241 -27.13 11.68 11.16
C LEU C 241 -26.66 13.12 11.30
N ARG C 242 -25.50 13.43 10.75
CA ARG C 242 -24.84 14.72 10.94
C ARG C 242 -24.37 15.23 9.58
N ASP C 243 -23.93 16.48 9.56
CA ASP C 243 -23.24 17.00 8.38
C ASP C 243 -21.88 16.30 8.25
N GLN C 244 -21.23 16.54 7.11
CA GLN C 244 -19.94 15.91 6.85
C GLN C 244 -18.90 16.47 7.80
N LEU C 245 -18.13 15.58 8.42
CA LEU C 245 -17.05 15.99 9.29
C LEU C 245 -15.85 16.46 8.48
N GLN C 246 -15.01 17.26 9.12
CA GLN C 246 -13.84 17.82 8.45
C GLN C 246 -12.62 17.65 9.33
N MET C 247 -11.46 17.56 8.70
CA MET C 247 -10.22 17.38 9.42
C MET C 247 -9.35 18.62 9.33
N HIS C 248 -8.90 19.08 10.48
CA HIS C 248 -8.04 20.25 10.57
C HIS C 248 -6.70 19.93 11.21
N ALA C 249 -6.37 18.65 11.34
CA ALA C 249 -5.11 18.22 11.94
C ALA C 249 -4.76 16.86 11.38
N THR C 250 -3.51 16.46 11.61
CA THR C 250 -2.99 15.19 11.11
C THR C 250 -2.50 14.34 12.27
N GLY C 251 -2.29 13.06 12.00
CA GLY C 251 -1.73 12.17 12.98
C GLY C 251 -2.78 11.36 13.70
N PRO C 252 -2.34 10.31 14.38
CA PRO C 252 -3.29 9.42 15.07
C PRO C 252 -4.08 10.08 16.19
N GLU C 253 -3.55 11.12 16.83
CA GLU C 253 -4.26 11.71 17.95
C GLU C 253 -5.57 12.36 17.50
N ASN C 254 -5.57 13.01 16.34
CA ASN C 254 -6.70 13.81 15.91
C ASN C 254 -7.69 13.05 15.02
N GLY C 255 -7.40 11.81 14.66
CA GLY C 255 -8.28 11.04 13.83
C GLY C 255 -9.21 10.17 14.65
N LEU C 256 -9.85 9.22 13.97
CA LEU C 256 -10.77 8.29 14.62
C LEU C 256 -9.99 7.15 15.23
N SER C 257 -10.33 6.79 16.47
CA SER C 257 -9.68 5.69 17.17
C SER C 257 -10.75 4.81 17.79
N LEU C 258 -10.64 3.51 17.55
CA LEU C 258 -11.63 2.54 17.98
C LEU C 258 -10.93 1.40 18.69
N ILE C 259 -11.44 1.01 19.85
CA ILE C 259 -11.10 -0.25 20.48
C ILE C 259 -12.31 -1.14 20.33
N ILE C 260 -12.11 -2.25 19.60
CA ILE C 260 -13.16 -3.15 19.16
C ILE C 260 -12.89 -4.53 19.73
N SER C 261 -13.95 -5.23 20.11
CA SER C 261 -13.85 -6.64 20.50
C SER C 261 -14.63 -7.44 19.47
N ILE C 262 -13.96 -8.41 18.83
CA ILE C 262 -14.59 -9.18 17.77
C ILE C 262 -15.53 -10.24 18.29
N GLU C 263 -15.72 -10.32 19.61
CA GLU C 263 -16.75 -11.17 20.22
C GLU C 263 -16.55 -12.64 19.87
N LYS C 264 -15.28 -13.06 19.82
CA LYS C 264 -14.99 -14.47 19.58
C LYS C 264 -15.57 -15.32 20.69
N ASP C 265 -16.08 -16.50 20.33
CA ASP C 265 -16.77 -17.35 21.28
C ASP C 265 -16.09 -18.71 21.39
N GLU C 266 -16.10 -19.26 22.59
CA GLU C 266 -15.48 -20.56 22.84
C GLU C 266 -16.42 -21.68 22.40
N PRO C 267 -15.97 -22.58 21.53
CA PRO C 267 -16.83 -23.70 21.13
C PRO C 267 -17.06 -24.67 22.27
N LEU C 268 -18.18 -25.39 22.20
CA LEU C 268 -18.52 -26.37 23.20
C LEU C 268 -17.59 -27.58 23.09
N PRO C 269 -17.42 -28.34 24.18
CA PRO C 269 -16.40 -29.41 24.17
C PRO C 269 -16.62 -30.47 23.12
N GLY C 270 -17.86 -30.80 22.77
CA GLY C 270 -18.11 -31.92 21.88
C GLY C 270 -18.49 -31.56 20.45
N THR C 271 -18.67 -30.27 20.18
CA THR C 271 -19.12 -29.84 18.86
C THR C 271 -17.96 -29.27 18.04
N TYR C 272 -18.03 -29.49 16.73
CA TYR C 272 -17.06 -28.94 15.81
C TYR C 272 -17.78 -28.45 14.56
N GLY C 273 -17.15 -27.52 13.87
CA GLY C 273 -17.75 -26.94 12.68
C GLY C 273 -17.32 -27.62 11.41
N VAL C 274 -17.94 -27.21 10.31
CA VAL C 274 -17.67 -27.77 8.99
C VAL C 274 -17.10 -26.67 8.12
N TYR C 275 -15.87 -26.87 7.65
CA TYR C 275 -15.22 -25.89 6.79
C TYR C 275 -15.90 -25.89 5.44
N ASN C 276 -16.58 -24.80 5.10
CA ASN C 276 -17.20 -24.64 3.79
C ASN C 276 -16.11 -24.39 2.77
N PHE C 277 -15.65 -25.45 2.12
CA PHE C 277 -14.58 -25.29 1.15
C PHE C 277 -15.02 -24.66 -0.13
N GLU C 278 -16.27 -24.19 -0.20
CA GLU C 278 -16.77 -23.48 -1.36
C GLU C 278 -17.02 -22.00 -1.07
N ASN C 279 -16.29 -21.42 -0.12
CA ASN C 279 -16.33 -19.98 0.11
C ASN C 279 -14.93 -19.53 0.50
N ASN C 280 -14.51 -18.39 -0.05
CA ASN C 280 -13.15 -17.89 0.11
C ASN C 280 -13.03 -16.87 1.24
N ILE C 281 -14.09 -16.64 2.01
CA ILE C 281 -14.10 -15.54 2.95
C ILE C 281 -14.38 -16.03 4.36
N LEU C 282 -15.05 -17.18 4.46
CA LEU C 282 -15.54 -17.63 5.75
C LEU C 282 -14.41 -18.13 6.64
N HIS C 283 -14.72 -18.26 7.93
CA HIS C 283 -13.87 -18.90 8.93
C HIS C 283 -12.64 -18.08 9.26
N SER C 284 -12.76 -16.76 9.24
CA SER C 284 -11.71 -15.86 9.68
C SER C 284 -12.18 -15.09 10.92
N ALA C 285 -11.26 -14.36 11.52
CA ALA C 285 -11.55 -13.46 12.61
C ALA C 285 -10.87 -12.13 12.35
N GLY C 286 -11.52 -11.05 12.73
CA GLY C 286 -10.98 -9.74 12.51
C GLY C 286 -12.09 -8.77 12.20
N VAL C 287 -11.74 -7.65 11.58
CA VAL C 287 -12.72 -6.63 11.22
C VAL C 287 -12.48 -6.20 9.79
N ARG C 288 -13.54 -6.13 9.00
CA ARG C 288 -13.46 -5.64 7.64
C ARG C 288 -13.76 -4.15 7.63
N VAL C 289 -12.79 -3.35 7.17
CA VAL C 289 -12.89 -1.89 7.22
C VAL C 289 -12.94 -1.38 5.80
N VAL C 290 -13.86 -0.44 5.54
CA VAL C 290 -13.97 0.25 4.27
C VAL C 290 -13.84 1.74 4.54
N VAL C 291 -12.91 2.38 3.86
CA VAL C 291 -12.70 3.81 3.95
C VAL C 291 -13.13 4.39 2.60
N HIS C 292 -14.30 5.03 2.55
CA HIS C 292 -14.84 5.46 1.27
C HIS C 292 -15.22 6.94 1.33
N ALA C 293 -15.50 7.47 0.14
CA ALA C 293 -15.80 8.89 0.00
C ALA C 293 -17.01 9.26 0.85
N PRO C 294 -17.04 10.46 1.42
CA PRO C 294 -18.08 10.81 2.38
C PRO C 294 -19.47 10.77 1.74
N GLY C 295 -20.33 9.92 2.29
CA GLY C 295 -21.68 9.81 1.83
C GLY C 295 -21.90 8.86 0.68
N SER C 296 -20.90 8.09 0.28
CA SER C 296 -21.01 7.15 -0.81
C SER C 296 -21.48 5.80 -0.29
N MET C 297 -21.62 4.88 -1.20
CA MET C 297 -22.13 3.56 -0.84
C MET C 297 -20.97 2.61 -0.51
N PRO C 298 -21.00 1.94 0.63
CA PRO C 298 -19.93 1.00 0.96
C PRO C 298 -20.04 -0.28 0.16
N SER C 299 -18.91 -0.99 0.08
CA SER C 299 -18.85 -2.32 -0.53
C SER C 299 -17.82 -3.14 0.22
N PRO C 300 -18.20 -3.68 1.39
CA PRO C 300 -17.20 -4.32 2.25
C PRO C 300 -16.47 -5.49 1.62
N VAL C 301 -17.15 -6.28 0.79
CA VAL C 301 -16.52 -7.47 0.23
C VAL C 301 -15.46 -7.09 -0.79
N ASP C 302 -15.75 -6.08 -1.61
CA ASP C 302 -14.84 -5.71 -2.69
C ASP C 302 -13.74 -4.75 -2.24
N HIS C 303 -14.12 -3.65 -1.58
CA HIS C 303 -13.20 -2.57 -1.31
C HIS C 303 -12.69 -2.55 0.13
N GLY C 304 -13.06 -3.51 0.95
CA GLY C 304 -12.60 -3.51 2.32
C GLY C 304 -11.20 -4.06 2.48
N PHE C 305 -10.68 -3.97 3.69
CA PHE C 305 -9.45 -4.63 4.06
C PHE C 305 -9.59 -5.17 5.48
N ASP C 306 -8.92 -6.28 5.75
CA ASP C 306 -9.09 -6.97 7.02
C ASP C 306 -8.13 -6.44 8.06
N ILE C 307 -8.54 -6.54 9.33
CA ILE C 307 -7.75 -6.12 10.47
C ILE C 307 -7.72 -7.28 11.44
N PRO C 308 -6.55 -7.75 11.85
CA PRO C 308 -6.48 -8.93 12.71
C PRO C 308 -6.58 -8.55 14.18
N PRO C 309 -7.11 -9.43 15.02
CA PRO C 309 -7.19 -9.15 16.45
C PRO C 309 -5.82 -9.23 17.11
N GLY C 310 -5.68 -8.51 18.22
CA GLY C 310 -4.45 -8.50 18.97
C GLY C 310 -3.39 -7.56 18.46
N TYR C 311 -3.72 -6.71 17.51
CA TYR C 311 -2.78 -5.74 16.98
C TYR C 311 -3.46 -4.38 16.90
N SER C 312 -2.71 -3.34 17.23
CA SER C 312 -3.13 -1.97 16.95
C SER C 312 -2.75 -1.68 15.51
N SER C 313 -3.75 -1.50 14.65
CA SER C 313 -3.52 -1.27 13.24
C SER C 313 -3.86 0.18 12.92
N SER C 314 -2.95 0.87 12.28
CA SER C 314 -3.12 2.27 11.93
C SER C 314 -3.21 2.41 10.42
N VAL C 315 -4.19 3.20 9.98
CA VAL C 315 -4.43 3.46 8.57
C VAL C 315 -4.22 4.94 8.35
N GLY C 316 -3.18 5.28 7.59
CA GLY C 316 -2.89 6.66 7.26
C GLY C 316 -3.38 6.97 5.86
N LEU C 317 -4.15 8.04 5.73
CA LEU C 317 -4.85 8.38 4.50
C LEU C 317 -4.31 9.65 3.88
N LYS C 318 -4.25 9.66 2.55
CA LYS C 318 -3.98 10.86 1.78
C LYS C 318 -5.11 11.08 0.79
N ALA C 319 -5.66 12.29 0.79
CA ALA C 319 -6.87 12.59 0.03
C ALA C 319 -6.52 12.95 -1.41
N LEU C 320 -7.35 12.48 -2.34
CA LEU C 320 -7.22 12.78 -3.76
C LEU C 320 -8.57 13.23 -4.26
N LEU C 321 -8.58 14.20 -5.17
CA LEU C 321 -9.82 14.69 -5.75
C LEU C 321 -9.70 14.66 -7.27
N HIS C 322 -10.68 14.06 -7.92
CA HIS C 322 -10.76 13.98 -9.37
C HIS C 322 -11.91 14.85 -9.83
N THR C 323 -11.61 15.80 -10.70
CA THR C 323 -12.61 16.70 -11.25
C THR C 323 -12.71 16.43 -12.74
N ARG C 324 -13.87 16.00 -13.20
CA ARG C 324 -14.10 15.69 -14.59
C ARG C 324 -15.01 16.72 -15.24
N LEU C 325 -15.04 16.72 -16.56
CA LEU C 325 -15.80 17.66 -17.35
C LEU C 325 -17.08 17.02 -17.85
N SER C 326 -18.16 17.81 -17.87
CA SER C 326 -19.44 17.34 -18.34
C SER C 326 -19.50 17.48 -19.86
N GLU C 327 -20.69 17.34 -20.44
CA GLU C 327 -20.84 17.46 -21.88
C GLU C 327 -20.48 18.88 -22.32
N PRO C 328 -19.92 19.04 -23.53
CA PRO C 328 -19.68 18.01 -24.55
C PRO C 328 -18.32 17.32 -24.43
N TYR C 329 -17.55 17.62 -23.40
CA TYR C 329 -16.23 17.01 -23.24
C TYR C 329 -16.31 15.58 -22.73
N GLY C 330 -17.43 15.18 -22.16
CA GLY C 330 -17.59 13.83 -21.68
C GLY C 330 -18.99 13.64 -21.15
N ASN C 331 -19.33 12.39 -20.89
CA ASN C 331 -20.65 12.03 -20.37
C ASN C 331 -20.66 11.83 -18.86
N CYS C 332 -19.87 12.59 -18.11
CA CYS C 332 -19.92 12.56 -16.67
C CYS C 332 -21.16 13.30 -16.16
N THR C 333 -21.56 13.00 -14.92
CA THR C 333 -22.79 13.54 -14.35
C THR C 333 -22.56 14.03 -12.94
N GLU C 334 -23.44 14.95 -12.51
CA GLU C 334 -23.48 15.45 -11.14
C GLU C 334 -24.61 14.83 -10.34
N ASP C 335 -25.31 13.84 -10.87
CA ASP C 335 -26.45 13.25 -10.19
C ASP C 335 -25.98 12.43 -8.98
N SER C 336 -26.93 11.86 -8.26
CA SER C 336 -26.65 11.03 -7.10
C SER C 336 -27.50 9.77 -7.15
N LEU C 337 -26.94 8.67 -6.63
CA LEU C 337 -27.65 7.40 -6.65
C LEU C 337 -28.81 7.42 -5.67
N GLU C 338 -29.86 6.67 -6.01
CA GLU C 338 -31.04 6.59 -5.16
C GLU C 338 -31.01 5.39 -4.23
N GLY C 339 -30.97 4.18 -4.77
CA GLY C 339 -30.91 3.00 -3.92
C GLY C 339 -31.98 3.00 -2.86
N ILE C 340 -31.60 2.61 -1.64
CA ILE C 340 -32.50 2.68 -0.51
C ILE C 340 -32.44 4.06 0.15
N GLN C 341 -31.30 4.75 0.04
CA GLN C 341 -31.16 6.10 0.55
C GLN C 341 -30.24 6.86 -0.39
N THR C 342 -30.42 8.17 -0.47
CA THR C 342 -29.65 8.97 -1.39
C THR C 342 -28.16 8.84 -1.10
N TYR C 343 -27.41 8.37 -2.10
CA TYR C 343 -25.98 8.13 -1.99
C TYR C 343 -25.24 9.05 -2.94
N ARG C 344 -24.06 9.50 -2.53
CA ARG C 344 -23.18 10.20 -3.45
C ARG C 344 -22.74 9.24 -4.54
N ASN C 345 -22.65 9.75 -5.77
CA ASN C 345 -22.50 8.88 -6.93
C ASN C 345 -21.11 8.26 -7.00
N THR C 346 -21.06 6.95 -7.17
CA THR C 346 -19.85 6.24 -7.54
C THR C 346 -20.20 5.21 -8.60
N PHE C 347 -19.27 4.94 -9.51
CA PHE C 347 -19.56 4.08 -10.64
C PHE C 347 -19.87 2.65 -10.20
N PHE C 348 -19.09 2.12 -9.25
CA PHE C 348 -19.28 0.75 -8.81
C PHE C 348 -20.66 0.54 -8.20
N ALA C 349 -21.10 1.50 -7.38
CA ALA C 349 -22.42 1.38 -6.78
C ALA C 349 -23.53 1.49 -7.82
N CYS C 350 -23.32 2.31 -8.86
CA CYS C 350 -24.28 2.34 -9.95
C CYS C 350 -24.38 1.00 -10.64
N LEU C 351 -23.24 0.33 -10.84
CA LEU C 351 -23.28 -0.99 -11.47
C LEU C 351 -24.00 -2.00 -10.59
N GLN C 352 -23.80 -1.93 -9.27
CA GLN C 352 -24.49 -2.85 -8.38
C GLN C 352 -26.01 -2.61 -8.42
N LEU C 353 -26.43 -1.34 -8.42
CA LEU C 353 -27.85 -1.04 -8.53
C LEU C 353 -28.41 -1.49 -9.87
N CYS C 354 -27.62 -1.37 -10.94
CA CYS C 354 -28.02 -1.88 -12.24
C CYS C 354 -28.25 -3.39 -12.20
N LYS C 355 -27.35 -4.12 -11.54
CA LYS C 355 -27.54 -5.56 -11.39
C LYS C 355 -28.85 -5.86 -10.66
N GLN C 356 -29.11 -5.14 -9.57
CA GLN C 356 -30.33 -5.38 -8.81
C GLN C 356 -31.56 -5.11 -9.66
N ARG C 357 -31.56 -4.00 -10.42
CA ARG C 357 -32.69 -3.70 -11.28
C ARG C 357 -32.87 -4.76 -12.35
N ARG C 358 -31.77 -5.27 -12.90
CA ARG C 358 -31.87 -6.32 -13.90
C ARG C 358 -32.50 -7.58 -13.32
N LEU C 359 -32.12 -7.96 -12.11
CA LEU C 359 -32.74 -9.12 -11.47
C LEU C 359 -34.24 -8.89 -11.28
N ILE C 360 -34.60 -7.72 -10.76
CA ILE C 360 -36.01 -7.40 -10.52
C ILE C 360 -36.80 -7.46 -11.82
N ARG C 361 -36.24 -6.89 -12.90
CA ARG C 361 -36.92 -6.92 -14.18
C ARG C 361 -37.06 -8.34 -14.70
N GLU C 362 -36.01 -9.15 -14.61
CA GLU C 362 -36.03 -10.45 -15.27
C GLU C 362 -36.97 -11.41 -14.57
N CYS C 363 -36.82 -11.62 -13.26
CA CYS C 363 -37.75 -12.53 -12.60
C CYS C 363 -38.17 -12.07 -11.21
N LYS C 364 -38.58 -10.82 -11.11
CA LYS C 364 -39.56 -10.35 -10.12
C LYS C 364 -39.17 -10.71 -8.69
N CYS C 365 -37.88 -10.68 -8.40
CA CYS C 365 -37.40 -10.71 -7.03
C CYS C 365 -36.01 -10.09 -7.00
N LYS C 366 -35.60 -9.67 -5.82
CA LYS C 366 -34.29 -9.06 -5.62
C LYS C 366 -33.41 -9.97 -4.79
N SER C 367 -32.11 -9.75 -4.87
CA SER C 367 -31.12 -10.59 -4.22
C SER C 367 -30.56 -9.90 -2.97
N SER C 368 -30.24 -10.70 -1.96
CA SER C 368 -29.65 -10.17 -0.75
C SER C 368 -28.19 -9.77 -0.93
N ALA C 369 -27.48 -10.45 -1.83
CA ALA C 369 -26.08 -10.17 -2.08
C ALA C 369 -25.86 -8.93 -2.92
N LEU C 370 -26.88 -8.10 -3.08
CA LEU C 370 -26.84 -6.90 -3.88
C LEU C 370 -27.54 -5.78 -3.12
N PRO C 371 -27.35 -4.52 -3.54
CA PRO C 371 -27.98 -3.41 -2.81
C PRO C 371 -29.48 -3.54 -2.76
N ASP C 372 -30.06 -3.15 -1.63
CA ASP C 372 -31.51 -3.13 -1.49
C ASP C 372 -32.10 -1.99 -2.30
N LEU C 373 -33.34 -2.18 -2.77
CA LEU C 373 -33.96 -1.20 -3.64
C LEU C 373 -35.32 -0.75 -3.12
N SER C 374 -36.04 -1.66 -2.45
CA SER C 374 -37.38 -1.39 -1.92
C SER C 374 -38.34 -0.95 -3.04
N VAL C 375 -38.59 -1.88 -3.98
CA VAL C 375 -39.59 -1.70 -5.03
C VAL C 375 -40.83 -2.48 -4.66
N GLU C 376 -42.00 -1.88 -4.90
CA GLU C 376 -43.25 -2.44 -4.43
C GLU C 376 -43.56 -3.75 -5.15
N ASN C 377 -44.22 -4.68 -4.44
CA ASN C 377 -44.57 -6.01 -4.94
C ASN C 377 -43.36 -6.91 -5.16
N ILE C 378 -42.21 -6.59 -4.57
CA ILE C 378 -40.98 -7.33 -4.79
C ILE C 378 -40.42 -7.76 -3.44
N THR C 379 -40.08 -9.05 -3.32
CA THR C 379 -39.46 -9.58 -2.13
C THR C 379 -38.17 -10.31 -2.53
N PHE C 380 -37.44 -10.76 -1.51
CA PHE C 380 -36.09 -11.28 -1.74
C PHE C 380 -36.13 -12.61 -2.50
N CYS C 381 -35.16 -12.79 -3.39
CA CYS C 381 -35.01 -14.05 -4.11
C CYS C 381 -34.48 -15.10 -3.15
N GLY C 382 -35.36 -15.87 -2.53
CA GLY C 382 -34.89 -16.85 -1.57
C GLY C 382 -35.79 -16.97 -0.37
N VAL C 383 -36.83 -16.17 -0.31
CA VAL C 383 -37.85 -16.31 0.73
C VAL C 383 -38.74 -17.49 0.36
N ILE C 384 -38.97 -18.38 1.31
CA ILE C 384 -39.84 -19.52 1.10
C ILE C 384 -41.19 -19.17 1.75
N PRO C 385 -42.18 -18.78 0.96
CA PRO C 385 -43.42 -18.28 1.57
C PRO C 385 -44.13 -19.37 2.36
N ASP C 386 -44.62 -18.98 3.54
CA ASP C 386 -45.35 -19.89 4.42
C ASP C 386 -44.53 -21.14 4.75
N TRP C 387 -43.23 -20.96 4.99
CA TRP C 387 -42.41 -22.09 5.42
C TRP C 387 -42.86 -22.61 6.77
N LYS C 388 -43.48 -21.76 7.59
CA LYS C 388 -44.08 -22.23 8.83
C LYS C 388 -45.21 -23.20 8.56
N ASP C 389 -46.03 -22.91 7.55
CA ASP C 389 -47.07 -23.85 7.15
C ASP C 389 -46.48 -25.08 6.49
N ILE C 390 -45.38 -24.93 5.75
CA ILE C 390 -44.72 -26.09 5.14
C ILE C 390 -44.22 -27.03 6.22
N ARG C 391 -43.77 -26.48 7.37
CA ARG C 391 -43.43 -27.33 8.49
C ARG C 391 -44.61 -28.22 8.88
N ARG C 392 -45.76 -27.61 9.10
CA ARG C 392 -46.84 -28.25 9.84
C ARG C 392 -47.87 -28.83 8.87
N ASN C 393 -47.79 -30.13 8.66
CA ASN C 393 -48.85 -30.86 7.98
C ASN C 393 -50.09 -31.01 8.85
N VAL C 394 -50.91 -29.96 8.89
CA VAL C 394 -52.26 -30.12 9.41
C VAL C 394 -53.02 -31.15 8.58
N THR C 395 -52.87 -31.08 7.26
CA THR C 395 -53.31 -32.11 6.35
C THR C 395 -52.12 -32.95 5.91
N GLY C 396 -52.39 -34.22 5.59
CA GLY C 396 -51.33 -35.14 5.24
C GLY C 396 -50.48 -34.67 4.07
N GLU C 397 -49.26 -34.25 4.36
CA GLU C 397 -48.39 -33.63 3.37
C GLU C 397 -46.96 -33.65 3.89
N TYR C 398 -46.02 -33.31 3.00
CA TYR C 398 -44.64 -33.00 3.37
C TYR C 398 -43.99 -34.16 4.12
N LYS C 399 -43.82 -35.25 3.38
CA LYS C 399 -43.03 -36.37 3.84
C LYS C 399 -41.61 -35.88 4.15
N MET C 400 -41.02 -36.39 5.23
CA MET C 400 -39.67 -35.99 5.57
C MET C 400 -38.68 -36.24 4.44
N ASN C 401 -37.59 -35.48 4.48
CA ASN C 401 -36.57 -35.43 3.42
C ASN C 401 -37.22 -35.10 2.09
N GLN C 402 -38.17 -34.18 2.11
CA GLN C 402 -38.79 -33.74 0.86
C GLN C 402 -37.93 -32.67 0.21
N THR C 403 -38.19 -32.45 -1.07
CA THR C 403 -37.54 -31.37 -1.82
C THR C 403 -38.53 -30.22 -1.94
N ILE C 404 -38.17 -29.07 -1.39
CA ILE C 404 -39.02 -27.88 -1.43
C ILE C 404 -38.65 -27.08 -2.67
N PRO C 405 -39.57 -26.90 -3.62
CA PRO C 405 -39.23 -26.22 -4.87
C PRO C 405 -39.04 -24.73 -4.66
N THR C 406 -37.85 -24.23 -4.98
CA THR C 406 -37.52 -22.82 -4.88
C THR C 406 -37.05 -22.37 -6.25
N ILE C 407 -38.00 -21.99 -7.11
CA ILE C 407 -37.65 -21.53 -8.45
C ILE C 407 -36.94 -20.18 -8.39
N SER C 408 -37.25 -19.37 -7.39
CA SER C 408 -36.62 -18.06 -7.29
C SER C 408 -35.12 -18.17 -7.03
N LEU C 409 -34.69 -19.13 -6.22
CA LEU C 409 -33.26 -19.33 -6.02
C LEU C 409 -32.56 -19.73 -7.30
N ALA C 410 -33.17 -20.64 -8.08
CA ALA C 410 -32.56 -21.04 -9.33
C ALA C 410 -32.47 -19.86 -10.29
N CYS C 411 -33.53 -19.05 -10.36
CA CYS C 411 -33.51 -17.84 -11.17
C CYS C 411 -32.36 -16.93 -10.77
N GLU C 412 -32.28 -16.62 -9.48
CA GLU C 412 -31.30 -15.63 -9.03
C GLU C 412 -29.90 -16.17 -9.20
N ALA C 413 -29.68 -17.46 -8.96
CA ALA C 413 -28.37 -18.04 -9.16
C ALA C 413 -27.96 -18.03 -10.63
N ARG C 414 -28.88 -18.38 -11.52
CA ARG C 414 -28.56 -18.41 -12.94
C ARG C 414 -28.21 -17.01 -13.44
N VAL C 415 -28.98 -16.00 -13.02
CA VAL C 415 -28.69 -14.65 -13.47
C VAL C 415 -27.39 -14.13 -12.84
N GLN C 416 -27.14 -14.47 -11.56
CA GLN C 416 -25.85 -14.12 -10.97
C GLN C 416 -24.70 -14.69 -11.79
N LYS C 417 -24.78 -15.97 -12.16
CA LYS C 417 -23.68 -16.57 -12.91
C LYS C 417 -23.52 -15.91 -14.28
N GLN C 418 -24.63 -15.63 -14.95
CA GLN C 418 -24.55 -14.96 -16.25
C GLN C 418 -23.91 -13.58 -16.13
N LEU C 419 -24.29 -12.81 -15.10
CA LEU C 419 -23.73 -11.48 -14.93
C LEU C 419 -22.26 -11.53 -14.50
N ASN C 420 -21.88 -12.56 -13.74
CA ASN C 420 -20.50 -12.67 -13.30
C ASN C 420 -19.57 -13.14 -14.39
N ASN C 421 -20.09 -13.89 -15.38
CA ASN C 421 -19.24 -14.38 -16.46
C ASN C 421 -19.42 -13.63 -17.76
N ASP C 422 -20.41 -12.75 -17.85
CA ASP C 422 -20.63 -11.91 -19.02
C ASP C 422 -20.71 -10.47 -18.60
N ARG C 423 -20.08 -9.58 -19.36
CA ARG C 423 -19.91 -8.19 -18.96
C ARG C 423 -20.51 -7.26 -20.00
N SER C 424 -21.72 -7.58 -20.47
CA SER C 424 -22.36 -6.76 -21.49
C SER C 424 -23.49 -5.89 -20.94
N TYR C 425 -24.01 -6.21 -19.77
CA TYR C 425 -25.07 -5.39 -19.17
C TYR C 425 -24.57 -3.98 -18.87
N GLU C 426 -23.26 -3.82 -18.65
CA GLU C 426 -22.73 -2.52 -18.24
C GLU C 426 -23.02 -1.43 -19.25
N THR C 427 -23.10 -1.78 -20.54
CA THR C 427 -23.34 -0.79 -21.58
C THR C 427 -24.81 -0.40 -21.71
N GLU C 428 -25.71 -1.06 -20.98
CA GLU C 428 -27.13 -0.90 -21.21
C GLU C 428 -27.86 -0.14 -20.11
N CYS C 429 -27.17 0.27 -19.04
CA CYS C 429 -27.86 0.85 -17.90
C CYS C 429 -27.14 2.07 -17.35
N GLY C 430 -26.71 2.96 -18.24
CA GLY C 430 -26.15 4.22 -17.79
C GLY C 430 -24.85 4.02 -17.02
N CYS C 431 -24.84 4.49 -15.77
CA CYS C 431 -23.64 4.53 -14.95
C CYS C 431 -22.53 5.33 -15.62
N TYR C 432 -22.81 6.63 -15.72
CA TYR C 432 -21.79 7.61 -16.03
C TYR C 432 -20.86 7.80 -14.83
N GLN C 433 -19.63 8.22 -15.11
CA GLN C 433 -18.70 8.53 -14.04
C GLN C 433 -19.16 9.78 -13.31
N PRO C 434 -18.85 9.91 -12.02
CA PRO C 434 -19.17 11.15 -11.31
C PRO C 434 -18.25 12.29 -11.73
N CYS C 435 -18.81 13.49 -11.77
CA CYS C 435 -18.03 14.66 -12.18
C CYS C 435 -16.92 14.96 -11.19
N SER C 436 -17.21 14.89 -9.90
CA SER C 436 -16.21 15.11 -8.85
C SER C 436 -16.20 13.90 -7.93
N GLU C 437 -15.02 13.38 -7.64
CA GLU C 437 -14.89 12.16 -6.86
C GLU C 437 -13.68 12.23 -5.96
N THR C 438 -13.86 12.00 -4.67
CA THR C 438 -12.75 11.97 -3.73
C THR C 438 -12.39 10.53 -3.42
N SER C 439 -11.10 10.23 -3.48
CA SER C 439 -10.58 8.91 -3.15
C SER C 439 -9.44 9.07 -2.16
N TYR C 440 -8.93 7.96 -1.66
CA TYR C 440 -7.88 8.00 -0.65
C TYR C 440 -6.81 6.99 -0.97
N LEU C 441 -5.56 7.35 -0.65
CA LEU C 441 -4.45 6.41 -0.62
C LEU C 441 -4.20 6.04 0.83
N LYS C 442 -4.23 4.75 1.14
CA LYS C 442 -4.14 4.28 2.51
C LYS C 442 -2.88 3.46 2.73
N SER C 443 -2.26 3.64 3.89
CA SER C 443 -1.15 2.82 4.32
C SER C 443 -1.51 2.20 5.66
N VAL C 444 -1.55 0.87 5.71
CA VAL C 444 -1.98 0.12 6.88
C VAL C 444 -0.76 -0.51 7.53
N SER C 445 -0.68 -0.44 8.86
CA SER C 445 0.46 -1.00 9.58
C SER C 445 0.02 -1.53 10.92
N LEU C 446 0.75 -2.52 11.44
CA LEU C 446 0.40 -3.21 12.67
C LEU C 446 1.46 -2.98 13.73
N SER C 447 1.03 -2.96 14.98
CA SER C 447 1.95 -3.09 16.11
C SER C 447 1.29 -3.96 17.18
N TYR C 448 2.11 -4.58 18.00
CA TYR C 448 1.62 -5.48 19.04
C TYR C 448 0.84 -4.69 20.08
N TRP C 449 -0.32 -5.20 20.49
CA TRP C 449 -1.20 -4.45 21.38
C TRP C 449 -2.19 -5.39 22.04
N PRO C 450 -2.51 -5.19 23.32
CA PRO C 450 -1.88 -4.23 24.23
C PRO C 450 -0.72 -4.86 24.98
N LEU C 451 0.17 -4.04 25.52
CA LEU C 451 1.23 -4.56 26.34
C LEU C 451 0.66 -5.18 27.61
N GLU C 452 1.35 -6.21 28.10
CA GLU C 452 0.83 -6.95 29.25
C GLU C 452 0.68 -6.05 30.47
N PHE C 453 1.64 -5.17 30.70
CA PHE C 453 1.63 -4.30 31.87
C PHE C 453 0.36 -3.47 31.95
N TYR C 454 -0.26 -3.17 30.81
CA TYR C 454 -1.46 -2.35 30.77
C TYR C 454 -2.71 -3.15 30.43
N GLN C 455 -2.65 -4.48 30.44
CA GLN C 455 -3.82 -5.26 30.03
C GLN C 455 -4.94 -5.15 31.06
N LEU C 456 -4.63 -5.43 32.33
CA LEU C 456 -5.65 -5.53 33.36
C LEU C 456 -6.52 -4.28 33.40
N SER C 457 -5.90 -3.11 33.51
CA SER C 457 -6.69 -1.88 33.58
C SER C 457 -7.56 -1.74 32.35
N ALA C 458 -7.01 -1.99 31.17
CA ALA C 458 -7.83 -1.95 29.96
C ALA C 458 -9.03 -2.87 30.10
N LEU C 459 -8.78 -4.10 30.55
CA LEU C 459 -9.86 -5.05 30.66
C LEU C 459 -10.86 -4.61 31.73
N GLU C 460 -10.38 -3.90 32.75
CA GLU C 460 -11.28 -3.35 33.76
C GLU C 460 -12.29 -2.41 33.14
N ARG C 461 -11.90 -1.66 32.12
CA ARG C 461 -12.87 -0.84 31.42
C ARG C 461 -13.86 -1.70 30.65
N PHE C 462 -13.36 -2.73 29.96
CA PHE C 462 -14.21 -3.48 29.04
C PHE C 462 -15.35 -4.15 29.77
N PHE C 463 -15.10 -4.67 30.97
CA PHE C 463 -16.12 -5.34 31.75
C PHE C 463 -16.95 -4.38 32.59
N SER C 464 -16.58 -3.11 32.66
CA SER C 464 -17.32 -2.14 33.46
C SER C 464 -18.11 -1.16 32.62
N GLN C 465 -18.22 -1.41 31.31
CA GLN C 465 -19.03 -0.60 30.42
C GLN C 465 -20.33 -1.27 30.02
N LYS C 466 -20.29 -2.55 29.70
CA LYS C 466 -21.44 -3.23 29.12
C LYS C 466 -22.45 -3.57 30.20
N ASN C 467 -23.40 -4.42 29.86
CA ASN C 467 -24.46 -4.79 30.79
C ASN C 467 -23.85 -5.34 32.08
N PRO C 468 -24.42 -5.00 33.25
CA PRO C 468 -23.92 -5.57 34.50
C PRO C 468 -23.96 -7.09 34.56
N THR C 469 -24.51 -7.75 33.55
CA THR C 469 -24.53 -9.22 33.49
C THR C 469 -23.25 -9.70 32.83
N ASP C 470 -22.22 -9.89 33.66
CA ASP C 470 -20.95 -10.46 33.21
C ASP C 470 -20.93 -11.98 33.33
N GLN C 471 -22.10 -12.62 33.33
CA GLN C 471 -22.27 -14.05 33.59
C GLN C 471 -21.17 -14.89 32.93
N GLN C 472 -21.05 -14.78 31.61
CA GLN C 472 -20.05 -15.56 30.88
C GLN C 472 -19.63 -14.76 29.66
N HIS C 473 -18.33 -14.50 29.54
CA HIS C 473 -17.76 -13.94 28.34
C HIS C 473 -16.42 -14.62 28.07
N PHE C 474 -15.96 -14.51 26.82
CA PHE C 474 -14.73 -15.18 26.40
C PHE C 474 -13.53 -14.73 27.21
N MET C 475 -13.58 -13.55 27.82
CA MET C 475 -12.43 -13.00 28.53
C MET C 475 -12.69 -12.85 30.03
N LYS C 476 -13.65 -13.59 30.59
CA LYS C 476 -13.81 -13.57 32.04
C LYS C 476 -12.61 -14.22 32.71
N ILE C 477 -12.10 -15.30 32.13
CA ILE C 477 -10.95 -16.00 32.69
C ILE C 477 -9.74 -15.08 32.68
N ALA C 478 -9.62 -14.24 31.66
CA ALA C 478 -8.52 -13.29 31.60
C ALA C 478 -8.56 -12.32 32.77
N GLN C 479 -9.75 -11.77 33.05
CA GLN C 479 -9.85 -10.83 34.16
C GLN C 479 -9.60 -11.53 35.49
N ASP C 480 -10.10 -12.76 35.65
CA ASP C 480 -9.85 -13.50 36.89
C ASP C 480 -8.36 -13.71 37.10
N PHE C 481 -7.66 -14.14 36.05
CA PHE C 481 -6.23 -14.40 36.17
C PHE C 481 -5.46 -13.12 36.48
N LEU C 482 -5.79 -12.04 35.79
CA LEU C 482 -5.06 -10.80 36.01
C LEU C 482 -5.33 -10.23 37.40
N SER C 483 -6.57 -10.33 37.88
CA SER C 483 -6.89 -9.87 39.22
C SER C 483 -6.16 -10.72 40.27
N ARG C 484 -6.11 -12.03 40.07
CA ARG C 484 -5.36 -12.87 40.99
C ARG C 484 -3.86 -12.64 40.92
N LEU C 485 -3.36 -12.11 39.80
CA LEU C 485 -1.96 -11.71 39.76
C LEU C 485 -1.72 -10.42 40.52
N ALA C 486 -2.60 -9.43 40.34
CA ALA C 486 -2.34 -8.10 40.87
C ALA C 486 -2.50 -8.05 42.38
N HIS C 487 -3.57 -8.64 42.92
CA HIS C 487 -3.89 -8.42 44.32
C HIS C 487 -2.94 -9.15 45.26
N PRO C 488 -2.82 -10.49 45.22
CA PRO C 488 -1.80 -11.05 46.11
C PRO C 488 -0.41 -11.03 45.49
N SER C 509 8.15 -17.09 39.81
CA SER C 509 6.80 -16.68 39.45
C SER C 509 6.31 -17.44 38.23
N LEU C 510 6.57 -18.75 38.20
CA LEU C 510 6.22 -19.55 37.02
C LEU C 510 4.73 -19.88 36.99
N SER C 511 4.23 -20.50 38.07
CA SER C 511 2.85 -20.94 38.10
C SER C 511 1.89 -19.80 37.80
N GLU C 512 2.28 -18.57 38.12
CA GLU C 512 1.57 -17.40 37.66
C GLU C 512 2.05 -16.90 36.30
N LYS C 513 3.21 -17.35 35.84
CA LYS C 513 3.61 -17.04 34.46
C LYS C 513 2.65 -17.68 33.46
N GLU C 514 2.20 -18.91 33.74
CA GLU C 514 1.22 -19.51 32.84
C GLU C 514 -0.10 -18.73 32.84
N MET C 515 -0.55 -18.27 34.01
CA MET C 515 -1.79 -17.51 34.03
C MET C 515 -1.65 -16.19 33.28
N ALA C 516 -0.52 -15.50 33.44
CA ALA C 516 -0.31 -14.27 32.70
C ALA C 516 -0.30 -14.54 31.20
N LYS C 517 0.37 -15.62 30.78
CA LYS C 517 0.42 -15.96 29.36
C LYS C 517 -0.96 -16.28 28.82
N GLU C 518 -1.76 -17.03 29.57
CA GLU C 518 -3.11 -17.38 29.12
C GLU C 518 -4.01 -16.16 29.02
N ALA C 519 -3.93 -15.27 30.01
CA ALA C 519 -4.73 -14.05 29.97
C ALA C 519 -4.36 -13.19 28.78
N SER C 520 -3.06 -13.04 28.51
CA SER C 520 -2.65 -12.26 27.35
C SER C 520 -3.10 -12.92 26.06
N ASP C 521 -3.04 -14.25 25.99
CA ASP C 521 -3.48 -14.96 24.79
C ASP C 521 -4.95 -14.71 24.52
N LEU C 522 -5.79 -14.80 25.55
CA LEU C 522 -7.21 -14.52 25.36
C LEU C 522 -7.44 -13.08 24.92
N ILE C 523 -6.86 -12.13 25.65
CA ILE C 523 -7.13 -10.73 25.37
C ILE C 523 -6.69 -10.37 23.95
N ARG C 524 -5.54 -10.88 23.53
CA ARG C 524 -5.06 -10.60 22.19
C ARG C 524 -5.75 -11.44 21.13
N GLN C 525 -6.45 -12.51 21.52
CA GLN C 525 -7.31 -13.18 20.55
C GLN C 525 -8.60 -12.41 20.32
N ASN C 526 -9.02 -11.59 21.29
CA ASN C 526 -10.33 -10.96 21.19
C ASN C 526 -10.29 -9.47 20.83
N LEU C 527 -9.40 -8.68 21.43
CA LEU C 527 -9.44 -7.24 21.23
C LEU C 527 -8.62 -6.82 20.02
N LEU C 528 -8.91 -5.60 19.54
CA LEU C 528 -8.05 -4.94 18.57
C LEU C 528 -8.30 -3.44 18.64
N ARG C 529 -7.34 -2.67 18.12
CA ARG C 529 -7.44 -1.23 18.05
C ARG C 529 -7.24 -0.78 16.62
N LEU C 530 -7.91 0.29 16.24
CA LEU C 530 -7.90 0.78 14.87
C LEU C 530 -7.86 2.30 14.89
N ASN C 531 -6.80 2.88 14.34
CA ASN C 531 -6.67 4.32 14.20
C ASN C 531 -6.71 4.67 12.72
N ILE C 532 -7.64 5.53 12.34
CA ILE C 532 -7.77 6.01 10.97
C ILE C 532 -7.59 7.51 11.01
N TYR C 533 -6.59 8.01 10.28
CA TYR C 533 -6.21 9.41 10.39
C TYR C 533 -5.71 9.90 9.05
N LEU C 534 -5.58 11.21 8.93
CA LEU C 534 -5.10 11.85 7.71
C LEU C 534 -3.61 12.10 7.85
N GLU C 535 -2.82 11.61 6.90
CA GLU C 535 -1.37 11.79 6.97
C GLU C 535 -0.98 13.21 6.64
N ASP C 536 -1.61 13.80 5.64
CA ASP C 536 -1.33 15.16 5.22
C ASP C 536 -2.64 15.83 4.86
N LEU C 537 -2.69 17.15 5.02
CA LEU C 537 -3.89 17.91 4.70
C LEU C 537 -3.84 18.51 3.30
N SER C 538 -2.76 18.30 2.56
CA SER C 538 -2.71 18.73 1.17
C SER C 538 -3.52 17.76 0.31
N VAL C 539 -4.31 18.29 -0.62
CA VAL C 539 -5.16 17.48 -1.47
C VAL C 539 -4.62 17.56 -2.89
N VAL C 540 -4.28 16.41 -3.47
CA VAL C 540 -3.80 16.36 -4.84
C VAL C 540 -5.01 16.25 -5.76
N GLU C 541 -5.23 17.28 -6.58
CA GLU C 541 -6.42 17.35 -7.42
C GLU C 541 -6.02 17.17 -8.87
N TYR C 542 -6.72 16.27 -9.56
CA TYR C 542 -6.54 16.03 -10.98
C TYR C 542 -7.70 16.70 -11.72
N ARG C 543 -7.41 17.81 -12.39
CA ARG C 543 -8.43 18.62 -13.03
C ARG C 543 -8.37 18.43 -14.54
N GLN C 544 -9.52 18.20 -15.15
CA GLN C 544 -9.66 18.19 -16.59
C GLN C 544 -9.77 19.62 -17.10
N LEU C 545 -9.21 19.86 -18.29
CA LEU C 545 -9.29 21.14 -18.95
C LEU C 545 -9.60 20.91 -20.41
N PRO C 546 -10.31 21.83 -21.06
CA PRO C 546 -10.48 21.73 -22.51
C PRO C 546 -9.13 21.88 -23.19
N ALA C 547 -8.76 20.88 -23.99
CA ALA C 547 -7.46 20.92 -24.64
C ALA C 547 -7.35 22.07 -25.61
N TYR C 548 -8.44 22.39 -26.30
CA TYR C 548 -8.48 23.46 -27.29
C TYR C 548 -9.79 24.21 -27.06
N GLY C 549 -9.74 25.25 -26.22
CA GLY C 549 -10.94 25.95 -25.81
C GLY C 549 -11.49 26.85 -26.90
N LEU C 550 -12.62 27.49 -26.57
CA LEU C 550 -13.25 28.40 -27.53
C LEU C 550 -12.40 29.65 -27.74
N ALA C 551 -11.79 30.16 -26.67
CA ALA C 551 -10.94 31.35 -26.79
C ALA C 551 -9.75 31.08 -27.70
N ASP C 552 -9.15 29.89 -27.57
CA ASP C 552 -8.00 29.55 -28.40
C ASP C 552 -8.37 29.50 -29.87
N LEU C 553 -9.53 28.91 -30.19
CA LEU C 553 -10.00 28.88 -31.56
C LEU C 553 -10.29 30.28 -32.07
N PHE C 554 -10.94 31.09 -31.24
CA PHE C 554 -11.25 32.47 -31.63
C PHE C 554 -9.97 33.22 -31.97
N ALA C 555 -8.93 33.06 -31.14
CA ALA C 555 -7.67 33.72 -31.39
C ALA C 555 -7.02 33.21 -32.69
N ASP C 556 -7.00 31.89 -32.89
CA ASP C 556 -6.36 31.36 -34.08
C ASP C 556 -7.09 31.75 -35.36
N ILE C 557 -8.41 31.93 -35.30
CA ILE C 557 -9.17 32.23 -36.49
C ILE C 557 -9.25 33.72 -36.79
N GLY C 558 -9.31 34.57 -35.75
CA GLY C 558 -9.46 35.99 -35.97
C GLY C 558 -8.36 36.62 -36.80
N GLY C 559 -7.17 36.02 -36.82
CA GLY C 559 -6.13 36.55 -37.67
C GLY C 559 -6.46 36.47 -39.15
N THR C 560 -7.00 35.33 -39.58
CA THR C 560 -7.30 35.12 -40.99
C THR C 560 -8.70 35.56 -41.39
N LEU C 561 -9.63 35.68 -40.42
CA LEU C 561 -11.02 35.97 -40.75
C LEU C 561 -11.14 37.21 -41.63
N GLY C 562 -10.78 38.36 -41.07
CA GLY C 562 -11.03 39.61 -41.76
C GLY C 562 -10.31 39.69 -43.09
N LEU C 563 -9.02 39.34 -43.09
CA LEU C 563 -8.22 39.46 -44.31
C LEU C 563 -8.79 38.58 -45.42
N TRP C 564 -9.11 37.31 -45.12
CA TRP C 564 -9.47 36.44 -46.22
C TRP C 564 -10.91 36.57 -46.64
N MET C 565 -11.84 36.89 -45.74
CA MET C 565 -13.18 37.12 -46.27
C MET C 565 -13.27 38.50 -46.90
N GLY C 566 -12.35 39.41 -46.58
CA GLY C 566 -12.21 40.62 -47.38
C GLY C 566 -11.73 40.34 -48.79
N ILE C 567 -10.70 39.49 -48.91
CA ILE C 567 -10.24 39.08 -50.24
C ILE C 567 -11.39 38.42 -51.01
N SER C 568 -12.16 37.57 -50.33
CA SER C 568 -13.29 36.91 -50.99
C SER C 568 -14.32 37.93 -51.46
N VAL C 569 -14.64 38.92 -50.62
CA VAL C 569 -15.61 39.93 -51.01
C VAL C 569 -15.13 40.71 -52.23
N LEU C 570 -13.85 41.12 -52.22
CA LEU C 570 -13.32 41.87 -53.34
C LEU C 570 -13.36 41.06 -54.62
N THR C 571 -12.93 39.79 -54.56
CA THR C 571 -12.95 38.96 -55.76
C THR C 571 -14.37 38.74 -56.26
N ILE C 572 -15.32 38.51 -55.34
CA ILE C 572 -16.69 38.25 -55.75
C ILE C 572 -17.30 39.48 -56.40
N MET C 573 -17.07 40.65 -55.83
CA MET C 573 -17.65 41.87 -56.41
C MET C 573 -16.96 42.24 -57.72
N GLU C 574 -15.70 41.86 -57.90
CA GLU C 574 -15.05 42.14 -59.17
C GLU C 574 -15.51 41.18 -60.27
N LEU C 575 -15.75 39.91 -59.92
CA LEU C 575 -16.10 38.92 -60.92
C LEU C 575 -17.54 39.08 -61.42
N MET C 576 -18.41 39.71 -60.65
CA MET C 576 -19.83 39.74 -60.99
C MET C 576 -20.09 40.52 -62.28
N GLU C 577 -19.24 41.48 -62.61
CA GLU C 577 -19.43 42.29 -63.81
C GLU C 577 -18.87 41.57 -65.03
#